data_4ZM3
#
_entry.id   4ZM3
#
_cell.length_a   58.990
_cell.length_b   170.830
_cell.length_c   74.570
_cell.angle_alpha   90.00
_cell.angle_beta   98.33
_cell.angle_gamma   90.00
#
_symmetry.space_group_name_H-M   'P 1 21 1'
#
loop_
_entity.id
_entity.type
_entity.pdbx_description
1 polymer Aminotransferase
2 non-polymer "PYRIDOXAL-5'-PHOSPHATE"
3 non-polymer 'TRIETHYLENE GLYCOL'
4 non-polymer DI(HYDROXYETHYL)ETHER
5 water water
#
_entity_poly.entity_id   1
_entity_poly.type   'polypeptide(L)'
_entity_poly.pdbx_seq_one_letter_code
;MGSSHHHHHHSSGLVPRGSHMGANDADRPTNAESLDGIKSVIAGGVSSSMRAAAVPLPLVVRSAGGCLLRDVEDGEIIDL
NMGYGPHLFGYADREVLDAVADQFAKGHMTGLPHELDARAGALIAELVPGVEQVRFANSGTEAVASALRLARATTGRTLV
VTFEGHYHGWSETVLRAGKTALHMEGTRPTDVVPGALGMIPEALAHTVQLGWNDPDALRELFARDGDRIAAVIVEPVLAN
AGVIPPAPGFLQLLRELTGRSGAMLVFDEVITGFRVARGGAQERYGVEPDLTVLSKVMGGGFPVAAFGGRRHAMRMLASN
EAHHAGVYAGNHAALRAVVAMLGKIRSLPDLYERLEDTGQYMEDTVREVFATEKRPVHINRVGTLMSVALLKGSAEPSAE
PRDLRQLAALVDFPRHRRLQTLAQKEGVYFHPNALEPWFLSTAHTRDVIDKVAGALQRSLVGLG
;
_entity_poly.pdbx_strand_id   A,B,C,D
#
loop_
_chem_comp.id
_chem_comp.type
_chem_comp.name
_chem_comp.formula
PEG non-polymer DI(HYDROXYETHYL)ETHER 'C4 H10 O3'
PGE non-polymer 'TRIETHYLENE GLYCOL' 'C6 H14 O4'
PLP non-polymer PYRIDOXAL-5'-PHOSPHATE 'C8 H10 N O6 P'
#
# COMPACT_ATOMS: atom_id res chain seq x y z
N LEU A 57 -16.27 -43.05 18.39
CA LEU A 57 -16.37 -43.32 19.86
C LEU A 57 -16.41 -42.00 20.68
N PRO A 58 -17.62 -41.65 21.23
CA PRO A 58 -17.82 -40.38 21.96
C PRO A 58 -16.79 -40.11 23.07
N LEU A 59 -16.11 -38.97 22.95
CA LEU A 59 -15.16 -38.43 23.88
C LEU A 59 -15.56 -36.96 24.07
N VAL A 60 -16.01 -36.62 25.28
CA VAL A 60 -16.30 -35.24 25.65
C VAL A 60 -15.29 -34.81 26.69
N VAL A 61 -14.59 -33.71 26.43
CA VAL A 61 -13.51 -33.24 27.25
C VAL A 61 -14.03 -32.50 28.47
N ARG A 62 -13.41 -32.78 29.61
CA ARG A 62 -13.65 -32.05 30.87
C ARG A 62 -12.49 -31.10 31.14
N SER A 63 -11.27 -31.59 30.99
CA SER A 63 -10.12 -30.71 31.14
C SER A 63 -8.91 -31.33 30.42
N ALA A 64 -7.82 -30.58 30.37
CA ALA A 64 -6.64 -31.03 29.68
C ALA A 64 -5.42 -30.36 30.29
N GLY A 65 -4.30 -31.05 30.31
CA GLY A 65 -3.06 -30.52 30.86
C GLY A 65 -1.92 -31.40 30.37
N GLY A 66 -0.82 -30.79 29.94
CA GLY A 66 0.28 -31.51 29.30
C GLY A 66 -0.15 -32.22 28.03
N CYS A 67 -0.01 -33.55 28.00
CA CYS A 67 -0.47 -34.34 26.86
C CYS A 67 -1.71 -35.13 27.21
N LEU A 68 -2.38 -34.77 28.29
CA LEU A 68 -3.51 -35.54 28.79
C LEU A 68 -4.85 -34.83 28.67
N LEU A 69 -5.86 -35.56 28.21
CA LEU A 69 -7.25 -35.16 28.32
C LEU A 69 -7.90 -35.88 29.49
N ARG A 70 -8.87 -35.22 30.13
CA ARG A 70 -9.80 -35.86 31.06
C ARG A 70 -11.16 -35.75 30.44
N ASP A 71 -11.79 -36.88 30.21
CA ASP A 71 -13.13 -36.86 29.69
C ASP A 71 -14.15 -36.71 30.85
N VAL A 72 -15.44 -36.67 30.50
CA VAL A 72 -16.51 -36.42 31.48
C VAL A 72 -16.78 -37.62 32.37
N GLU A 73 -16.16 -38.76 32.05
CA GLU A 73 -16.17 -39.93 32.94
C GLU A 73 -14.98 -39.88 33.88
N ASP A 74 -14.25 -38.77 33.89
CA ASP A 74 -12.93 -38.68 34.55
C ASP A 74 -11.91 -39.70 34.04
N GLY A 75 -12.12 -40.26 32.85
CA GLY A 75 -11.08 -41.06 32.20
C GLY A 75 -9.93 -40.15 31.75
N GLU A 76 -8.72 -40.69 31.70
CA GLU A 76 -7.55 -39.95 31.23
C GLU A 76 -7.01 -40.52 29.93
N ILE A 77 -6.64 -39.64 29.00
CA ILE A 77 -6.30 -40.06 27.64
C ILE A 77 -5.08 -39.29 27.18
N ILE A 78 -4.10 -40.02 26.69
CA ILE A 78 -2.94 -39.38 26.07
C ILE A 78 -3.34 -38.92 24.68
N ASP A 79 -3.10 -37.64 24.40
CA ASP A 79 -3.58 -37.00 23.18
C ASP A 79 -2.40 -36.85 22.21
N LEU A 80 -2.53 -37.42 21.02
CA LEU A 80 -1.52 -37.30 19.97
C LEU A 80 -1.89 -36.23 18.95
N ASN A 81 -3.15 -35.77 19.00
CA ASN A 81 -3.66 -34.76 18.08
C ASN A 81 -3.36 -33.36 18.58
N MET A 82 -3.50 -33.17 19.89
CA MET A 82 -3.09 -31.97 20.55
C MET A 82 -3.74 -30.73 19.93
N GLY A 83 -5.01 -30.85 19.58
CA GLY A 83 -5.74 -29.68 19.10
C GLY A 83 -5.26 -29.16 17.78
N TYR A 84 -4.63 -30.01 16.97
CA TYR A 84 -4.29 -29.69 15.57
C TYR A 84 -3.17 -28.64 15.40
N GLY A 85 -2.23 -28.57 16.33
CA GLY A 85 -0.97 -27.93 16.03
C GLY A 85 -0.39 -26.84 16.90
N PRO A 86 -1.19 -26.14 17.69
CA PRO A 86 -0.63 -24.96 18.39
C PRO A 86 0.19 -25.23 19.62
N HIS A 87 0.06 -26.42 20.20
CA HIS A 87 0.59 -26.70 21.53
C HIS A 87 1.95 -27.39 21.51
N LEU A 88 2.98 -26.64 21.16
CA LEU A 88 4.33 -27.12 21.20
C LEU A 88 4.79 -27.59 22.59
N PHE A 89 4.29 -27.00 23.65
CA PHE A 89 4.69 -27.36 25.02
C PHE A 89 3.56 -28.04 25.76
N GLY A 90 2.52 -28.44 25.05
CA GLY A 90 1.45 -29.17 25.69
C GLY A 90 0.38 -28.25 26.19
N TYR A 91 -0.66 -28.86 26.74
CA TYR A 91 -1.86 -28.14 27.17
C TYR A 91 -1.59 -27.47 28.50
N ALA A 92 -2.37 -26.42 28.77
CA ALA A 92 -2.24 -25.66 30.02
C ALA A 92 -0.80 -25.20 30.30
N ASP A 93 -0.12 -24.62 29.32
CA ASP A 93 1.23 -24.11 29.48
C ASP A 93 1.19 -22.85 30.33
N ARG A 94 1.78 -22.88 31.51
CA ARG A 94 1.64 -21.80 32.50
C ARG A 94 2.36 -20.53 32.13
N GLU A 95 3.54 -20.63 31.55
CA GLU A 95 4.24 -19.42 31.09
C GLU A 95 3.36 -18.59 30.15
N VAL A 96 2.60 -19.27 29.30
CA VAL A 96 1.81 -18.58 28.31
C VAL A 96 0.52 -18.14 28.90
N LEU A 97 -0.13 -19.05 29.58
CA LEU A 97 -1.39 -18.70 30.01
C LEU A 97 -1.37 -17.63 31.20
N ASP A 98 -0.33 -17.60 32.03
CA ASP A 98 -0.17 -16.51 33.02
C ASP A 98 -0.11 -15.16 32.32
N ALA A 99 0.62 -15.09 31.21
CA ALA A 99 0.73 -13.86 30.44
C ALA A 99 -0.60 -13.42 29.84
N VAL A 100 -1.36 -14.37 29.29
CA VAL A 100 -2.63 -14.04 28.66
C VAL A 100 -3.66 -13.61 29.72
N ALA A 101 -3.74 -14.33 30.82
CA ALA A 101 -4.62 -13.94 31.94
C ALA A 101 -4.26 -12.55 32.45
N ASP A 102 -2.98 -12.28 32.57
CA ASP A 102 -2.52 -10.99 33.00
C ASP A 102 -3.02 -9.89 32.06
N GLN A 103 -3.03 -10.16 30.76
CA GLN A 103 -3.48 -9.14 29.81
C GLN A 103 -4.98 -8.91 29.91
N PHE A 104 -5.74 -9.95 30.24
CA PHE A 104 -7.17 -9.79 30.53
C PHE A 104 -7.39 -8.84 31.71
N ALA A 105 -6.53 -8.93 32.72
CA ALA A 105 -6.60 -8.05 33.88
C ALA A 105 -6.20 -6.60 33.55
N LYS A 106 -5.47 -6.38 32.45
CA LYS A 106 -4.96 -5.07 32.07
C LYS A 106 -5.55 -4.47 30.79
N GLY A 107 -6.62 -5.07 30.26
CA GLY A 107 -7.25 -4.58 29.00
C GLY A 107 -6.91 -5.45 27.81
N HIS A 108 -7.86 -6.30 27.39
CA HIS A 108 -7.55 -7.26 26.32
C HIS A 108 -7.86 -6.76 24.93
N MET A 109 -8.67 -5.72 24.85
CA MET A 109 -9.10 -5.21 23.58
C MET A 109 -9.66 -3.81 23.66
N THR A 110 -8.87 -2.87 23.16
CA THR A 110 -9.30 -1.50 23.05
C THR A 110 -9.48 -1.05 21.61
N GLY A 111 -9.08 -1.89 20.66
CA GLY A 111 -9.01 -1.49 19.24
C GLY A 111 -7.98 -0.41 18.91
N LEU A 112 -7.12 -0.04 19.85
CA LEU A 112 -6.19 1.05 19.66
C LEU A 112 -4.76 0.51 19.59
N PRO A 113 -3.84 1.29 19.05
CA PRO A 113 -2.42 0.90 19.16
C PRO A 113 -1.97 0.64 20.62
N HIS A 114 -1.13 -0.38 20.80
CA HIS A 114 -0.66 -0.84 22.13
C HIS A 114 0.86 -1.08 22.12
N GLU A 115 1.53 -0.97 23.26
CA GLU A 115 3.01 -1.27 23.35
C GLU A 115 3.39 -2.66 22.82
N LEU A 116 2.50 -3.63 23.02
CA LEU A 116 2.71 -5.01 22.62
C LEU A 116 2.87 -5.16 21.12
N ASP A 117 2.22 -4.30 20.37
CA ASP A 117 2.24 -4.42 18.90
C ASP A 117 3.64 -4.54 18.36
N ALA A 118 4.49 -3.59 18.76
CA ALA A 118 5.87 -3.54 18.30
C ALA A 118 6.71 -4.73 18.82
N ARG A 119 6.42 -5.20 20.03
CA ARG A 119 7.14 -6.38 20.58
C ARG A 119 6.81 -7.67 19.83
N ALA A 120 5.53 -7.89 19.48
CA ALA A 120 5.14 -9.14 18.82
C ALA A 120 5.71 -9.16 17.44
N GLY A 121 5.59 -8.03 16.74
CA GLY A 121 6.18 -7.85 15.41
C GLY A 121 7.67 -8.09 15.41
N ALA A 122 8.37 -7.60 16.44
CA ALA A 122 9.83 -7.71 16.46
C ALA A 122 10.23 -9.15 16.72
N LEU A 123 9.52 -9.87 17.59
CA LEU A 123 9.84 -11.30 17.82
C LEU A 123 9.60 -12.16 16.58
N ILE A 124 8.54 -11.89 15.82
CA ILE A 124 8.31 -12.64 14.58
C ILE A 124 9.40 -12.36 13.57
N ALA A 125 9.70 -11.07 13.37
CA ALA A 125 10.81 -10.67 12.46
C ALA A 125 12.13 -11.32 12.85
N GLU A 126 12.39 -11.45 14.14
CA GLU A 126 13.61 -12.03 14.62
C GLU A 126 13.69 -13.52 14.31
N LEU A 127 12.62 -14.26 14.65
CA LEU A 127 12.67 -15.70 14.50
C LEU A 127 12.39 -16.14 13.06
N VAL A 128 11.65 -15.36 12.28
CA VAL A 128 11.35 -15.81 10.92
C VAL A 128 12.12 -14.96 9.90
N PRO A 129 13.11 -15.58 9.25
CA PRO A 129 14.02 -14.83 8.37
C PRO A 129 13.31 -13.94 7.35
N GLY A 130 12.39 -14.52 6.59
CA GLY A 130 11.72 -13.80 5.50
C GLY A 130 10.67 -12.78 5.90
N VAL A 131 10.47 -12.60 7.21
CA VAL A 131 9.47 -11.67 7.67
C VAL A 131 10.17 -10.46 8.28
N GLU A 132 9.78 -9.29 7.81
CA GLU A 132 10.27 -8.01 8.34
C GLU A 132 9.12 -7.14 8.83
N GLN A 133 8.02 -7.07 8.07
CA GLN A 133 6.80 -6.44 8.49
C GLN A 133 5.71 -7.49 8.53
N VAL A 134 4.77 -7.33 9.46
CA VAL A 134 3.67 -8.26 9.65
C VAL A 134 2.37 -7.50 9.79
N ARG A 135 1.28 -8.11 9.36
CA ARG A 135 -0.07 -7.63 9.66
C ARG A 135 -0.78 -8.79 10.37
N PHE A 136 -1.46 -8.48 11.46
CA PHE A 136 -2.09 -9.49 12.23
C PHE A 136 -3.50 -9.72 11.75
N ALA A 137 -4.03 -10.87 12.09
CA ALA A 137 -5.36 -11.26 11.71
C ALA A 137 -5.86 -12.20 12.80
N ASN A 138 -7.15 -12.49 12.74
CA ASN A 138 -7.81 -13.26 13.77
C ASN A 138 -7.78 -14.75 13.48
N SER A 139 -7.47 -15.12 12.24
CA SER A 139 -7.35 -16.53 11.86
C SER A 139 -6.42 -16.75 10.67
N GLY A 140 -6.04 -18.01 10.47
CA GLY A 140 -5.27 -18.36 9.30
C GLY A 140 -6.05 -17.99 8.03
N THR A 141 -7.33 -18.30 8.05
CA THR A 141 -8.16 -18.09 6.87
C THR A 141 -8.10 -16.65 6.47
N GLU A 142 -8.19 -15.76 7.44
CA GLU A 142 -8.16 -14.33 7.20
C GLU A 142 -6.78 -13.86 6.65
N ALA A 143 -5.71 -14.37 7.26
CA ALA A 143 -4.39 -14.05 6.86
C ALA A 143 -4.13 -14.50 5.40
N VAL A 144 -4.63 -15.70 5.05
CA VAL A 144 -4.51 -16.21 3.71
C VAL A 144 -5.26 -15.28 2.75
N ALA A 145 -6.50 -14.95 3.10
CA ALA A 145 -7.27 -14.15 2.21
C ALA A 145 -6.57 -12.80 1.96
N SER A 146 -6.08 -12.18 3.04
CA SER A 146 -5.37 -10.91 2.93
C SER A 146 -4.06 -11.05 2.12
N ALA A 147 -3.32 -12.10 2.36
CA ALA A 147 -2.08 -12.29 1.62
C ALA A 147 -2.38 -12.43 0.14
N LEU A 148 -3.43 -13.17 -0.18
CA LEU A 148 -3.76 -13.38 -1.60
C LEU A 148 -4.31 -12.13 -2.24
N ARG A 149 -5.11 -11.36 -1.52
CA ARG A 149 -5.55 -10.09 -2.04
C ARG A 149 -4.34 -9.14 -2.28
N LEU A 150 -3.37 -9.16 -1.39
CA LEU A 150 -2.18 -8.35 -1.53
C LEU A 150 -1.43 -8.76 -2.80
N ALA A 151 -1.28 -10.06 -3.03
CA ALA A 151 -0.59 -10.55 -4.20
C ALA A 151 -1.34 -10.15 -5.49
N ARG A 152 -2.66 -10.31 -5.51
CA ARG A 152 -3.46 -9.95 -6.71
C ARG A 152 -3.33 -8.46 -6.98
N ALA A 153 -3.36 -7.66 -5.91
CA ALA A 153 -3.35 -6.22 -6.01
C ALA A 153 -1.97 -5.71 -6.43
N THR A 154 -0.94 -6.32 -5.85
CA THR A 154 0.43 -5.96 -6.08
C THR A 154 0.89 -6.30 -7.51
N THR A 155 0.47 -7.46 -8.01
CA THR A 155 0.88 -7.89 -9.36
C THR A 155 -0.08 -7.46 -10.44
N GLY A 156 -1.29 -7.02 -10.08
CA GLY A 156 -2.27 -6.70 -11.10
C GLY A 156 -2.80 -7.93 -11.82
N ARG A 157 -2.64 -9.10 -11.21
CA ARG A 157 -3.08 -10.33 -11.80
C ARG A 157 -4.12 -11.00 -10.90
N THR A 158 -4.81 -12.01 -11.42
CA THR A 158 -5.86 -12.64 -10.65
C THR A 158 -5.63 -14.09 -10.33
N LEU A 159 -4.80 -14.79 -11.09
CA LEU A 159 -4.72 -16.22 -10.94
C LEU A 159 -3.92 -16.63 -9.74
N VAL A 160 -4.46 -17.57 -8.97
CA VAL A 160 -3.73 -18.14 -7.83
C VAL A 160 -3.60 -19.63 -8.00
N VAL A 161 -2.40 -20.11 -7.80
CA VAL A 161 -2.08 -21.51 -7.99
C VAL A 161 -2.02 -22.19 -6.62
N THR A 162 -2.75 -23.31 -6.52
CA THR A 162 -2.78 -24.14 -5.33
C THR A 162 -2.32 -25.55 -5.67
N PHE A 163 -2.04 -26.34 -4.64
CA PHE A 163 -1.77 -27.77 -4.81
C PHE A 163 -2.84 -28.66 -4.17
N GLU A 164 -3.16 -29.76 -4.84
CA GLU A 164 -4.17 -30.70 -4.33
C GLU A 164 -3.89 -31.21 -2.91
N GLY A 165 -4.86 -31.04 -2.04
CA GLY A 165 -4.76 -31.47 -0.67
C GLY A 165 -4.32 -30.38 0.29
N HIS A 166 -3.69 -29.33 -0.27
CA HIS A 166 -3.19 -28.23 0.50
C HIS A 166 -4.35 -27.38 0.91
N TYR A 167 -4.41 -27.09 2.19
CA TYR A 167 -5.59 -26.39 2.77
C TYR A 167 -5.17 -25.02 3.29
N HIS A 168 -5.90 -23.99 2.89
CA HIS A 168 -5.56 -22.62 3.19
C HIS A 168 -6.69 -21.86 3.86
N GLY A 169 -7.57 -22.61 4.51
CA GLY A 169 -8.76 -22.03 5.13
C GLY A 169 -9.99 -22.00 4.27
N TRP A 170 -11.00 -21.27 4.73
CA TRP A 170 -12.37 -21.43 4.19
C TRP A 170 -12.80 -20.27 3.27
N SER A 171 -11.89 -19.34 2.96
CA SER A 171 -12.27 -18.20 2.18
C SER A 171 -12.66 -18.62 0.75
N GLU A 172 -13.43 -17.76 0.11
CA GLU A 172 -14.17 -18.06 -1.08
C GLU A 172 -13.27 -18.50 -2.24
N THR A 173 -12.06 -17.92 -2.38
CA THR A 173 -11.25 -18.13 -3.58
C THR A 173 -10.34 -19.34 -3.46
N VAL A 174 -10.17 -19.87 -2.25
CA VAL A 174 -9.26 -20.99 -2.06
C VAL A 174 -9.94 -22.25 -1.56
N LEU A 175 -11.19 -22.20 -1.13
CA LEU A 175 -11.80 -23.42 -0.50
C LEU A 175 -12.14 -24.46 -1.56
N ARG A 176 -11.25 -25.43 -1.68
CA ARG A 176 -11.38 -26.53 -2.60
C ARG A 176 -11.78 -27.80 -1.81
N ALA A 177 -12.38 -28.75 -2.52
CA ALA A 177 -12.59 -30.10 -1.97
C ALA A 177 -11.20 -30.75 -2.05
N GLY A 178 -10.68 -31.20 -0.93
CA GLY A 178 -9.36 -31.83 -0.85
C GLY A 178 -9.46 -33.36 -0.81
N LYS A 179 -9.39 -33.92 0.39
CA LYS A 179 -9.60 -35.35 0.55
C LYS A 179 -10.92 -35.78 -0.06
N THR A 180 -11.94 -34.93 0.02
CA THR A 180 -13.26 -35.31 -0.51
C THR A 180 -13.22 -35.49 -2.03
N ALA A 181 -12.23 -34.89 -2.68
CA ALA A 181 -11.87 -35.29 -4.02
C ALA A 181 -10.91 -36.47 -3.85
N THR A 187 -11.98 -38.23 -11.29
CA THR A 187 -11.51 -36.88 -11.03
C THR A 187 -9.96 -36.81 -11.03
N ARG A 188 -9.42 -35.60 -11.09
CA ARG A 188 -7.98 -35.37 -11.30
C ARG A 188 -7.39 -34.23 -10.44
N PRO A 189 -6.06 -34.19 -10.26
CA PRO A 189 -5.50 -33.14 -9.41
C PRO A 189 -5.66 -31.74 -9.94
N THR A 190 -5.91 -31.61 -11.24
CA THR A 190 -6.08 -30.31 -11.90
C THR A 190 -7.55 -29.85 -11.88
N ASP A 191 -8.46 -30.69 -11.42
CA ASP A 191 -9.84 -30.25 -11.24
C ASP A 191 -9.97 -29.32 -10.03
N VAL A 192 -10.69 -28.21 -10.22
CA VAL A 192 -10.93 -27.28 -9.14
C VAL A 192 -12.38 -27.44 -8.69
N VAL A 193 -12.58 -28.15 -7.58
CA VAL A 193 -13.92 -28.48 -7.06
C VAL A 193 -14.16 -27.72 -5.80
N PRO A 194 -15.30 -27.00 -5.73
CA PRO A 194 -15.57 -26.20 -4.54
C PRO A 194 -15.64 -27.07 -3.28
N GLY A 195 -15.14 -26.55 -2.17
CA GLY A 195 -15.07 -27.33 -0.95
C GLY A 195 -16.27 -27.20 -0.04
N ALA A 196 -17.18 -26.28 -0.33
CA ALA A 196 -18.38 -26.09 0.46
C ALA A 196 -19.51 -25.74 -0.48
N LEU A 197 -20.72 -26.09 -0.08
CA LEU A 197 -21.93 -25.72 -0.82
C LEU A 197 -22.23 -24.27 -0.53
N GLY A 198 -22.87 -23.59 -1.48
CA GLY A 198 -23.33 -22.25 -1.26
C GLY A 198 -22.31 -21.18 -1.57
N MET A 199 -21.15 -21.58 -2.09
CA MET A 199 -20.17 -20.66 -2.65
C MET A 199 -20.72 -20.12 -3.96
N ILE A 200 -20.34 -18.89 -4.33
CA ILE A 200 -20.70 -18.41 -5.65
C ILE A 200 -20.09 -19.23 -6.75
N PRO A 201 -20.80 -19.33 -7.88
CA PRO A 201 -20.33 -20.13 -9.02
C PRO A 201 -18.93 -19.77 -9.51
N GLU A 202 -18.56 -18.50 -9.48
CA GLU A 202 -17.24 -18.05 -9.94
C GLU A 202 -16.18 -18.02 -8.83
N ALA A 203 -16.50 -18.64 -7.68
CA ALA A 203 -15.60 -18.56 -6.51
C ALA A 203 -14.15 -18.90 -6.85
N LEU A 204 -14.02 -19.96 -7.59
CA LEU A 204 -12.77 -20.58 -7.94
C LEU A 204 -12.37 -20.34 -9.39
N ALA A 205 -12.98 -19.37 -10.03
CA ALA A 205 -12.74 -19.20 -11.44
C ALA A 205 -11.35 -18.63 -11.67
N HIS A 206 -10.70 -18.08 -10.63
CA HIS A 206 -9.30 -17.58 -10.76
C HIS A 206 -8.33 -18.37 -9.91
N THR A 207 -8.71 -19.59 -9.65
CA THR A 207 -7.90 -20.48 -8.87
C THR A 207 -7.62 -21.74 -9.66
N VAL A 208 -6.37 -22.15 -9.68
CA VAL A 208 -5.91 -23.32 -10.40
C VAL A 208 -5.29 -24.29 -9.45
N GLN A 209 -5.17 -25.56 -9.87
CA GLN A 209 -4.64 -26.55 -8.99
C GLN A 209 -3.79 -27.57 -9.74
N LEU A 210 -2.71 -27.96 -9.09
CA LEU A 210 -1.79 -28.96 -9.54
C LEU A 210 -1.58 -29.97 -8.45
N GLY A 211 -1.08 -31.13 -8.86
CA GLY A 211 -0.62 -32.14 -7.93
C GLY A 211 0.62 -31.64 -7.19
N TRP A 212 0.65 -31.87 -5.89
CA TRP A 212 1.84 -31.64 -5.10
C TRP A 212 3.04 -32.42 -5.67
N ASN A 213 4.21 -31.78 -5.70
CA ASN A 213 5.46 -32.48 -6.08
C ASN A 213 5.42 -33.02 -7.52
N ASP A 214 4.79 -32.28 -8.43
CA ASP A 214 4.82 -32.63 -9.86
C ASP A 214 5.54 -31.49 -10.67
N PRO A 215 6.89 -31.49 -10.68
CA PRO A 215 7.61 -30.38 -11.38
C PRO A 215 7.27 -30.16 -12.86
N ASP A 216 6.90 -31.22 -13.57
CA ASP A 216 6.61 -31.13 -15.01
C ASP A 216 5.35 -30.35 -15.23
N ALA A 217 4.29 -30.68 -14.48
CA ALA A 217 3.04 -29.90 -14.60
C ALA A 217 3.28 -28.45 -14.21
N LEU A 218 4.09 -28.23 -13.18
CA LEU A 218 4.32 -26.91 -12.67
C LEU A 218 5.08 -26.07 -13.73
N ARG A 219 6.10 -26.66 -14.33
CA ARG A 219 6.84 -25.98 -15.43
C ARG A 219 5.89 -25.66 -16.59
N GLU A 220 5.09 -26.64 -16.98
CA GLU A 220 4.10 -26.46 -18.05
C GLU A 220 3.15 -25.28 -17.77
N LEU A 221 2.61 -25.24 -16.55
CA LEU A 221 1.73 -24.17 -16.17
C LEU A 221 2.44 -22.81 -16.28
N PHE A 222 3.65 -22.69 -15.74
CA PHE A 222 4.36 -21.40 -15.90
C PHE A 222 4.73 -21.06 -17.34
N ALA A 223 5.03 -22.06 -18.16
CA ALA A 223 5.37 -21.81 -19.58
C ALA A 223 4.15 -21.26 -20.31
N ARG A 224 2.97 -21.75 -19.94
CA ARG A 224 1.73 -21.33 -20.56
C ARG A 224 1.18 -20.02 -19.97
N ASP A 225 1.24 -19.87 -18.65
CA ASP A 225 0.44 -18.86 -17.95
C ASP A 225 1.18 -18.01 -16.93
N GLY A 226 2.49 -18.16 -16.87
CA GLY A 226 3.30 -17.47 -15.87
C GLY A 226 2.99 -16.00 -15.80
N ASP A 227 2.65 -15.41 -16.95
CA ASP A 227 2.41 -13.96 -17.05
C ASP A 227 1.10 -13.54 -16.35
N ARG A 228 0.19 -14.50 -16.18
CA ARG A 228 -1.10 -14.28 -15.53
C ARG A 228 -1.17 -14.68 -14.05
N ILE A 229 -0.10 -15.27 -13.52
CA ILE A 229 -0.17 -15.81 -12.14
C ILE A 229 0.17 -14.74 -11.10
N ALA A 230 -0.78 -14.46 -10.22
CA ALA A 230 -0.52 -13.51 -9.14
C ALA A 230 0.27 -14.12 -8.01
N ALA A 231 0.00 -15.39 -7.73
CA ALA A 231 0.63 -16.05 -6.61
C ALA A 231 0.55 -17.53 -6.73
N VAL A 232 1.55 -18.20 -6.14
CA VAL A 232 1.45 -19.61 -5.82
C VAL A 232 1.43 -19.70 -4.29
N ILE A 233 0.39 -20.36 -3.78
CA ILE A 233 0.28 -20.63 -2.37
C ILE A 233 0.49 -22.10 -2.14
N VAL A 234 1.12 -22.42 -1.03
CA VAL A 234 1.62 -23.77 -0.78
C VAL A 234 1.87 -23.97 0.68
N GLU A 235 1.46 -25.15 1.19
CA GLU A 235 2.01 -25.65 2.45
C GLU A 235 3.39 -26.19 2.14
N PRO A 236 4.45 -25.56 2.63
CA PRO A 236 5.78 -26.00 2.19
C PRO A 236 6.08 -27.46 2.49
N VAL A 237 5.61 -27.92 3.66
CA VAL A 237 5.41 -29.33 3.95
C VAL A 237 3.91 -29.57 4.04
N LEU A 238 3.37 -30.49 3.25
CA LEU A 238 1.93 -30.73 3.27
C LEU A 238 1.61 -31.38 4.62
N ALA A 239 0.77 -30.75 5.41
CA ALA A 239 0.46 -31.28 6.74
C ALA A 239 -1.06 -31.42 7.00
N ASN A 240 -1.88 -31.34 5.94
CA ASN A 240 -3.36 -31.50 5.99
C ASN A 240 -3.89 -32.65 5.17
N ALA A 241 -3.01 -33.53 4.73
CA ALA A 241 -3.44 -34.63 3.85
C ALA A 241 -2.32 -35.63 3.87
N GLY A 242 -2.02 -36.12 5.08
CA GLY A 242 -0.76 -36.72 5.35
C GLY A 242 0.25 -35.59 5.64
N VAL A 243 1.45 -36.01 6.02
CA VAL A 243 2.61 -35.13 6.11
C VAL A 243 3.46 -35.53 4.94
N ILE A 244 3.53 -34.69 3.92
CA ILE A 244 4.27 -35.00 2.69
C ILE A 244 5.25 -33.87 2.42
N PRO A 245 6.53 -34.08 2.74
CA PRO A 245 7.53 -33.02 2.51
C PRO A 245 7.65 -32.72 1.04
N PRO A 246 8.25 -31.58 0.69
CA PRO A 246 8.45 -31.23 -0.71
C PRO A 246 9.49 -32.16 -1.27
N ALA A 247 9.35 -32.58 -2.52
CA ALA A 247 10.43 -33.37 -3.18
C ALA A 247 11.69 -32.53 -3.27
N PRO A 248 12.86 -33.18 -3.33
CA PRO A 248 14.12 -32.41 -3.37
C PRO A 248 14.14 -31.44 -4.54
N GLY A 249 14.46 -30.19 -4.26
CA GLY A 249 14.46 -29.16 -5.29
C GLY A 249 13.12 -28.52 -5.61
N PHE A 250 12.02 -29.07 -5.08
CA PHE A 250 10.67 -28.60 -5.48
C PHE A 250 10.41 -27.18 -5.00
N LEU A 251 10.68 -26.90 -3.73
CA LEU A 251 10.52 -25.54 -3.25
C LEU A 251 11.41 -24.54 -4.02
N GLN A 252 12.63 -24.95 -4.36
CA GLN A 252 13.56 -24.07 -5.10
C GLN A 252 13.01 -23.81 -6.52
N LEU A 253 12.42 -24.82 -7.14
CA LEU A 253 11.80 -24.65 -8.44
C LEU A 253 10.62 -23.65 -8.38
N LEU A 254 9.73 -23.84 -7.42
CA LEU A 254 8.66 -22.84 -7.14
C LEU A 254 9.25 -21.40 -6.99
N ARG A 255 10.28 -21.27 -6.18
CA ARG A 255 10.91 -19.97 -5.99
C ARG A 255 11.46 -19.40 -7.33
N GLU A 256 12.14 -20.22 -8.11
CA GLU A 256 12.67 -19.80 -9.41
C GLU A 256 11.56 -19.42 -10.39
N LEU A 257 10.54 -20.25 -10.51
CA LEU A 257 9.48 -19.96 -11.50
C LEU A 257 8.69 -18.71 -11.13
N THR A 258 8.37 -18.55 -9.83
CA THR A 258 7.59 -17.40 -9.40
C THR A 258 8.46 -16.12 -9.56
N GLY A 259 9.70 -16.20 -9.14
CA GLY A 259 10.62 -15.06 -9.28
C GLY A 259 10.72 -14.63 -10.73
N ARG A 260 10.85 -15.60 -11.62
CA ARG A 260 11.02 -15.26 -13.01
C ARG A 260 9.77 -14.67 -13.63
N SER A 261 8.60 -15.11 -13.18
CA SER A 261 7.36 -14.71 -13.81
C SER A 261 6.78 -13.41 -13.26
N GLY A 262 7.31 -12.94 -12.14
CA GLY A 262 6.68 -11.86 -11.39
C GLY A 262 5.57 -12.28 -10.39
N ALA A 263 5.37 -13.59 -10.20
CA ALA A 263 4.31 -14.07 -9.31
C ALA A 263 4.85 -14.08 -7.91
N MET A 264 4.01 -13.76 -6.95
CA MET A 264 4.40 -13.91 -5.55
C MET A 264 4.35 -15.36 -5.06
N LEU A 265 5.34 -15.74 -4.27
CA LEU A 265 5.37 -17.05 -3.67
C LEU A 265 4.92 -16.91 -2.23
N VAL A 266 3.83 -17.62 -1.88
CA VAL A 266 3.24 -17.52 -0.55
C VAL A 266 3.36 -18.84 0.15
N PHE A 267 4.14 -18.84 1.24
CA PHE A 267 4.24 -20.01 2.07
C PHE A 267 3.15 -19.92 3.13
N ASP A 268 2.22 -20.87 3.12
CA ASP A 268 1.25 -21.02 4.25
C ASP A 268 1.92 -21.83 5.31
N GLU A 269 2.40 -21.16 6.35
CA GLU A 269 3.15 -21.81 7.44
C GLU A 269 2.31 -21.83 8.72
N VAL A 270 0.99 -21.87 8.54
CA VAL A 270 0.07 -21.94 9.69
C VAL A 270 0.40 -23.16 10.58
N ILE A 271 0.80 -24.25 9.96
CA ILE A 271 1.20 -25.43 10.68
C ILE A 271 2.71 -25.49 10.84
N THR A 272 3.45 -25.33 9.74
CA THR A 272 4.93 -25.47 9.78
C THR A 272 5.68 -24.40 10.59
N GLY A 273 5.09 -23.24 10.75
CA GLY A 273 5.75 -22.12 11.45
C GLY A 273 6.03 -22.43 12.89
N PHE A 274 7.24 -22.09 13.34
CA PHE A 274 7.70 -22.37 14.72
C PHE A 274 7.54 -23.83 15.12
N ARG A 275 7.44 -24.72 14.13
CA ARG A 275 7.18 -26.12 14.43
C ARG A 275 8.24 -27.02 13.85
N VAL A 276 8.46 -26.93 12.54
CA VAL A 276 9.45 -27.78 11.87
C VAL A 276 10.87 -27.21 12.03
N ALA A 277 10.95 -26.00 12.59
CA ALA A 277 12.20 -25.30 12.92
C ALA A 277 11.74 -23.96 13.46
N ARG A 278 12.67 -23.27 14.11
CA ARG A 278 12.35 -22.01 14.76
C ARG A 278 11.82 -21.00 13.75
N GLY A 279 12.52 -20.89 12.61
CA GLY A 279 12.09 -20.09 11.46
C GLY A 279 11.25 -20.84 10.41
N GLY A 280 10.60 -21.93 10.81
CA GLY A 280 9.66 -22.63 9.95
C GLY A 280 10.31 -23.41 8.81
N ALA A 281 9.50 -23.84 7.86
CA ALA A 281 9.98 -24.56 6.69
C ALA A 281 10.95 -23.71 5.85
N GLN A 282 10.65 -22.42 5.80
CA GLN A 282 11.55 -21.44 5.19
C GLN A 282 12.97 -21.61 5.60
N GLU A 283 13.18 -21.64 6.90
CA GLU A 283 14.50 -21.83 7.46
C GLU A 283 14.99 -23.26 7.26
N ARG A 284 14.14 -24.23 7.58
CA ARG A 284 14.52 -25.62 7.42
C ARG A 284 14.95 -25.98 5.99
N TYR A 285 14.27 -25.48 4.97
CA TYR A 285 14.63 -25.83 3.60
C TYR A 285 15.47 -24.77 2.89
N GLY A 286 15.79 -23.67 3.56
CA GLY A 286 16.58 -22.63 2.95
C GLY A 286 15.92 -21.98 1.75
N VAL A 287 14.60 -21.84 1.73
CA VAL A 287 13.94 -21.16 0.62
C VAL A 287 13.02 -20.13 1.22
N GLU A 288 13.18 -18.88 0.78
CA GLU A 288 12.43 -17.77 1.33
C GLU A 288 11.32 -17.31 0.40
N PRO A 289 10.07 -17.33 0.88
CA PRO A 289 8.94 -16.92 0.02
C PRO A 289 8.82 -15.39 0.01
N ASP A 290 7.93 -14.86 -0.79
CA ASP A 290 7.64 -13.43 -0.73
C ASP A 290 6.70 -13.11 0.42
N LEU A 291 5.72 -14.01 0.70
CA LEU A 291 4.85 -13.82 1.87
C LEU A 291 4.74 -15.09 2.66
N THR A 292 4.60 -14.93 3.97
CA THR A 292 4.48 -16.00 4.90
C THR A 292 3.23 -15.82 5.73
N VAL A 293 2.44 -16.89 5.86
CA VAL A 293 1.27 -16.90 6.75
C VAL A 293 1.60 -17.73 7.98
N LEU A 294 1.30 -17.18 9.15
CA LEU A 294 1.59 -17.83 10.42
C LEU A 294 0.33 -17.93 11.28
N SER A 295 0.30 -18.93 12.15
CA SER A 295 -0.75 -19.06 13.17
C SER A 295 -0.39 -20.17 14.17
N LYS A 296 -1.38 -20.76 14.79
CA LYS A 296 -1.22 -21.98 15.59
C LYS A 296 -0.12 -21.88 16.65
N VAL A 297 1.11 -22.33 16.38
CA VAL A 297 2.15 -22.30 17.45
C VAL A 297 2.38 -20.88 17.91
N MET A 298 2.27 -19.95 16.97
CA MET A 298 2.64 -18.54 17.19
C MET A 298 1.95 -17.96 18.39
N GLY A 299 0.70 -18.34 18.59
CA GLY A 299 -0.13 -17.75 19.63
C GLY A 299 -0.42 -18.72 20.75
N GLY A 300 0.19 -19.88 20.69
CA GLY A 300 -0.03 -20.91 21.73
C GLY A 300 -1.44 -21.43 21.81
N GLY A 301 -2.18 -21.36 20.71
CA GLY A 301 -3.60 -21.77 20.74
C GLY A 301 -4.60 -20.67 21.10
N PHE A 302 -4.10 -19.48 21.40
CA PHE A 302 -4.98 -18.30 21.41
C PHE A 302 -5.30 -17.98 19.95
N PRO A 303 -6.55 -17.63 19.64
CA PRO A 303 -6.83 -17.34 18.23
C PRO A 303 -6.07 -16.09 17.74
N VAL A 304 -5.08 -16.30 16.91
CA VAL A 304 -4.34 -15.17 16.30
C VAL A 304 -3.59 -15.72 15.10
N ALA A 305 -3.26 -14.85 14.17
CA ALA A 305 -2.57 -15.27 12.96
C ALA A 305 -1.87 -14.04 12.40
N ALA A 306 -1.11 -14.22 11.35
CA ALA A 306 -0.43 -13.07 10.75
C ALA A 306 -0.02 -13.43 9.36
N PHE A 307 0.21 -12.42 8.56
CA PHE A 307 1.02 -12.61 7.39
C PHE A 307 2.02 -11.50 7.32
N GLY A 308 3.15 -11.79 6.67
CA GLY A 308 4.18 -10.84 6.49
C GLY A 308 5.21 -11.26 5.47
N GLY A 309 6.24 -10.43 5.38
CA GLY A 309 7.23 -10.53 4.33
C GLY A 309 8.27 -9.45 4.49
N ARG A 310 9.19 -9.38 3.52
CA ARG A 310 10.17 -8.29 3.47
C ARG A 310 9.42 -7.00 3.13
N ARG A 311 10.04 -5.88 3.50
CA ARG A 311 9.47 -4.55 3.19
C ARG A 311 9.00 -4.36 1.76
N HIS A 312 9.79 -4.83 0.79
CA HIS A 312 9.39 -4.71 -0.62
C HIS A 312 8.02 -5.36 -0.85
N ALA A 313 7.87 -6.62 -0.46
CA ALA A 313 6.60 -7.38 -0.64
C ALA A 313 5.39 -6.76 0.07
N MET A 314 5.63 -6.02 1.14
CA MET A 314 4.55 -5.50 1.99
C MET A 314 4.16 -4.04 1.70
N ARG A 315 4.66 -3.50 0.58
CA ARG A 315 4.49 -2.08 0.18
C ARG A 315 3.07 -1.54 0.20
N MET A 316 2.08 -2.39 -0.09
CA MET A 316 0.68 -2.00 -0.16
C MET A 316 0.03 -2.12 1.23
N ALA A 325 -8.07 -6.46 9.29
CA ALA A 325 -9.35 -5.80 9.14
C ALA A 325 -10.43 -6.41 10.05
N GLY A 326 -10.44 -7.72 10.30
CA GLY A 326 -11.30 -8.31 11.36
C GLY A 326 -11.13 -7.56 12.69
N VAL A 327 -12.23 -7.19 13.34
CA VAL A 327 -12.11 -6.30 14.50
C VAL A 327 -11.29 -6.92 15.65
N TYR A 328 -11.29 -8.25 15.76
CA TYR A 328 -10.45 -8.93 16.75
C TYR A 328 -8.96 -8.99 16.37
N ALA A 329 -8.65 -8.65 15.10
CA ALA A 329 -7.28 -8.77 14.56
C ALA A 329 -6.28 -7.87 15.27
N GLY A 330 -5.39 -8.48 16.01
CA GLY A 330 -4.32 -7.77 16.61
C GLY A 330 -4.65 -7.33 18.02
N ASN A 331 -5.71 -7.89 18.61
CA ASN A 331 -6.11 -7.48 19.98
C ASN A 331 -5.02 -7.82 20.99
N HIS A 332 -5.07 -7.18 22.14
CA HIS A 332 -3.94 -7.17 23.06
C HIS A 332 -3.66 -8.51 23.68
N ALA A 333 -4.68 -9.25 24.05
CA ALA A 333 -4.43 -10.58 24.62
C ALA A 333 -3.75 -11.55 23.59
N ALA A 334 -4.18 -11.46 22.34
CA ALA A 334 -3.59 -12.24 21.24
C ALA A 334 -2.12 -11.91 21.10
N LEU A 335 -1.78 -10.63 21.03
CA LEU A 335 -0.38 -10.24 20.89
C LEU A 335 0.43 -10.57 22.12
N ARG A 336 -0.20 -10.56 23.29
CA ARG A 336 0.49 -10.97 24.50
C ARG A 336 0.88 -12.46 24.44
N ALA A 337 -0.07 -13.28 23.95
CA ALA A 337 0.16 -14.69 23.77
C ALA A 337 1.32 -14.92 22.80
N VAL A 338 1.37 -14.10 21.74
CA VAL A 338 2.46 -14.20 20.79
C VAL A 338 3.79 -13.84 21.48
N VAL A 339 3.81 -12.73 22.21
CA VAL A 339 4.99 -12.32 22.93
C VAL A 339 5.46 -13.43 23.93
N ALA A 340 4.55 -13.98 24.71
CA ALA A 340 4.90 -15.02 25.67
C ALA A 340 5.35 -16.30 25.01
N MET A 341 4.65 -16.72 23.93
CA MET A 341 5.02 -17.95 23.25
C MET A 341 6.33 -17.83 22.47
N LEU A 342 6.47 -16.76 21.68
CA LEU A 342 7.69 -16.57 20.88
C LEU A 342 8.87 -16.24 21.80
N GLY A 343 8.60 -15.53 22.89
CA GLY A 343 9.59 -15.27 23.91
C GLY A 343 10.10 -16.57 24.51
N LYS A 344 9.18 -17.46 24.88
CA LYS A 344 9.56 -18.72 25.48
C LYS A 344 10.42 -19.56 24.53
N ILE A 345 10.00 -19.65 23.28
CA ILE A 345 10.78 -20.34 22.23
C ILE A 345 12.18 -19.70 22.02
N ARG A 346 12.22 -18.40 21.96
CA ARG A 346 13.47 -17.68 21.77
C ARG A 346 14.42 -17.99 22.90
N SER A 347 13.92 -18.21 24.11
CA SER A 347 14.76 -18.51 25.24
C SER A 347 15.21 -19.99 25.31
N LEU A 348 14.79 -20.85 24.37
CA LEU A 348 15.15 -22.29 24.44
C LEU A 348 15.92 -22.67 23.18
N PRO A 349 17.22 -22.35 23.16
CA PRO A 349 17.98 -22.47 21.91
C PRO A 349 18.15 -23.90 21.41
N ASP A 350 17.91 -24.90 22.26
CA ASP A 350 18.00 -26.28 21.85
C ASP A 350 16.65 -26.92 21.66
N LEU A 351 15.58 -26.13 21.76
CA LEU A 351 14.23 -26.65 21.68
C LEU A 351 13.98 -27.58 20.48
N TYR A 352 14.42 -27.17 19.30
CA TYR A 352 14.11 -27.95 18.12
C TYR A 352 14.92 -29.22 18.03
N GLU A 353 16.07 -29.27 18.70
CA GLU A 353 16.87 -30.51 18.76
C GLU A 353 16.12 -31.47 19.68
N ARG A 354 15.57 -30.95 20.75
CA ARG A 354 14.83 -31.77 21.71
C ARG A 354 13.52 -32.26 21.10
N LEU A 355 12.82 -31.39 20.36
CA LEU A 355 11.60 -31.79 19.67
C LEU A 355 11.94 -32.84 18.67
N GLU A 356 13.03 -32.63 17.94
CA GLU A 356 13.44 -33.64 16.97
C GLU A 356 13.60 -35.00 17.65
N ASP A 357 14.22 -35.05 18.85
CA ASP A 357 14.43 -36.33 19.56
C ASP A 357 13.12 -37.01 20.02
N THR A 358 12.17 -36.22 20.47
CA THR A 358 10.83 -36.70 20.76
C THR A 358 10.19 -37.33 19.53
N GLY A 359 10.31 -36.64 18.40
CA GLY A 359 9.74 -37.09 17.15
C GLY A 359 10.33 -38.39 16.73
N GLN A 360 11.66 -38.45 16.73
CA GLN A 360 12.38 -39.67 16.40
C GLN A 360 11.97 -40.84 17.30
N TYR A 361 11.94 -40.62 18.59
CA TYR A 361 11.62 -41.68 19.52
C TYR A 361 10.21 -42.21 19.30
N MET A 362 9.26 -41.32 19.02
CA MET A 362 7.88 -41.73 18.71
C MET A 362 7.79 -42.50 17.41
N GLU A 363 8.44 -41.98 16.37
CA GLU A 363 8.49 -42.67 15.08
C GLU A 363 9.09 -44.08 15.21
N ASP A 364 10.23 -44.19 15.91
CA ASP A 364 10.88 -45.50 16.07
C ASP A 364 9.97 -46.45 16.84
N THR A 365 9.42 -45.94 17.93
CA THR A 365 8.51 -46.73 18.78
C THR A 365 7.30 -47.26 17.99
N VAL A 366 6.62 -46.37 17.27
CA VAL A 366 5.42 -46.79 16.53
C VAL A 366 5.82 -47.77 15.44
N ARG A 367 6.91 -47.51 14.73
CA ARG A 367 7.36 -48.45 13.70
C ARG A 367 7.60 -49.82 14.23
N GLU A 368 8.24 -49.90 15.38
CA GLU A 368 8.61 -51.16 15.97
C GLU A 368 7.37 -51.95 16.32
N VAL A 369 6.38 -51.28 16.89
CA VAL A 369 5.15 -51.94 17.29
C VAL A 369 4.39 -52.46 16.07
N PHE A 370 4.28 -51.66 15.02
CA PHE A 370 3.65 -52.13 13.80
C PHE A 370 4.43 -53.24 13.12
N ALA A 371 5.76 -53.10 13.02
CA ALA A 371 6.56 -54.20 12.42
C ALA A 371 6.42 -55.48 13.23
N THR A 372 6.36 -55.35 14.55
CA THR A 372 6.23 -56.53 15.41
C THR A 372 4.92 -57.27 15.22
N GLU A 373 3.85 -56.55 14.90
CA GLU A 373 2.55 -57.18 14.64
C GLU A 373 2.37 -57.42 13.16
N LYS A 374 3.46 -57.26 12.40
CA LYS A 374 3.49 -57.47 10.98
C LYS A 374 2.28 -56.78 10.31
N ARG A 375 2.02 -55.54 10.71
CA ARG A 375 1.02 -54.68 10.07
C ARG A 375 1.72 -53.55 9.30
N PRO A 376 1.63 -53.57 7.99
CA PRO A 376 2.25 -52.47 7.28
C PRO A 376 1.67 -51.09 7.60
N VAL A 377 2.55 -50.10 7.61
CA VAL A 377 2.19 -48.78 8.07
C VAL A 377 2.97 -47.77 7.24
N HIS A 378 2.40 -46.60 7.01
CA HIS A 378 3.15 -45.49 6.45
C HIS A 378 3.29 -44.38 7.47
N ILE A 379 4.53 -43.93 7.68
CA ILE A 379 4.83 -42.86 8.58
C ILE A 379 5.77 -41.85 7.92
N ASN A 380 5.29 -40.63 7.80
CA ASN A 380 6.12 -39.50 7.45
C ASN A 380 6.20 -38.54 8.66
N ARG A 381 7.39 -38.03 8.92
CA ARG A 381 7.64 -37.14 10.04
C ARG A 381 8.58 -36.01 9.61
N VAL A 382 8.21 -34.80 10.00
CA VAL A 382 9.11 -33.67 9.98
C VAL A 382 9.08 -33.07 11.37
N GLY A 383 10.13 -33.33 12.16
CA GLY A 383 10.14 -32.88 13.53
C GLY A 383 9.05 -33.55 14.37
N THR A 384 8.18 -32.77 14.98
CA THR A 384 7.09 -33.31 15.82
C THR A 384 5.76 -33.40 15.06
N LEU A 385 5.82 -33.08 13.78
CA LEU A 385 4.73 -33.24 12.84
C LEU A 385 4.86 -34.60 12.19
N MET A 386 3.78 -35.38 12.15
CA MET A 386 3.88 -36.76 11.81
C MET A 386 2.53 -37.44 11.45
N SER A 387 2.48 -38.12 10.31
CA SER A 387 1.29 -38.89 9.91
C SER A 387 1.57 -40.37 10.05
N VAL A 388 0.58 -41.08 10.57
CA VAL A 388 0.70 -42.51 10.80
C VAL A 388 -0.54 -43.16 10.17
N ALA A 389 -0.33 -44.04 9.19
CA ALA A 389 -1.43 -44.61 8.37
C ALA A 389 -1.25 -46.12 8.12
N LEU A 390 -2.23 -46.90 8.55
CA LEU A 390 -2.24 -48.34 8.36
C LEU A 390 -2.46 -48.58 6.87
N LEU A 391 -1.65 -49.45 6.30
CA LEU A 391 -1.78 -49.78 4.91
C LEU A 391 -2.59 -51.05 4.64
N LYS A 392 -3.18 -51.07 3.46
CA LYS A 392 -3.88 -52.21 2.93
C LYS A 392 -2.93 -53.37 2.81
N GLY A 393 -3.39 -54.57 3.17
CA GLY A 393 -2.63 -55.86 2.98
C GLY A 393 -1.83 -55.93 1.68
N SER A 394 -2.41 -55.39 0.61
CA SER A 394 -1.72 -55.12 -0.66
C SER A 394 -1.11 -53.71 -0.64
N GLU A 400 7.58 -44.46 -2.06
CA GLU A 400 7.32 -43.25 -1.34
C GLU A 400 6.24 -42.38 -2.07
N PRO A 401 5.02 -42.31 -1.54
CA PRO A 401 3.99 -41.45 -2.16
C PRO A 401 4.40 -39.99 -2.17
N ARG A 402 4.23 -39.31 -3.30
CA ARG A 402 4.70 -37.91 -3.40
C ARG A 402 3.55 -36.93 -3.28
N ASP A 403 2.33 -37.44 -3.32
CA ASP A 403 1.15 -36.61 -3.22
C ASP A 403 0.01 -37.37 -2.54
N LEU A 404 -1.09 -36.66 -2.35
CA LEU A 404 -2.26 -37.17 -1.63
C LEU A 404 -2.90 -38.38 -2.28
N ARG A 405 -3.00 -38.37 -3.62
CA ARG A 405 -3.59 -39.47 -4.37
C ARG A 405 -2.80 -40.74 -4.16
N GLN A 406 -1.49 -40.65 -4.31
CA GLN A 406 -0.63 -41.79 -4.10
C GLN A 406 -0.75 -42.31 -2.68
N LEU A 407 -0.79 -41.40 -1.69
CA LEU A 407 -0.84 -41.85 -0.27
C LEU A 407 -2.18 -42.50 0.06
N ALA A 408 -3.27 -41.83 -0.28
CA ALA A 408 -4.59 -42.31 -0.03
C ALA A 408 -4.81 -43.69 -0.65
N ALA A 409 -4.34 -43.89 -1.89
CA ALA A 409 -4.47 -45.22 -2.56
C ALA A 409 -3.87 -46.36 -1.77
N LEU A 410 -2.86 -46.09 -0.93
CA LEU A 410 -2.23 -47.17 -0.14
C LEU A 410 -2.89 -47.46 1.19
N VAL A 411 -3.69 -46.52 1.68
CA VAL A 411 -4.13 -46.54 3.07
C VAL A 411 -5.43 -47.36 3.21
N ASP A 412 -5.53 -48.11 4.30
CA ASP A 412 -6.77 -48.83 4.70
C ASP A 412 -7.55 -47.97 5.69
N PHE A 413 -8.41 -47.10 5.18
CA PHE A 413 -9.11 -46.17 6.00
C PHE A 413 -10.02 -46.81 7.05
N PRO A 414 -10.90 -47.75 6.65
CA PRO A 414 -11.77 -48.42 7.63
C PRO A 414 -11.04 -49.08 8.81
N ARG A 415 -9.99 -49.83 8.52
CA ARG A 415 -9.20 -50.44 9.59
C ARG A 415 -8.47 -49.41 10.44
N HIS A 416 -8.01 -48.32 9.83
CA HIS A 416 -7.36 -47.29 10.61
C HIS A 416 -8.36 -46.64 11.57
N ARG A 417 -9.60 -46.40 11.12
CA ARG A 417 -10.66 -45.96 12.05
C ARG A 417 -10.92 -46.96 13.20
N ARG A 418 -10.96 -48.24 12.86
CA ARG A 418 -11.16 -49.28 13.87
C ARG A 418 -10.01 -49.20 14.85
N LEU A 419 -8.78 -49.06 14.34
CA LEU A 419 -7.60 -48.94 15.22
C LEU A 419 -7.75 -47.76 16.16
N GLN A 420 -8.23 -46.63 15.63
CA GLN A 420 -8.40 -45.43 16.45
C GLN A 420 -9.39 -45.69 17.61
N THR A 421 -10.50 -46.35 17.30
CA THR A 421 -11.50 -46.74 18.34
C THR A 421 -10.83 -47.53 19.44
N LEU A 422 -10.08 -48.56 19.03
CA LEU A 422 -9.38 -49.44 19.97
C LEU A 422 -8.34 -48.66 20.80
N ALA A 423 -7.54 -47.81 20.16
CA ALA A 423 -6.55 -47.06 20.85
C ALA A 423 -7.18 -46.10 21.88
N GLN A 424 -8.30 -45.52 21.52
CA GLN A 424 -8.98 -44.65 22.42
C GLN A 424 -9.41 -45.39 23.69
N LYS A 425 -9.96 -46.61 23.54
CA LYS A 425 -10.31 -47.45 24.70
C LYS A 425 -9.08 -47.75 25.54
N GLU A 426 -7.94 -47.90 24.90
CA GLU A 426 -6.69 -48.11 25.62
C GLU A 426 -6.11 -46.83 26.21
N GLY A 427 -6.78 -45.69 26.05
CA GLY A 427 -6.23 -44.43 26.60
C GLY A 427 -5.28 -43.63 25.71
N VAL A 428 -5.36 -43.81 24.39
CA VAL A 428 -4.63 -42.96 23.45
C VAL A 428 -5.55 -42.40 22.35
N TYR A 429 -5.59 -41.10 22.20
CA TYR A 429 -6.41 -40.46 21.18
C TYR A 429 -5.54 -40.00 20.01
N PHE A 430 -5.86 -40.48 18.80
CA PHE A 430 -5.46 -39.80 17.54
C PHE A 430 -6.69 -39.67 16.66
N HIS A 431 -6.65 -38.76 15.70
CA HIS A 431 -7.82 -38.58 14.84
C HIS A 431 -8.06 -39.86 14.04
N PRO A 432 -9.34 -40.29 13.90
CA PRO A 432 -9.65 -41.53 13.15
C PRO A 432 -9.25 -41.56 11.66
N ASN A 433 -9.20 -40.43 11.03
CA ASN A 433 -8.76 -40.33 9.63
C ASN A 433 -7.24 -40.35 9.56
N ALA A 434 -6.72 -41.38 8.91
CA ALA A 434 -5.28 -41.62 8.85
C ALA A 434 -4.49 -40.49 8.17
N LEU A 435 -5.17 -39.61 7.44
CA LEU A 435 -4.51 -38.45 6.85
C LEU A 435 -4.42 -37.24 7.80
N GLU A 436 -5.08 -37.28 8.95
CA GLU A 436 -4.90 -36.21 9.94
C GLU A 436 -3.66 -36.49 10.78
N PRO A 437 -2.69 -35.57 10.77
CA PRO A 437 -1.42 -35.87 11.45
C PRO A 437 -1.50 -35.82 12.96
N TRP A 438 -0.49 -36.40 13.58
CA TRP A 438 -0.19 -36.19 14.99
C TRP A 438 0.69 -34.94 15.17
N PHE A 439 0.49 -34.25 16.29
CA PHE A 439 1.29 -33.07 16.68
C PHE A 439 1.90 -33.24 18.07
N LEU A 440 3.14 -33.71 18.13
CA LEU A 440 3.77 -33.96 19.40
C LEU A 440 4.25 -32.69 20.06
N SER A 441 4.48 -32.77 21.35
CA SER A 441 4.84 -31.63 22.20
C SER A 441 5.96 -32.03 23.14
N THR A 442 6.54 -31.05 23.85
CA THR A 442 7.57 -31.40 24.83
C THR A 442 6.97 -32.18 25.98
N ALA A 443 5.65 -32.18 26.12
CA ALA A 443 5.02 -32.98 27.14
C ALA A 443 4.89 -34.45 26.73
N HIS A 444 5.18 -34.79 25.47
CA HIS A 444 5.26 -36.20 25.06
C HIS A 444 6.66 -36.75 25.37
N THR A 445 6.90 -37.03 26.66
CA THR A 445 8.20 -37.50 27.16
C THR A 445 8.42 -38.93 26.73
N ARG A 446 9.65 -39.41 26.92
CA ARG A 446 9.99 -40.80 26.68
C ARG A 446 9.04 -41.76 27.45
N ASP A 447 8.68 -41.45 28.69
CA ASP A 447 7.75 -42.30 29.43
C ASP A 447 6.33 -42.24 28.85
N VAL A 448 5.90 -41.09 28.35
CA VAL A 448 4.60 -41.02 27.71
C VAL A 448 4.58 -41.87 26.44
N ILE A 449 5.64 -41.78 25.66
CA ILE A 449 5.75 -42.50 24.42
C ILE A 449 5.82 -44.00 24.66
N ASP A 450 6.58 -44.44 25.68
CA ASP A 450 6.58 -45.85 26.07
C ASP A 450 5.15 -46.32 26.43
N LYS A 451 4.40 -45.52 27.18
CA LYS A 451 2.98 -45.87 27.40
C LYS A 451 2.18 -45.95 26.10
N VAL A 452 2.43 -45.04 25.16
CA VAL A 452 1.66 -45.03 23.91
C VAL A 452 1.93 -46.30 23.16
N ALA A 453 3.19 -46.72 23.17
CA ALA A 453 3.58 -47.96 22.55
C ALA A 453 2.77 -49.14 23.09
N GLY A 454 2.69 -49.27 24.41
CA GLY A 454 1.92 -50.39 25.02
C GLY A 454 0.48 -50.35 24.60
N ALA A 455 -0.10 -49.16 24.63
CA ALA A 455 -1.48 -48.96 24.20
C ALA A 455 -1.69 -49.31 22.75
N LEU A 456 -0.78 -48.91 21.87
CA LEU A 456 -0.91 -49.22 20.45
C LEU A 456 -0.79 -50.69 20.18
N GLN A 457 0.14 -51.34 20.88
CA GLN A 457 0.32 -52.78 20.71
C GLN A 457 -0.95 -53.54 21.19
N ARG A 458 -1.46 -53.17 22.36
CA ARG A 458 -2.70 -53.74 22.85
C ARG A 458 -3.83 -53.51 21.82
N SER A 459 -3.80 -52.36 21.12
CA SER A 459 -4.83 -52.04 20.10
C SER A 459 -4.70 -52.93 18.88
N LEU A 460 -3.47 -53.08 18.38
CA LEU A 460 -3.21 -53.81 17.13
C LEU A 460 -3.56 -55.26 17.25
N VAL A 461 -3.17 -55.85 18.35
CA VAL A 461 -3.56 -57.22 18.69
C VAL A 461 -5.07 -57.41 18.65
N GLY A 462 -5.81 -56.37 19.01
CA GLY A 462 -7.26 -56.42 18.97
C GLY A 462 -7.87 -56.20 17.61
N LEU A 463 -7.05 -55.85 16.62
CA LEU A 463 -7.52 -55.41 15.30
C LEU A 463 -7.65 -56.59 14.35
N LEU B 59 -1.88 8.42 20.57
CA LEU B 59 -2.45 7.52 21.65
C LEU B 59 -2.04 6.05 21.51
N VAL B 60 -1.10 5.63 22.34
CA VAL B 60 -0.70 4.24 22.46
C VAL B 60 -1.10 3.76 23.85
N VAL B 61 -1.86 2.67 23.89
CA VAL B 61 -2.41 2.15 25.14
C VAL B 61 -1.37 1.35 25.92
N ARG B 62 -1.38 1.54 27.23
CA ARG B 62 -0.58 0.75 28.18
C ARG B 62 -1.46 -0.22 28.94
N SER B 63 -2.58 0.25 29.44
CA SER B 63 -3.55 -0.63 30.06
C SER B 63 -4.94 0.00 30.05
N ALA B 64 -5.92 -0.76 30.51
CA ALA B 64 -7.28 -0.30 30.48
C ALA B 64 -8.08 -1.02 31.54
N GLY B 65 -9.08 -0.34 32.09
CA GLY B 65 -9.91 -0.92 33.15
C GLY B 65 -11.12 -0.04 33.25
N GLY B 66 -12.30 -0.64 33.37
CA GLY B 66 -13.54 0.12 33.40
C GLY B 66 -13.74 0.91 32.12
N CYS B 67 -13.87 2.23 32.23
CA CYS B 67 -14.01 3.08 31.05
C CYS B 67 -12.73 3.86 30.80
N LEU B 68 -11.63 3.44 31.42
CA LEU B 68 -10.40 4.22 31.38
C LEU B 68 -9.31 3.55 30.61
N LEU B 69 -8.61 4.34 29.80
CA LEU B 69 -7.35 3.94 29.20
C LEU B 69 -6.21 4.62 29.93
N ARG B 70 -5.07 3.93 30.00
CA ARG B 70 -3.81 4.52 30.39
C ARG B 70 -2.89 4.49 29.16
N ASP B 71 -2.42 5.66 28.75
CA ASP B 71 -1.40 5.98 27.73
C ASP B 71 -0.03 5.52 28.17
N VAL B 72 0.90 5.41 27.22
CA VAL B 72 2.30 5.09 27.54
C VAL B 72 3.01 6.25 28.27
N GLU B 73 2.35 7.40 28.34
CA GLU B 73 2.78 8.52 29.17
C GLU B 73 2.16 8.43 30.56
N ASP B 74 1.53 7.31 30.87
CA ASP B 74 0.68 7.17 32.08
C ASP B 74 -0.45 8.21 32.19
N GLY B 75 -0.83 8.84 31.08
CA GLY B 75 -2.03 9.69 31.06
C GLY B 75 -3.27 8.82 31.17
N GLU B 76 -4.34 9.36 31.76
CA GLU B 76 -5.61 8.63 31.86
C GLU B 76 -6.67 9.26 30.97
N ILE B 77 -7.43 8.41 30.27
CA ILE B 77 -8.35 8.87 29.24
C ILE B 77 -9.69 8.10 29.39
N ILE B 78 -10.80 8.84 29.44
CA ILE B 78 -12.11 8.20 29.43
C ILE B 78 -12.40 7.81 28.00
N ASP B 79 -12.76 6.55 27.81
CA ASP B 79 -12.95 5.97 26.44
C ASP B 79 -14.44 5.86 26.15
N LEU B 80 -14.88 6.55 25.11
CA LEU B 80 -16.26 6.46 24.62
C LEU B 80 -16.45 5.42 23.50
N ASN B 81 -15.34 4.97 22.97
CA ASN B 81 -15.34 4.02 21.85
C ASN B 81 -15.39 2.56 22.39
N MET B 82 -14.65 2.31 23.45
CA MET B 82 -14.68 1.05 24.16
C MET B 82 -14.41 -0.14 23.23
N GLY B 83 -13.47 0.04 22.31
CA GLY B 83 -13.04 -1.09 21.52
C GLY B 83 -14.09 -1.57 20.58
N TYR B 84 -15.01 -0.69 20.24
CA TYR B 84 -15.97 -0.93 19.15
C TYR B 84 -17.01 -2.00 19.45
N GLY B 85 -17.39 -2.16 20.71
CA GLY B 85 -18.66 -2.83 20.99
C GLY B 85 -18.77 -3.97 21.95
N PRO B 86 -17.69 -4.70 22.24
CA PRO B 86 -17.88 -5.89 23.07
C PRO B 86 -18.06 -5.67 24.59
N HIS B 87 -17.68 -4.51 25.09
CA HIS B 87 -17.50 -4.33 26.54
C HIS B 87 -18.68 -3.66 27.24
N LEU B 88 -19.73 -4.45 27.40
CA LEU B 88 -20.97 -3.95 28.01
C LEU B 88 -20.75 -3.53 29.46
N PHE B 89 -19.82 -4.18 30.13
CA PHE B 89 -19.54 -3.87 31.51
C PHE B 89 -18.21 -3.16 31.69
N GLY B 90 -17.62 -2.68 30.59
CA GLY B 90 -16.33 -2.01 30.68
C GLY B 90 -15.16 -2.96 30.54
N TYR B 91 -13.96 -2.37 30.58
CA TYR B 91 -12.72 -3.12 30.38
C TYR B 91 -12.37 -3.87 31.63
N ALA B 92 -11.59 -4.92 31.48
CA ALA B 92 -11.12 -5.73 32.60
C ALA B 92 -12.23 -6.22 33.54
N ASP B 93 -13.31 -6.74 32.98
CA ASP B 93 -14.41 -7.30 33.75
C ASP B 93 -13.93 -8.58 34.38
N ARG B 94 -13.82 -8.59 35.70
CA ARG B 94 -13.21 -9.70 36.42
C ARG B 94 -14.04 -10.99 36.34
N GLU B 95 -15.36 -10.87 36.37
CA GLU B 95 -16.11 -12.10 36.25
C GLU B 95 -15.72 -12.87 35.01
N VAL B 96 -15.54 -12.14 33.92
CA VAL B 96 -15.34 -12.76 32.62
C VAL B 96 -13.88 -13.17 32.49
N LEU B 97 -12.96 -12.30 32.91
CA LEU B 97 -11.51 -12.61 33.05
C LEU B 97 -11.22 -13.88 33.83
N ASP B 98 -11.78 -13.95 35.02
CA ASP B 98 -11.50 -15.06 35.92
C ASP B 98 -11.90 -16.36 35.23
N ALA B 99 -13.05 -16.35 34.58
CA ALA B 99 -13.51 -17.55 33.88
C ALA B 99 -12.57 -17.95 32.71
N VAL B 100 -12.14 -16.98 31.92
CA VAL B 100 -11.30 -17.28 30.76
C VAL B 100 -9.91 -17.77 31.21
N ALA B 101 -9.34 -17.12 32.22
CA ALA B 101 -8.07 -17.56 32.80
C ALA B 101 -8.18 -18.96 33.35
N ASP B 102 -9.27 -19.24 34.03
CA ASP B 102 -9.51 -20.55 34.56
C ASP B 102 -9.53 -21.60 33.46
N GLN B 103 -10.12 -21.27 32.32
CA GLN B 103 -10.14 -22.22 31.22
C GLN B 103 -8.76 -22.45 30.60
N PHE B 104 -7.91 -21.42 30.60
CA PHE B 104 -6.53 -21.60 30.18
C PHE B 104 -5.81 -22.62 31.08
N ALA B 105 -6.09 -22.56 32.37
CA ALA B 105 -5.50 -23.48 33.32
C ALA B 105 -6.01 -24.90 33.14
N LYS B 106 -7.16 -25.08 32.49
CA LYS B 106 -7.81 -26.39 32.34
C LYS B 106 -7.89 -26.94 30.90
N GLY B 107 -7.19 -26.33 29.96
CA GLY B 107 -7.28 -26.73 28.55
C GLY B 107 -8.11 -25.78 27.70
N HIS B 108 -7.46 -24.90 26.91
CA HIS B 108 -8.20 -23.90 26.14
C HIS B 108 -8.56 -24.34 24.74
N MET B 109 -7.91 -25.38 24.26
CA MET B 109 -8.17 -25.84 22.89
C MET B 109 -7.69 -27.24 22.60
N THR B 110 -8.63 -28.16 22.53
CA THR B 110 -8.32 -29.52 22.20
C THR B 110 -8.91 -29.94 20.84
N GLY B 111 -9.75 -29.08 20.27
CA GLY B 111 -10.47 -29.41 19.04
C GLY B 111 -11.50 -30.52 19.20
N LEU B 112 -11.79 -30.91 20.43
CA LEU B 112 -12.72 -32.01 20.67
C LEU B 112 -14.00 -31.47 21.31
N PRO B 113 -15.10 -32.24 21.24
CA PRO B 113 -16.29 -31.83 21.97
C PRO B 113 -15.96 -31.60 23.47
N HIS B 114 -16.58 -30.58 24.05
CA HIS B 114 -16.38 -30.15 25.44
C HIS B 114 -17.73 -29.93 26.15
N GLU B 115 -17.78 -30.11 27.47
CA GLU B 115 -19.02 -29.84 28.25
C GLU B 115 -19.58 -28.43 28.03
N LEU B 116 -18.69 -27.46 27.83
CA LEU B 116 -19.08 -26.10 27.62
C LEU B 116 -19.93 -25.89 26.38
N ASP B 117 -19.73 -26.72 25.37
CA ASP B 117 -20.41 -26.52 24.08
C ASP B 117 -21.89 -26.40 24.26
N ALA B 118 -22.47 -27.36 25.01
CA ALA B 118 -23.91 -27.42 25.26
C ALA B 118 -24.39 -26.27 26.16
N ARG B 119 -23.55 -25.82 27.12
CA ARG B 119 -23.91 -24.67 27.95
C ARG B 119 -23.93 -23.35 27.17
N ALA B 120 -22.96 -23.12 26.28
CA ALA B 120 -22.92 -21.87 25.55
C ALA B 120 -24.12 -21.83 24.57
N GLY B 121 -24.36 -22.95 23.91
CA GLY B 121 -25.49 -23.07 22.99
C GLY B 121 -26.81 -22.82 23.68
N ALA B 122 -26.94 -23.35 24.89
CA ALA B 122 -28.20 -23.25 25.59
C ALA B 122 -28.43 -21.81 26.04
N LEU B 123 -27.38 -21.15 26.50
CA LEU B 123 -27.54 -19.74 26.89
C LEU B 123 -27.94 -18.84 25.71
N ILE B 124 -27.36 -19.07 24.55
CA ILE B 124 -27.72 -18.26 23.40
C ILE B 124 -29.21 -18.53 23.03
N ALA B 125 -29.58 -19.81 22.95
CA ALA B 125 -30.99 -20.23 22.64
C ALA B 125 -31.97 -19.69 23.63
N GLU B 126 -31.58 -19.59 24.89
CA GLU B 126 -32.43 -18.96 25.89
C GLU B 126 -32.61 -17.44 25.68
N LEU B 127 -31.52 -16.70 25.50
CA LEU B 127 -31.58 -15.25 25.42
C LEU B 127 -32.01 -14.73 24.07
N VAL B 128 -31.74 -15.48 23.01
CA VAL B 128 -32.10 -14.96 21.72
C VAL B 128 -33.26 -15.74 21.18
N PRO B 129 -34.45 -15.09 21.08
CA PRO B 129 -35.69 -15.79 20.74
C PRO B 129 -35.59 -16.67 19.47
N GLY B 130 -35.13 -16.06 18.38
CA GLY B 130 -35.05 -16.75 17.09
C GLY B 130 -33.92 -17.76 16.92
N VAL B 131 -33.14 -18.01 17.98
CA VAL B 131 -32.02 -18.93 17.87
C VAL B 131 -32.36 -20.18 18.67
N GLU B 132 -32.26 -21.33 18.01
CA GLU B 132 -32.48 -22.65 18.62
C GLU B 132 -31.27 -23.54 18.45
N GLN B 133 -30.64 -23.50 17.27
CA GLN B 133 -29.37 -24.14 17.05
C GLN B 133 -28.37 -23.09 16.63
N VAL B 134 -27.12 -23.31 16.95
CA VAL B 134 -26.12 -22.33 16.70
C VAL B 134 -24.81 -23.02 16.28
N ARG B 135 -24.04 -22.37 15.42
CA ARG B 135 -22.74 -22.86 15.00
C ARG B 135 -21.78 -21.74 15.38
N PHE B 136 -20.69 -22.12 16.03
CA PHE B 136 -19.70 -21.13 16.43
C PHE B 136 -18.66 -20.90 15.35
N ALA B 137 -18.04 -19.74 15.44
CA ALA B 137 -17.04 -19.33 14.49
C ALA B 137 -16.05 -18.45 15.27
N ASN B 138 -14.95 -18.12 14.63
CA ASN B 138 -13.89 -17.37 15.24
C ASN B 138 -14.09 -15.87 15.09
N SER B 139 -14.93 -15.44 14.14
CA SER B 139 -15.14 -14.03 13.90
C SER B 139 -16.51 -13.75 13.30
N GLY B 140 -16.90 -12.48 13.32
CA GLY B 140 -18.15 -12.09 12.67
C GLY B 140 -18.09 -12.34 11.17
N THR B 141 -16.94 -12.04 10.57
CA THR B 141 -16.76 -12.25 9.16
C THR B 141 -17.05 -13.71 8.79
N GLU B 142 -16.51 -14.63 9.55
CA GLU B 142 -16.67 -16.06 9.28
C GLU B 142 -18.14 -16.53 9.47
N ALA B 143 -18.77 -16.03 10.53
CA ALA B 143 -20.16 -16.34 10.78
C ALA B 143 -21.06 -15.80 9.66
N VAL B 144 -20.76 -14.60 9.18
CA VAL B 144 -21.50 -14.04 8.04
C VAL B 144 -21.30 -14.90 6.82
N ALA B 145 -20.04 -15.24 6.53
CA ALA B 145 -19.77 -16.04 5.34
C ALA B 145 -20.52 -17.38 5.40
N SER B 146 -20.45 -18.03 6.54
CA SER B 146 -21.17 -19.29 6.73
C SER B 146 -22.66 -19.10 6.62
N ALA B 147 -23.20 -18.04 7.21
CA ALA B 147 -24.65 -17.84 7.14
C ALA B 147 -25.08 -17.69 5.71
N LEU B 148 -24.31 -16.91 4.95
CA LEU B 148 -24.67 -16.64 3.58
C LEU B 148 -24.49 -17.86 2.72
N ARG B 149 -23.46 -18.66 2.97
CA ARG B 149 -23.34 -19.91 2.24
C ARG B 149 -24.52 -20.85 2.54
N LEU B 150 -24.94 -20.89 3.80
CA LEU B 150 -26.10 -21.71 4.21
C LEU B 150 -27.33 -21.24 3.46
N ALA B 151 -27.53 -19.93 3.38
CA ALA B 151 -28.71 -19.43 2.68
C ALA B 151 -28.65 -19.80 1.19
N ARG B 152 -27.49 -19.62 0.55
CA ARG B 152 -27.37 -19.88 -0.89
C ARG B 152 -27.67 -21.38 -1.13
N ALA B 153 -27.12 -22.20 -0.27
CA ALA B 153 -27.22 -23.65 -0.42
C ALA B 153 -28.65 -24.14 -0.15
N THR B 154 -29.27 -23.58 0.88
CA THR B 154 -30.61 -23.94 1.32
C THR B 154 -31.65 -23.54 0.29
N THR B 155 -31.51 -22.37 -0.31
CA THR B 155 -32.50 -21.89 -1.27
C THR B 155 -32.18 -22.31 -2.69
N GLY B 156 -30.95 -22.73 -2.96
CA GLY B 156 -30.54 -22.96 -4.35
C GLY B 156 -30.39 -21.68 -5.16
N ARG B 157 -30.25 -20.54 -4.48
CA ARG B 157 -30.11 -19.25 -5.17
C ARG B 157 -28.79 -18.65 -4.84
N THR B 158 -28.42 -17.59 -5.56
CA THR B 158 -27.10 -16.97 -5.39
C THR B 158 -27.12 -15.54 -4.94
N LEU B 159 -28.20 -14.82 -5.21
CA LEU B 159 -28.17 -13.38 -5.00
C LEU B 159 -28.33 -13.01 -3.56
N VAL B 160 -27.48 -12.10 -3.10
CA VAL B 160 -27.57 -11.60 -1.74
C VAL B 160 -27.78 -10.12 -1.76
N VAL B 161 -28.72 -9.65 -0.96
CA VAL B 161 -29.06 -8.22 -0.90
C VAL B 161 -28.43 -7.61 0.35
N THR B 162 -27.74 -6.49 0.15
CA THR B 162 -27.11 -5.72 1.23
C THR B 162 -27.60 -4.26 1.14
N PHE B 163 -27.34 -3.52 2.18
CA PHE B 163 -27.71 -2.09 2.26
C PHE B 163 -26.44 -1.20 2.38
N GLU B 164 -26.49 -0.05 1.74
CA GLU B 164 -25.35 0.87 1.72
C GLU B 164 -24.94 1.33 3.10
N GLY B 165 -23.68 1.15 3.43
CA GLY B 165 -23.14 1.54 4.71
C GLY B 165 -23.09 0.41 5.71
N HIS B 166 -23.87 -0.65 5.44
CA HIS B 166 -23.95 -1.81 6.30
C HIS B 166 -22.73 -2.67 6.08
N TYR B 167 -22.07 -3.02 7.17
CA TYR B 167 -20.79 -3.74 7.11
C TYR B 167 -20.96 -5.13 7.71
N HIS B 168 -20.55 -6.14 6.95
CA HIS B 168 -20.69 -7.56 7.32
C HIS B 168 -19.38 -8.34 7.33
N GLY B 169 -18.28 -7.62 7.49
CA GLY B 169 -16.95 -8.24 7.53
C GLY B 169 -16.31 -8.22 6.15
N TRP B 170 -15.21 -8.96 6.04
CA TRP B 170 -14.28 -8.77 4.93
C TRP B 170 -14.41 -9.88 3.89
N SER B 171 -15.35 -10.81 4.03
CA SER B 171 -15.44 -11.91 3.12
C SER B 171 -15.75 -11.44 1.69
N GLU B 172 -15.36 -12.29 0.74
CA GLU B 172 -15.24 -11.92 -0.67
C GLU B 172 -16.56 -11.41 -1.26
N THR B 173 -17.69 -11.97 -0.82
CA THR B 173 -18.96 -11.72 -1.47
C THR B 173 -19.74 -10.54 -0.87
N VAL B 174 -19.32 -10.06 0.29
CA VAL B 174 -19.97 -8.93 0.92
C VAL B 174 -19.11 -7.66 1.10
N LEU B 175 -17.81 -7.70 0.88
CA LEU B 175 -16.96 -6.55 1.19
C LEU B 175 -17.14 -5.46 0.15
N ARG B 176 -17.98 -4.50 0.50
CA ARG B 176 -18.29 -3.35 -0.36
C ARG B 176 -17.54 -2.12 0.19
N ALA B 177 -17.29 -1.15 -0.69
CA ALA B 177 -16.71 0.13 -0.24
C ALA B 177 -17.69 0.95 0.60
N GLY B 178 -17.33 1.24 1.85
CA GLY B 178 -18.12 2.14 2.69
C GLY B 178 -17.52 3.55 2.68
N THR B 187 -22.06 9.01 -7.74
CA THR B 187 -22.32 7.62 -7.35
C THR B 187 -23.67 7.46 -6.63
N ARG B 188 -24.12 6.22 -6.48
CA ARG B 188 -25.46 5.91 -5.97
C ARG B 188 -25.50 4.74 -4.99
N PRO B 189 -26.56 4.66 -4.17
CA PRO B 189 -26.64 3.55 -3.20
C PRO B 189 -26.72 2.18 -3.81
N THR B 190 -27.11 2.12 -5.08
CA THR B 190 -27.29 0.88 -5.80
C THR B 190 -25.98 0.41 -6.46
N ASP B 191 -24.95 1.26 -6.50
CA ASP B 191 -23.63 0.84 -7.02
C ASP B 191 -22.96 -0.16 -6.09
N VAL B 192 -22.50 -1.29 -6.65
CA VAL B 192 -21.79 -2.30 -5.87
C VAL B 192 -20.29 -2.17 -6.18
N VAL B 193 -19.56 -1.52 -5.26
CA VAL B 193 -18.17 -1.23 -5.42
C VAL B 193 -17.38 -2.11 -4.45
N PRO B 194 -16.37 -2.85 -4.96
CA PRO B 194 -15.49 -3.65 -4.09
C PRO B 194 -14.79 -2.85 -3.00
N GLY B 195 -14.73 -3.42 -1.79
CA GLY B 195 -14.22 -2.70 -0.63
C GLY B 195 -12.75 -2.90 -0.36
N ALA B 196 -12.12 -3.79 -1.11
CA ALA B 196 -10.70 -4.02 -1.00
C ALA B 196 -10.14 -4.30 -2.37
N LEU B 197 -8.87 -3.94 -2.58
CA LEU B 197 -8.17 -4.27 -3.82
C LEU B 197 -7.74 -5.72 -3.77
N GLY B 198 -7.65 -6.37 -4.92
CA GLY B 198 -7.20 -7.74 -4.96
C GLY B 198 -8.32 -8.79 -4.79
N MET B 199 -9.55 -8.35 -4.75
CA MET B 199 -10.69 -9.25 -4.81
C MET B 199 -10.86 -9.75 -6.22
N ILE B 200 -11.40 -10.96 -6.41
CA ILE B 200 -11.68 -11.43 -7.77
C ILE B 200 -12.76 -10.59 -8.47
N PRO B 201 -12.68 -10.48 -9.80
CA PRO B 201 -13.59 -9.68 -10.56
C PRO B 201 -15.07 -10.01 -10.31
N GLU B 202 -15.41 -11.27 -10.13
CA GLU B 202 -16.77 -11.68 -9.90
C GLU B 202 -17.18 -11.70 -8.42
N ALA B 203 -16.35 -11.11 -7.55
CA ALA B 203 -16.55 -11.21 -6.09
C ALA B 203 -17.97 -10.84 -5.70
N LEU B 204 -18.40 -9.73 -6.26
CA LEU B 204 -19.67 -9.08 -5.94
C LEU B 204 -20.69 -9.26 -7.08
N ALA B 205 -20.46 -10.22 -7.96
CA ALA B 205 -21.36 -10.36 -9.11
C ALA B 205 -22.71 -10.92 -8.66
N HIS B 206 -22.79 -11.53 -7.46
CA HIS B 206 -24.07 -12.03 -6.91
C HIS B 206 -24.53 -11.25 -5.71
N THR B 207 -24.11 -10.00 -5.67
CA THR B 207 -24.40 -9.16 -4.53
C THR B 207 -25.01 -7.87 -5.03
N VAL B 208 -26.11 -7.48 -4.42
CA VAL B 208 -26.84 -6.28 -4.78
C VAL B 208 -26.91 -5.35 -3.59
N GLN B 209 -27.09 -4.07 -3.85
CA GLN B 209 -27.15 -3.12 -2.80
C GLN B 209 -28.26 -2.09 -3.01
N LEU B 210 -28.95 -1.79 -1.90
CA LEU B 210 -29.94 -0.75 -1.83
C LEU B 210 -29.57 0.25 -0.75
N GLY B 211 -30.19 1.42 -0.82
CA GLY B 211 -30.17 2.39 0.27
C GLY B 211 -30.92 1.87 1.50
N TRP B 212 -30.34 2.09 2.68
CA TRP B 212 -30.97 1.81 3.95
C TRP B 212 -32.27 2.59 4.05
N ASN B 213 -33.30 1.95 4.59
CA ASN B 213 -34.57 2.65 4.86
C ASN B 213 -35.20 3.28 3.60
N ASP B 214 -35.12 2.58 2.47
CA ASP B 214 -35.82 2.99 1.25
C ASP B 214 -36.83 1.87 0.82
N PRO B 215 -38.06 1.89 1.37
CA PRO B 215 -39.02 0.80 1.07
C PRO B 215 -39.40 0.68 -0.39
N ASP B 216 -39.39 1.78 -1.12
CA ASP B 216 -39.78 1.75 -2.54
C ASP B 216 -38.79 0.95 -3.35
N ALA B 217 -37.51 1.23 -3.19
CA ALA B 217 -36.48 0.48 -3.93
C ALA B 217 -36.52 -0.99 -3.54
N LEU B 218 -36.74 -1.24 -2.25
CA LEU B 218 -36.79 -2.61 -1.77
C LEU B 218 -37.96 -3.39 -2.41
N ARG B 219 -39.13 -2.77 -2.45
CA ARG B 219 -40.30 -3.41 -3.08
C ARG B 219 -40.06 -3.67 -4.56
N GLU B 220 -39.49 -2.68 -5.25
CA GLU B 220 -39.11 -2.82 -6.67
C GLU B 220 -38.18 -4.00 -6.94
N LEU B 221 -37.14 -4.10 -6.09
CA LEU B 221 -36.22 -5.21 -6.21
C LEU B 221 -36.94 -6.56 -6.02
N PHE B 222 -37.76 -6.72 -4.99
CA PHE B 222 -38.46 -7.99 -4.83
C PHE B 222 -39.52 -8.28 -5.90
N ALA B 223 -40.17 -7.22 -6.42
CA ALA B 223 -41.12 -7.41 -7.53
C ALA B 223 -40.42 -7.95 -8.75
N ARG B 224 -39.21 -7.47 -8.99
CA ARG B 224 -38.45 -7.89 -10.17
C ARG B 224 -37.71 -9.22 -9.97
N ASP B 225 -37.08 -9.39 -8.81
CA ASP B 225 -36.06 -10.44 -8.63
C ASP B 225 -36.23 -11.32 -7.41
N GLY B 226 -37.36 -11.17 -6.70
CA GLY B 226 -37.58 -11.93 -5.48
C GLY B 226 -37.30 -13.40 -5.62
N ASP B 227 -37.56 -13.94 -6.81
CA ASP B 227 -37.42 -15.39 -7.06
C ASP B 227 -35.94 -15.83 -7.08
N ARG B 228 -35.06 -14.89 -7.35
CA ARG B 228 -33.60 -15.14 -7.41
C ARG B 228 -32.84 -14.85 -6.10
N ILE B 229 -33.50 -14.30 -5.08
CA ILE B 229 -32.77 -13.79 -3.89
C ILE B 229 -32.58 -14.89 -2.87
N ALA B 230 -31.33 -15.24 -2.58
CA ALA B 230 -31.07 -16.25 -1.57
C ALA B 230 -31.23 -15.68 -0.18
N ALA B 231 -30.89 -14.40 -0.01
CA ALA B 231 -30.88 -13.78 1.32
C ALA B 231 -30.84 -12.30 1.24
N VAL B 232 -31.41 -11.66 2.25
CA VAL B 232 -31.16 -10.29 2.57
C VAL B 232 -30.42 -10.24 3.88
N ILE B 233 -29.29 -9.53 3.88
CA ILE B 233 -28.50 -9.37 5.09
C ILE B 233 -28.55 -7.91 5.46
N VAL B 234 -28.51 -7.63 6.76
CA VAL B 234 -28.84 -6.31 7.26
C VAL B 234 -28.38 -6.17 8.71
N GLU B 235 -27.78 -5.03 9.05
CA GLU B 235 -27.62 -4.57 10.43
C GLU B 235 -28.94 -3.99 10.84
N PRO B 236 -29.65 -4.65 11.77
CA PRO B 236 -31.05 -4.23 11.96
C PRO B 236 -31.17 -2.78 12.44
N VAL B 237 -30.20 -2.35 13.22
CA VAL B 237 -29.86 -0.97 13.41
C VAL B 237 -28.49 -0.72 12.76
N LEU B 238 -28.37 0.27 11.89
CA LEU B 238 -27.06 0.55 11.25
C LEU B 238 -26.13 1.17 12.27
N ALA B 239 -25.06 0.49 12.60
CA ALA B 239 -24.18 0.94 13.69
C ALA B 239 -22.71 1.04 13.22
N ASN B 240 -22.49 1.03 11.90
CA ASN B 240 -21.16 1.23 11.26
C ASN B 240 -21.03 2.45 10.36
N ALA B 241 -21.99 3.37 10.43
CA ALA B 241 -22.06 4.50 9.50
C ALA B 241 -23.07 5.46 10.10
N GLY B 242 -22.77 5.95 11.31
CA GLY B 242 -23.74 6.54 12.19
C GLY B 242 -24.45 5.38 12.88
N VAL B 243 -25.35 5.74 13.78
CA VAL B 243 -26.34 4.80 14.35
C VAL B 243 -27.67 5.22 13.73
N ILE B 244 -28.18 4.44 12.80
CA ILE B 244 -29.41 4.80 12.06
C ILE B 244 -30.39 3.65 12.21
N PRO B 245 -31.33 3.81 13.13
CA PRO B 245 -32.30 2.73 13.34
C PRO B 245 -33.04 2.44 12.07
N PRO B 246 -33.73 1.31 12.01
CA PRO B 246 -34.62 1.09 10.88
C PRO B 246 -35.78 2.06 10.95
N ALA B 247 -36.24 2.55 9.80
CA ALA B 247 -37.44 3.36 9.77
C ALA B 247 -38.59 2.47 10.30
N PRO B 248 -39.54 3.08 11.00
CA PRO B 248 -40.67 2.29 11.47
C PRO B 248 -41.33 1.47 10.35
N GLY B 249 -41.55 0.18 10.59
CA GLY B 249 -42.13 -0.72 9.59
C GLY B 249 -41.15 -1.33 8.60
N PHE B 250 -39.91 -0.84 8.58
CA PHE B 250 -38.95 -1.31 7.60
C PHE B 250 -38.53 -2.76 7.83
N LEU B 251 -38.19 -3.11 9.06
CA LEU B 251 -37.85 -4.51 9.34
C LEU B 251 -39.01 -5.46 9.03
N GLN B 252 -40.24 -5.02 9.31
CA GLN B 252 -41.44 -5.84 9.07
C GLN B 252 -41.65 -6.05 7.57
N LEU B 253 -41.43 -5.00 6.80
CA LEU B 253 -41.45 -5.13 5.37
C LEU B 253 -40.43 -6.15 4.87
N LEU B 254 -39.18 -6.01 5.31
CA LEU B 254 -38.16 -7.01 4.97
C LEU B 254 -38.58 -8.42 5.27
N ARG B 255 -39.12 -8.62 6.47
CA ARG B 255 -39.60 -9.94 6.91
C ARG B 255 -40.70 -10.44 5.96
N GLU B 256 -41.64 -9.58 5.62
CA GLU B 256 -42.70 -9.95 4.70
C GLU B 256 -42.19 -10.26 3.27
N LEU B 257 -41.33 -9.40 2.72
CA LEU B 257 -40.87 -9.63 1.34
C LEU B 257 -40.00 -10.87 1.22
N THR B 258 -39.14 -11.10 2.20
CA THR B 258 -38.32 -12.30 2.19
C THR B 258 -39.21 -13.53 2.35
N GLY B 259 -40.13 -13.48 3.31
CA GLY B 259 -40.99 -14.65 3.59
C GLY B 259 -41.79 -15.01 2.36
N ARG B 260 -42.33 -14.00 1.68
CA ARG B 260 -43.11 -14.25 0.46
C ARG B 260 -42.26 -14.81 -0.68
N SER B 261 -40.99 -14.39 -0.79
CA SER B 261 -40.17 -14.79 -1.93
C SER B 261 -39.42 -16.09 -1.73
N GLY B 262 -39.39 -16.61 -0.51
CA GLY B 262 -38.52 -17.76 -0.20
C GLY B 262 -37.05 -17.41 0.10
N ALA B 263 -36.76 -16.10 0.25
CA ALA B 263 -35.43 -15.66 0.59
C ALA B 263 -35.25 -15.72 2.10
N MET B 264 -34.05 -16.04 2.56
CA MET B 264 -33.71 -15.98 3.97
C MET B 264 -33.40 -14.56 4.45
N LEU B 265 -33.92 -14.21 5.62
CA LEU B 265 -33.62 -12.93 6.20
C LEU B 265 -32.56 -13.11 7.24
N VAL B 266 -31.44 -12.41 7.07
CA VAL B 266 -30.29 -12.56 7.97
C VAL B 266 -30.04 -11.29 8.69
N PHE B 267 -30.21 -11.33 10.00
CA PHE B 267 -29.87 -10.19 10.84
C PHE B 267 -28.42 -10.33 11.27
N ASP B 268 -27.59 -9.37 10.88
CA ASP B 268 -26.22 -9.27 11.39
C ASP B 268 -26.32 -8.51 12.70
N GLU B 269 -26.28 -9.24 13.82
CA GLU B 269 -26.38 -8.64 15.16
C GLU B 269 -25.04 -8.66 15.87
N VAL B 270 -23.97 -8.59 15.11
CA VAL B 270 -22.63 -8.55 15.69
C VAL B 270 -22.49 -7.41 16.66
N ILE B 271 -23.11 -6.28 16.34
CA ILE B 271 -23.10 -5.14 17.22
C ILE B 271 -24.35 -5.12 18.10
N THR B 272 -25.52 -5.25 17.48
CA THR B 272 -26.77 -5.07 18.19
C THR B 272 -27.09 -6.22 19.19
N GLY B 273 -26.51 -7.39 19.00
CA GLY B 273 -26.79 -8.54 19.84
C GLY B 273 -26.37 -8.25 21.26
N PHE B 274 -27.26 -8.61 22.22
CA PHE B 274 -27.01 -8.44 23.62
C PHE B 274 -26.64 -7.01 23.95
N ARG B 275 -27.03 -6.05 23.12
CA ARG B 275 -26.64 -4.68 23.31
C ARG B 275 -27.83 -3.75 23.36
N VAL B 276 -28.64 -3.78 22.32
CA VAL B 276 -29.80 -2.90 22.26
C VAL B 276 -30.96 -3.50 23.05
N ALA B 277 -30.78 -4.75 23.49
CA ALA B 277 -31.76 -5.52 24.30
C ALA B 277 -31.14 -6.87 24.47
N ARG B 278 -31.65 -7.58 25.43
CA ARG B 278 -31.08 -8.85 25.81
C ARG B 278 -31.12 -9.85 24.64
N GLY B 279 -32.26 -9.91 23.97
CA GLY B 279 -32.43 -10.66 22.72
C GLY B 279 -32.15 -9.86 21.46
N GLY B 280 -31.39 -8.79 21.58
CA GLY B 280 -30.97 -8.00 20.40
C GLY B 280 -32.06 -7.19 19.73
N ALA B 281 -31.76 -6.70 18.52
CA ALA B 281 -32.72 -5.92 17.75
C ALA B 281 -33.97 -6.76 17.43
N GLN B 282 -33.77 -8.03 17.16
CA GLN B 282 -34.87 -8.99 17.01
C GLN B 282 -35.96 -8.82 18.06
N GLU B 283 -35.55 -8.87 19.31
CA GLU B 283 -36.44 -8.71 20.41
C GLU B 283 -36.93 -7.27 20.51
N ARG B 284 -36.01 -6.30 20.45
CA ARG B 284 -36.39 -4.91 20.58
C ARG B 284 -37.43 -4.48 19.56
N TYR B 285 -37.31 -4.92 18.30
CA TYR B 285 -38.25 -4.49 17.30
C TYR B 285 -39.33 -5.52 17.01
N GLY B 286 -39.31 -6.65 17.69
CA GLY B 286 -40.35 -7.66 17.49
C GLY B 286 -40.35 -8.23 16.09
N VAL B 287 -39.19 -8.37 15.45
CA VAL B 287 -39.12 -9.04 14.16
C VAL B 287 -38.02 -10.09 14.18
N GLU B 288 -38.37 -11.32 13.83
CA GLU B 288 -37.49 -12.45 13.91
C GLU B 288 -36.96 -12.85 12.53
N PRO B 289 -35.62 -12.89 12.37
CA PRO B 289 -35.03 -13.25 11.08
C PRO B 289 -34.97 -14.75 10.93
N ASP B 290 -34.57 -15.24 9.77
CA ASP B 290 -34.29 -16.67 9.64
C ASP B 290 -32.94 -17.03 10.20
N LEU B 291 -31.94 -16.16 10.02
CA LEU B 291 -30.64 -16.39 10.67
C LEU B 291 -30.16 -15.16 11.36
N THR B 292 -29.41 -15.38 12.44
CA THR B 292 -28.85 -14.34 13.24
C THR B 292 -27.34 -14.56 13.36
N VAL B 293 -26.56 -13.49 13.17
CA VAL B 293 -25.15 -13.51 13.46
C VAL B 293 -24.89 -12.76 14.76
N LEU B 294 -24.07 -13.34 15.61
CA LEU B 294 -23.67 -12.76 16.90
C LEU B 294 -22.17 -12.74 17.09
N SER B 295 -21.71 -11.76 17.87
CA SER B 295 -20.31 -11.64 18.24
C SER B 295 -20.13 -10.56 19.35
N LYS B 296 -18.94 -9.98 19.43
CA LYS B 296 -18.70 -8.77 20.24
C LYS B 296 -19.17 -8.98 21.69
N VAL B 297 -20.35 -8.53 22.07
CA VAL B 297 -20.77 -8.58 23.48
C VAL B 297 -20.83 -10.03 23.93
N MET B 298 -21.23 -10.92 23.03
CA MET B 298 -21.42 -12.33 23.33
C MET B 298 -20.23 -12.95 24.04
N GLY B 299 -19.02 -12.58 23.63
CA GLY B 299 -17.80 -13.18 24.14
C GLY B 299 -16.97 -12.22 24.98
N GLY B 300 -17.52 -11.05 25.27
CA GLY B 300 -16.86 -10.10 26.13
C GLY B 300 -15.58 -9.51 25.55
N GLY B 301 -15.43 -9.52 24.24
CA GLY B 301 -14.17 -9.16 23.63
C GLY B 301 -13.12 -10.29 23.48
N PHE B 302 -13.45 -11.50 23.90
CA PHE B 302 -12.69 -12.67 23.46
C PHE B 302 -13.10 -12.97 22.02
N PRO B 303 -12.14 -13.28 21.15
CA PRO B 303 -12.59 -13.51 19.75
C PRO B 303 -13.50 -14.73 19.59
N VAL B 304 -14.79 -14.48 19.33
CA VAL B 304 -15.74 -15.57 19.12
C VAL B 304 -16.96 -15.00 18.47
N ALA B 305 -17.68 -15.84 17.75
CA ALA B 305 -18.87 -15.39 17.02
C ALA B 305 -19.75 -16.57 16.83
N ALA B 306 -20.93 -16.35 16.27
CA ALA B 306 -21.81 -17.48 16.00
C ALA B 306 -22.87 -17.09 15.02
N PHE B 307 -23.46 -18.07 14.37
CA PHE B 307 -24.69 -17.82 13.70
C PHE B 307 -25.61 -18.95 14.01
N GLY B 308 -26.89 -18.63 13.97
CA GLY B 308 -27.92 -19.61 14.26
C GLY B 308 -29.30 -19.13 13.89
N GLY B 309 -30.25 -19.98 14.24
CA GLY B 309 -31.63 -19.84 13.79
C GLY B 309 -32.51 -20.93 14.39
N ARG B 310 -33.76 -20.99 13.94
CA ARG B 310 -34.65 -22.09 14.29
C ARG B 310 -34.14 -23.34 13.59
N ARG B 311 -34.52 -24.51 14.13
CA ARG B 311 -34.22 -25.82 13.52
C ARG B 311 -34.50 -25.88 12.01
N HIS B 312 -35.64 -25.36 11.56
CA HIS B 312 -35.98 -25.39 10.14
C HIS B 312 -34.85 -24.72 9.31
N ALA B 313 -34.50 -23.47 9.67
CA ALA B 313 -33.44 -22.71 8.95
C ALA B 313 -32.05 -23.35 9.00
N MET B 314 -31.79 -24.17 10.02
CA MET B 314 -30.46 -24.72 10.24
C MET B 314 -30.25 -26.13 9.68
N ARG B 315 -31.19 -26.63 8.87
CA ARG B 315 -31.04 -27.94 8.18
C ARG B 315 -29.69 -28.09 7.47
N ALA B 325 -15.22 -24.97 9.27
CA ALA B 325 -14.94 -24.31 10.55
C ALA B 325 -13.48 -23.89 10.64
N GLY B 326 -13.26 -22.58 10.77
CA GLY B 326 -11.97 -22.07 11.26
C GLY B 326 -11.52 -22.90 12.45
N VAL B 327 -10.26 -23.33 12.46
CA VAL B 327 -9.84 -24.28 13.50
C VAL B 327 -10.03 -23.74 14.95
N TYR B 328 -9.95 -22.42 15.11
CA TYR B 328 -10.20 -21.80 16.40
C TYR B 328 -11.70 -21.76 16.77
N ALA B 329 -12.58 -22.03 15.79
CA ALA B 329 -14.04 -21.89 15.97
C ALA B 329 -14.64 -22.84 17.02
N GLY B 330 -15.03 -22.28 18.15
CA GLY B 330 -15.67 -23.04 19.19
C GLY B 330 -14.67 -23.55 20.19
N ASN B 331 -13.45 -23.02 20.22
CA ASN B 331 -12.48 -23.46 21.22
C ASN B 331 -12.96 -23.17 22.64
N HIS B 332 -12.40 -23.87 23.61
CA HIS B 332 -12.94 -23.91 24.96
C HIS B 332 -12.87 -22.59 25.71
N ALA B 333 -11.77 -21.84 25.56
CA ALA B 333 -11.71 -20.53 26.20
C ALA B 333 -12.78 -19.55 25.65
N ALA B 334 -13.02 -19.59 24.32
CA ALA B 334 -14.04 -18.76 23.66
C ALA B 334 -15.44 -19.08 24.22
N LEU B 335 -15.78 -20.37 24.25
CA LEU B 335 -17.07 -20.78 24.78
C LEU B 335 -17.20 -20.48 26.28
N ARG B 336 -16.09 -20.53 27.01
CA ARG B 336 -16.12 -20.16 28.42
C ARG B 336 -16.49 -18.69 28.59
N ALA B 337 -15.87 -17.84 27.79
CA ALA B 337 -16.13 -16.42 27.80
C ALA B 337 -17.61 -16.17 27.48
N VAL B 338 -18.15 -16.93 26.55
CA VAL B 338 -19.56 -16.82 26.21
C VAL B 338 -20.40 -17.22 27.42
N VAL B 339 -20.06 -18.32 28.08
CA VAL B 339 -20.82 -18.81 29.22
C VAL B 339 -20.78 -17.78 30.36
N ALA B 340 -19.60 -17.27 30.65
CA ALA B 340 -19.45 -16.25 31.70
C ALA B 340 -20.19 -14.96 31.35
N MET B 341 -20.08 -14.52 30.10
CA MET B 341 -20.72 -13.22 29.71
C MET B 341 -22.22 -13.32 29.62
N LEU B 342 -22.73 -14.35 28.91
CA LEU B 342 -24.17 -14.53 28.77
C LEU B 342 -24.80 -14.96 30.08
N GLY B 343 -24.06 -15.73 30.88
CA GLY B 343 -24.49 -16.03 32.25
C GLY B 343 -24.68 -14.77 33.05
N LYS B 344 -23.71 -13.87 32.97
CA LYS B 344 -23.80 -12.62 33.72
C LYS B 344 -25.00 -11.79 33.32
N ILE B 345 -25.19 -11.63 32.02
CA ILE B 345 -26.34 -10.88 31.47
C ILE B 345 -27.68 -11.54 31.82
N ARG B 346 -27.75 -12.85 31.71
CA ARG B 346 -28.94 -13.59 32.12
C ARG B 346 -29.31 -13.31 33.59
N SER B 347 -28.32 -13.12 34.46
CA SER B 347 -28.58 -12.80 35.87
C SER B 347 -29.00 -11.39 36.14
N LEU B 348 -28.99 -10.51 35.13
CA LEU B 348 -29.27 -9.10 35.37
C LEU B 348 -30.49 -8.70 34.57
N PRO B 349 -31.68 -9.07 35.05
CA PRO B 349 -32.88 -8.83 34.31
C PRO B 349 -33.23 -7.40 34.04
N ASP B 350 -32.68 -6.46 34.78
CA ASP B 350 -32.94 -5.05 34.51
C ASP B 350 -31.81 -4.35 33.79
N LEU B 351 -30.80 -5.11 33.37
CA LEU B 351 -29.59 -4.54 32.78
C LEU B 351 -29.88 -3.55 31.66
N TYR B 352 -30.78 -3.91 30.76
CA TYR B 352 -31.05 -3.06 29.62
C TYR B 352 -31.82 -1.80 29.99
N GLU B 353 -32.56 -1.83 31.10
CA GLU B 353 -33.20 -0.63 31.66
C GLU B 353 -32.14 0.30 32.22
N ARG B 354 -31.16 -0.28 32.90
CA ARG B 354 -30.07 0.48 33.45
C ARG B 354 -29.15 1.04 32.35
N LEU B 355 -28.85 0.22 31.34
CA LEU B 355 -28.07 0.73 30.18
C LEU B 355 -28.85 1.85 29.54
N GLU B 356 -30.17 1.68 29.38
CA GLU B 356 -30.98 2.76 28.80
C GLU B 356 -30.79 4.07 29.55
N ASP B 357 -30.79 4.02 30.90
CA ASP B 357 -30.61 5.23 31.73
C ASP B 357 -29.23 5.90 31.61
N THR B 358 -28.16 5.10 31.52
CA THR B 358 -26.85 5.59 31.15
C THR B 358 -26.86 6.30 29.80
N GLY B 359 -27.48 5.67 28.80
CA GLY B 359 -27.58 6.23 27.45
C GLY B 359 -28.29 7.55 27.45
N GLN B 360 -29.46 7.60 28.10
CA GLN B 360 -30.23 8.82 28.22
C GLN B 360 -29.45 9.94 28.90
N TYR B 361 -28.81 9.62 30.05
CA TYR B 361 -28.09 10.62 30.77
C TYR B 361 -26.93 11.21 29.92
N MET B 362 -26.23 10.36 29.18
CA MET B 362 -25.17 10.82 28.26
C MET B 362 -25.74 11.69 27.14
N GLU B 363 -26.80 11.23 26.51
CA GLU B 363 -27.40 11.97 25.44
C GLU B 363 -27.85 13.37 25.91
N ASP B 364 -28.53 13.42 27.06
CA ASP B 364 -29.02 14.71 27.60
C ASP B 364 -27.85 15.63 27.91
N THR B 365 -26.86 15.08 28.60
CA THR B 365 -25.65 15.82 28.93
C THR B 365 -24.95 16.42 27.69
N VAL B 366 -24.71 15.60 26.70
CA VAL B 366 -23.99 16.04 25.53
C VAL B 366 -24.83 17.11 24.80
N ARG B 367 -26.13 16.89 24.69
CA ARG B 367 -27.00 17.86 24.02
C ARG B 367 -26.96 19.24 24.69
N GLU B 368 -26.97 19.22 26.01
CA GLU B 368 -26.92 20.45 26.77
C GLU B 368 -25.62 21.22 26.56
N VAL B 369 -24.50 20.52 26.57
CA VAL B 369 -23.21 21.15 26.37
C VAL B 369 -23.10 21.77 24.98
N PHE B 370 -23.53 21.03 23.98
CA PHE B 370 -23.52 21.58 22.62
C PHE B 370 -24.51 22.75 22.48
N ALA B 371 -25.71 22.61 23.01
CA ALA B 371 -26.67 23.71 22.90
C ALA B 371 -26.13 24.96 23.61
N THR B 372 -25.47 24.75 24.74
CA THR B 372 -24.88 25.86 25.51
C THR B 372 -23.78 26.61 24.75
N GLU B 373 -23.03 25.90 23.91
CA GLU B 373 -22.03 26.56 23.05
C GLU B 373 -22.59 26.91 21.69
N LYS B 374 -23.90 26.79 21.55
CA LYS B 374 -24.57 27.05 20.27
C LYS B 374 -23.91 26.33 19.08
N ARG B 375 -23.51 25.09 19.27
CA ARG B 375 -22.93 24.29 18.18
C ARG B 375 -23.94 23.23 17.78
N PRO B 376 -24.40 23.28 16.54
CA PRO B 376 -25.34 22.24 16.16
C PRO B 376 -24.70 20.84 16.15
N VAL B 377 -25.46 19.84 16.52
CA VAL B 377 -24.96 18.51 16.67
C VAL B 377 -26.06 17.51 16.27
N HIS B 378 -25.68 16.38 15.72
CA HIS B 378 -26.64 15.31 15.48
C HIS B 378 -26.31 14.16 16.39
N ILE B 379 -27.32 13.67 17.08
CA ILE B 379 -27.19 12.54 17.98
C ILE B 379 -28.30 11.55 17.77
N ASN B 380 -27.92 10.33 17.39
CA ASN B 380 -28.80 9.18 17.39
C ASN B 380 -28.37 8.19 18.46
N ARG B 381 -29.34 7.60 19.15
CA ARG B 381 -29.06 6.65 20.21
C ARG B 381 -30.04 5.50 20.15
N VAL B 382 -29.52 4.30 20.29
CA VAL B 382 -30.31 3.14 20.64
C VAL B 382 -29.64 2.48 21.85
N GLY B 383 -30.21 2.66 23.04
CA GLY B 383 -29.59 2.17 24.24
C GLY B 383 -28.24 2.82 24.47
N THR B 384 -27.19 2.01 24.59
CA THR B 384 -25.85 2.52 24.83
C THR B 384 -25.02 2.70 23.55
N LEU B 385 -25.67 2.42 22.42
CA LEU B 385 -25.13 2.61 21.10
C LEU B 385 -25.56 4.04 20.69
N MET B 386 -24.61 4.87 20.29
CA MET B 386 -24.89 6.26 20.09
C MET B 386 -23.86 7.01 19.17
N SER B 387 -24.35 7.75 18.20
CA SER B 387 -23.47 8.54 17.31
C SER B 387 -23.64 10.01 17.68
N VAL B 388 -22.53 10.72 17.71
CA VAL B 388 -22.48 12.14 18.01
C VAL B 388 -21.66 12.83 16.90
N ALA B 389 -22.26 13.78 16.19
CA ALA B 389 -21.66 14.39 15.03
C ALA B 389 -21.93 15.89 15.00
N LEU B 390 -20.85 16.66 14.91
CA LEU B 390 -20.92 18.10 14.77
C LEU B 390 -21.44 18.42 13.37
N LEU B 391 -22.43 19.30 13.28
CA LEU B 391 -22.98 19.68 11.99
C LEU B 391 -22.38 20.97 11.41
N LYS B 392 -22.43 21.07 10.09
CA LYS B 392 -22.06 22.27 9.32
C LYS B 392 -22.99 23.44 9.67
N GLU B 400 -34.76 14.39 10.11
CA GLU B 400 -33.98 13.23 10.55
C GLU B 400 -33.42 12.45 9.36
N PRO B 401 -32.09 12.38 9.24
CA PRO B 401 -31.50 11.50 8.20
C PRO B 401 -31.88 10.02 8.31
N ARG B 402 -32.29 9.41 7.20
CA ARG B 402 -32.71 7.99 7.22
C ARG B 402 -31.61 7.04 6.75
N ASP B 403 -30.56 7.60 6.14
CA ASP B 403 -29.47 6.80 5.62
C ASP B 403 -28.16 7.56 5.72
N LEU B 404 -27.10 6.91 5.32
CA LEU B 404 -25.76 7.44 5.42
C LEU B 404 -25.57 8.70 4.64
N ARG B 405 -26.09 8.70 3.42
CA ARG B 405 -25.93 9.83 2.50
C ARG B 405 -26.53 11.08 3.13
N GLN B 406 -27.77 10.96 3.61
CA GLN B 406 -28.42 12.09 4.27
C GLN B 406 -27.67 12.56 5.52
N LEU B 407 -27.16 11.62 6.32
CA LEU B 407 -26.43 11.98 7.54
C LEU B 407 -25.06 12.63 7.21
N ALA B 408 -24.28 11.99 6.36
CA ALA B 408 -22.96 12.50 5.97
C ALA B 408 -23.05 13.91 5.39
N ALA B 409 -24.04 14.16 4.54
CA ALA B 409 -24.25 15.50 3.96
C ALA B 409 -24.34 16.59 5.00
N LEU B 410 -24.86 16.29 6.20
CA LEU B 410 -25.05 17.31 7.24
C LEU B 410 -23.84 17.54 8.11
N VAL B 411 -22.92 16.57 8.14
CA VAL B 411 -21.83 16.56 9.12
C VAL B 411 -20.62 17.38 8.65
N ASP B 412 -20.00 18.08 9.60
CA ASP B 412 -18.74 18.83 9.39
C ASP B 412 -17.56 17.96 9.82
N PHE B 413 -17.06 17.14 8.92
CA PHE B 413 -16.07 16.16 9.29
C PHE B 413 -14.78 16.75 9.80
N PRO B 414 -14.19 17.73 9.08
CA PRO B 414 -12.92 18.33 9.55
C PRO B 414 -13.01 18.90 10.97
N ARG B 415 -14.07 19.67 11.24
CA ARG B 415 -14.23 20.22 12.59
C ARG B 415 -14.46 19.15 13.63
N HIS B 416 -15.15 18.09 13.25
CA HIS B 416 -15.37 17.01 14.21
C HIS B 416 -14.04 16.34 14.53
N ARG B 417 -13.18 16.14 13.54
CA ARG B 417 -11.79 15.67 13.82
C ARG B 417 -11.04 16.59 14.76
N ARG B 418 -11.16 17.90 14.53
CA ARG B 418 -10.49 18.89 15.38
C ARG B 418 -11.04 18.78 16.80
N LEU B 419 -12.34 18.69 16.94
CA LEU B 419 -12.96 18.46 18.25
C LEU B 419 -12.37 17.22 18.92
N GLN B 420 -12.19 16.16 18.16
CA GLN B 420 -11.69 14.92 18.73
C GLN B 420 -10.29 15.08 19.32
N THR B 421 -9.44 15.78 18.55
CA THR B 421 -8.09 16.11 19.02
C THR B 421 -8.14 16.86 20.35
N LEU B 422 -8.95 17.89 20.40
CA LEU B 422 -9.12 18.67 21.61
C LEU B 422 -9.67 17.85 22.77
N ALA B 423 -10.69 17.01 22.54
CA ALA B 423 -11.28 16.19 23.60
C ALA B 423 -10.25 15.20 24.11
N GLN B 424 -9.41 14.68 23.21
CA GLN B 424 -8.39 13.77 23.65
C GLN B 424 -7.38 14.44 24.60
N LYS B 425 -6.96 15.68 24.28
CA LYS B 425 -6.10 16.45 25.19
C LYS B 425 -6.79 16.70 26.52
N GLU B 426 -8.10 16.85 26.51
CA GLU B 426 -8.88 16.98 27.74
C GLU B 426 -9.13 15.67 28.47
N GLY B 427 -8.62 14.54 27.96
CA GLY B 427 -8.86 13.25 28.61
C GLY B 427 -10.14 12.48 28.24
N VAL B 428 -10.68 12.73 27.05
CA VAL B 428 -11.80 11.94 26.51
C VAL B 428 -11.52 11.47 25.07
N TYR B 429 -11.57 10.15 24.88
CA TYR B 429 -11.36 9.57 23.56
C TYR B 429 -12.69 9.17 22.90
N PHE B 430 -12.95 9.72 21.74
CA PHE B 430 -13.89 9.12 20.78
C PHE B 430 -13.20 9.07 19.42
N HIS B 431 -13.68 8.23 18.53
CA HIS B 431 -13.06 8.09 17.21
C HIS B 431 -13.24 9.40 16.43
N PRO B 432 -12.20 9.84 15.70
CA PRO B 432 -12.23 11.16 15.01
C PRO B 432 -13.23 11.28 13.88
N ASN B 433 -13.61 10.16 13.28
CA ASN B 433 -14.65 10.12 12.31
C ASN B 433 -16.01 10.13 13.00
N ALA B 434 -16.77 11.19 12.74
CA ALA B 434 -18.09 11.41 13.38
C ALA B 434 -19.13 10.31 13.13
N LEU B 435 -18.93 9.50 12.11
CA LEU B 435 -19.80 8.34 11.84
C LEU B 435 -19.45 7.10 12.65
N GLU B 436 -18.30 7.09 13.34
CA GLU B 436 -18.01 5.96 14.21
C GLU B 436 -18.70 6.18 15.56
N PRO B 437 -19.57 5.25 15.94
CA PRO B 437 -20.34 5.50 17.17
C PRO B 437 -19.58 5.39 18.46
N TRP B 438 -20.20 5.92 19.51
CA TRP B 438 -19.81 5.61 20.89
C TRP B 438 -20.52 4.31 21.39
N PHE B 439 -19.80 3.52 22.21
CA PHE B 439 -20.36 2.32 22.84
C PHE B 439 -20.22 2.44 24.37
N LEU B 440 -21.29 2.86 25.03
CA LEU B 440 -21.27 3.05 26.47
C LEU B 440 -21.42 1.72 27.21
N SER B 441 -20.98 1.73 28.44
CA SER B 441 -20.92 0.55 29.29
C SER B 441 -21.48 0.89 30.68
N THR B 442 -21.65 -0.14 31.52
CA THR B 442 -22.12 0.10 32.90
C THR B 442 -21.02 0.80 33.67
N ALA B 443 -19.79 0.84 33.13
CA ALA B 443 -18.73 1.64 33.78
C ALA B 443 -18.76 3.12 33.43
N HIS B 444 -19.59 3.53 32.47
CA HIS B 444 -19.86 4.96 32.24
C HIS B 444 -20.95 5.46 33.20
N THR B 445 -20.56 5.67 34.46
CA THR B 445 -21.48 6.10 35.53
C THR B 445 -21.81 7.57 35.37
N ARG B 446 -22.77 8.03 36.15
CA ARG B 446 -23.14 9.42 36.14
C ARG B 446 -21.98 10.34 36.40
N ASP B 447 -21.08 9.94 37.28
CA ASP B 447 -19.95 10.81 37.53
C ASP B 447 -18.98 10.81 36.37
N VAL B 448 -18.86 9.69 35.67
CA VAL B 448 -17.97 9.66 34.53
C VAL B 448 -18.55 10.60 33.49
N ILE B 449 -19.85 10.54 33.32
CA ILE B 449 -20.52 11.33 32.29
C ILE B 449 -20.43 12.81 32.59
N ASP B 450 -20.59 13.18 33.86
CA ASP B 450 -20.39 14.58 34.29
C ASP B 450 -18.96 15.01 33.91
N LYS B 451 -17.95 14.18 34.16
CA LYS B 451 -16.60 14.52 33.77
C LYS B 451 -16.50 14.66 32.24
N VAL B 452 -17.18 13.79 31.50
CA VAL B 452 -17.13 13.88 30.03
C VAL B 452 -17.70 15.22 29.58
N ALA B 453 -18.79 15.63 30.22
CA ALA B 453 -19.43 16.91 29.95
C ALA B 453 -18.45 18.07 30.13
N GLY B 454 -17.72 18.11 31.23
CA GLY B 454 -16.72 19.16 31.45
C GLY B 454 -15.65 19.16 30.36
N ALA B 455 -15.17 17.97 30.03
CA ALA B 455 -14.15 17.84 29.02
C ALA B 455 -14.65 18.28 27.65
N LEU B 456 -15.88 17.92 27.31
CA LEU B 456 -16.42 18.29 26.00
C LEU B 456 -16.65 19.80 25.91
N GLN B 457 -17.10 20.41 27.01
CA GLN B 457 -17.27 21.87 27.06
C GLN B 457 -15.93 22.61 26.91
N ARG B 458 -14.92 22.18 27.65
CA ARG B 458 -13.59 22.75 27.52
C ARG B 458 -13.07 22.54 26.08
N SER B 459 -13.43 21.43 25.42
CA SER B 459 -13.04 21.20 24.02
C SER B 459 -13.74 22.14 23.03
N LEU B 460 -15.05 22.32 23.20
CA LEU B 460 -15.85 23.12 22.27
C LEU B 460 -15.45 24.56 22.28
N VAL B 461 -15.27 25.10 23.48
CA VAL B 461 -14.73 26.45 23.68
C VAL B 461 -13.40 26.64 22.93
N GLY B 462 -12.60 25.57 22.85
CA GLY B 462 -11.34 25.61 22.12
C GLY B 462 -11.46 25.50 20.62
N LEU B 463 -12.67 25.24 20.12
CA LEU B 463 -12.88 24.94 18.72
C LEU B 463 -13.03 26.24 17.95
N PRO C 58 15.36 42.29 -26.22
CA PRO C 58 16.24 41.16 -25.88
C PRO C 58 16.15 40.84 -24.40
N LEU C 59 15.63 39.66 -24.01
CA LEU C 59 15.45 39.41 -22.55
C LEU C 59 16.12 38.21 -21.86
N VAL C 60 17.30 38.47 -21.32
CA VAL C 60 18.06 37.53 -20.55
C VAL C 60 18.09 38.10 -19.12
N VAL C 61 17.66 37.27 -18.16
CA VAL C 61 17.52 37.70 -16.78
C VAL C 61 18.83 37.69 -16.03
N ARG C 62 19.00 38.70 -15.19
CA ARG C 62 20.14 38.84 -14.29
C ARG C 62 19.71 38.61 -12.85
N SER C 63 18.60 39.22 -12.46
CA SER C 63 18.01 38.88 -11.18
C SER C 63 16.52 39.16 -11.17
N ALA C 64 15.88 38.83 -10.05
CA ALA C 64 14.47 39.04 -9.93
C ALA C 64 14.06 39.10 -8.50
N GLY C 65 13.07 39.94 -8.20
CA GLY C 65 12.65 40.16 -6.81
C GLY C 65 11.28 40.80 -6.87
N GLY C 66 10.34 40.30 -6.09
CA GLY C 66 8.97 40.76 -6.19
C GLY C 66 8.33 40.50 -7.58
N CYS C 67 7.86 41.54 -8.26
CA CYS C 67 7.36 41.41 -9.58
C CYS C 67 8.36 41.97 -10.61
N LEU C 68 9.61 42.15 -10.25
CA LEU C 68 10.59 42.87 -11.08
C LEU C 68 11.71 42.00 -11.54
N LEU C 69 12.00 42.08 -12.85
CA LEU C 69 13.19 41.44 -13.40
C LEU C 69 14.26 42.52 -13.61
N ARG C 70 15.52 42.13 -13.54
CA ARG C 70 16.64 42.93 -14.05
C ARG C 70 17.27 42.15 -15.14
N ASP C 71 17.32 42.71 -16.35
CA ASP C 71 17.99 42.01 -17.47
C ASP C 71 19.50 42.26 -17.44
N VAL C 72 20.22 41.67 -18.39
CA VAL C 72 21.69 41.75 -18.43
C VAL C 72 22.23 43.12 -18.88
N GLU C 73 21.33 43.98 -19.33
CA GLU C 73 21.63 45.38 -19.59
C GLU C 73 21.40 46.22 -18.35
N ASP C 74 21.13 45.57 -17.22
CA ASP C 74 20.61 46.27 -16.01
C ASP C 74 19.30 47.03 -16.19
N GLY C 75 18.54 46.70 -17.24
CA GLY C 75 17.17 47.26 -17.38
C GLY C 75 16.25 46.61 -16.34
N GLU C 76 15.20 47.34 -15.93
CA GLU C 76 14.20 46.82 -15.04
C GLU C 76 12.90 46.54 -15.75
N ILE C 77 12.22 45.45 -15.40
CA ILE C 77 10.97 45.07 -16.08
C ILE C 77 9.94 44.51 -15.08
N ILE C 78 8.70 44.99 -15.19
CA ILE C 78 7.62 44.44 -14.42
C ILE C 78 7.17 43.19 -15.16
N ASP C 79 7.12 42.07 -14.44
CA ASP C 79 6.81 40.76 -15.00
C ASP C 79 5.36 40.38 -14.71
N LEU C 80 4.59 40.15 -15.77
CA LEU C 80 3.20 39.66 -15.65
C LEU C 80 3.07 38.13 -15.81
N ASN C 81 4.14 37.52 -16.28
CA ASN C 81 4.20 36.08 -16.52
C ASN C 81 4.59 35.32 -15.24
N MET C 82 5.51 35.91 -14.50
CA MET C 82 5.93 35.38 -13.25
C MET C 82 6.35 33.89 -13.28
N GLY C 83 7.05 33.49 -14.33
CA GLY C 83 7.58 32.15 -14.38
C GLY C 83 6.49 31.09 -14.47
N TYR C 84 5.31 31.47 -14.96
CA TYR C 84 4.27 30.52 -15.35
C TYR C 84 3.57 29.85 -14.16
N GLY C 85 3.49 30.54 -13.02
CA GLY C 85 2.54 30.11 -12.01
C GLY C 85 2.90 29.85 -10.58
N PRO C 86 4.16 29.57 -10.28
CA PRO C 86 4.46 29.18 -8.88
C PRO C 86 4.58 30.30 -7.84
N HIS C 87 4.74 31.54 -8.26
CA HIS C 87 5.14 32.64 -7.36
C HIS C 87 3.97 33.50 -6.91
N LEU C 88 3.15 32.95 -6.04
CA LEU C 88 2.01 33.65 -5.47
C LEU C 88 2.39 34.89 -4.70
N PHE C 89 3.57 34.91 -4.09
CA PHE C 89 4.03 36.09 -3.36
C PHE C 89 5.15 36.81 -4.09
N GLY C 90 5.37 36.49 -5.35
CA GLY C 90 6.42 37.17 -6.10
C GLY C 90 7.74 36.49 -5.97
N TYR C 91 8.74 37.06 -6.64
CA TYR C 91 10.04 36.44 -6.72
C TYR C 91 10.81 36.72 -5.42
N ALA C 92 11.83 35.89 -5.15
CA ALA C 92 12.71 36.05 -3.99
C ALA C 92 11.96 36.21 -2.69
N ASP C 93 10.95 35.38 -2.48
CA ASP C 93 10.18 35.39 -1.24
C ASP C 93 11.06 34.84 -0.12
N ARG C 94 11.34 35.68 0.86
CA ARG C 94 12.30 35.33 1.90
C ARG C 94 11.83 34.25 2.84
N GLU C 95 10.55 34.26 3.18
CA GLU C 95 10.03 33.21 4.08
C GLU C 95 10.28 31.82 3.48
N VAL C 96 10.16 31.71 2.17
CA VAL C 96 10.38 30.43 1.48
C VAL C 96 11.84 30.14 1.19
N LEU C 97 12.55 31.12 0.65
CA LEU C 97 13.98 31.09 0.43
C LEU C 97 14.79 30.67 1.65
N ASP C 98 14.54 31.35 2.77
CA ASP C 98 15.28 31.09 4.00
C ASP C 98 15.11 29.62 4.40
N ALA C 99 13.90 29.10 4.30
CA ALA C 99 13.66 27.69 4.64
C ALA C 99 14.38 26.72 3.69
N VAL C 100 14.35 27.01 2.38
CA VAL C 100 14.98 26.09 1.41
C VAL C 100 16.50 26.12 1.56
N ALA C 101 17.07 27.31 1.71
CA ALA C 101 18.51 27.44 1.93
C ALA C 101 18.94 26.71 3.19
N ASP C 102 18.13 26.88 4.24
CA ASP C 102 18.39 26.19 5.47
C ASP C 102 18.46 24.66 5.23
N GLN C 103 17.55 24.13 4.41
CA GLN C 103 17.52 22.65 4.20
C GLN C 103 18.71 22.17 3.39
N PHE C 104 19.20 23.02 2.49
CA PHE C 104 20.47 22.72 1.85
C PHE C 104 21.61 22.57 2.85
N ALA C 105 21.63 23.43 3.84
CA ALA C 105 22.66 23.37 4.89
C ALA C 105 22.54 22.13 5.78
N LYS C 106 21.35 21.52 5.82
CA LYS C 106 21.07 20.39 6.71
C LYS C 106 20.82 19.06 6.00
N GLY C 107 21.12 18.98 4.72
CA GLY C 107 20.87 17.77 3.95
C GLY C 107 19.65 17.86 3.04
N HIS C 108 19.87 18.06 1.75
CA HIS C 108 18.74 18.22 0.82
C HIS C 108 18.24 16.94 0.17
N MET C 109 19.04 15.87 0.25
CA MET C 109 18.69 14.63 -0.37
C MET C 109 19.45 13.41 0.12
N THR C 110 18.77 12.59 0.89
CA THR C 110 19.33 11.34 1.42
C THR C 110 18.69 10.09 0.81
N GLY C 111 17.63 10.29 0.02
CA GLY C 111 16.84 9.18 -0.49
C GLY C 111 16.10 8.37 0.55
N LEU C 112 16.03 8.87 1.80
CA LEU C 112 15.40 8.15 2.91
C LEU C 112 14.16 8.91 3.43
N PRO C 113 13.30 8.22 4.21
CA PRO C 113 12.23 8.94 4.89
C PRO C 113 12.78 10.09 5.79
N HIS C 114 12.08 11.22 5.82
CA HIS C 114 12.48 12.41 6.58
C HIS C 114 11.31 12.93 7.42
N GLU C 115 11.57 13.63 8.53
CA GLU C 115 10.49 14.23 9.34
C GLU C 115 9.56 15.13 8.52
N LEU C 116 10.12 15.82 7.54
CA LEU C 116 9.37 16.75 6.70
C LEU C 116 8.23 16.06 5.91
N ASP C 117 8.42 14.79 5.58
CA ASP C 117 7.46 14.04 4.76
C ASP C 117 6.07 14.13 5.32
N ALA C 118 5.94 13.82 6.61
CA ALA C 118 4.67 13.85 7.28
C ALA C 118 4.09 15.27 7.38
N ARG C 119 4.95 16.27 7.55
CA ARG C 119 4.48 17.66 7.64
C ARG C 119 3.95 18.19 6.32
N ALA C 120 4.63 17.90 5.22
CA ALA C 120 4.18 18.37 3.92
C ALA C 120 2.84 17.71 3.59
N GLY C 121 2.75 16.41 3.80
CA GLY C 121 1.52 15.65 3.57
C GLY C 121 0.37 16.17 4.36
N ALA C 122 0.63 16.50 5.63
CA ALA C 122 -0.45 16.97 6.49
C ALA C 122 -0.92 18.36 6.07
N LEU C 123 0.00 19.25 5.67
CA LEU C 123 -0.46 20.56 5.17
C LEU C 123 -1.31 20.46 3.90
N ILE C 124 -0.94 19.58 2.97
CA ILE C 124 -1.73 19.46 1.74
C ILE C 124 -3.11 18.93 2.09
N ALA C 125 -3.14 17.87 2.92
CA ALA C 125 -4.44 17.29 3.38
C ALA C 125 -5.31 18.30 4.07
N GLU C 126 -4.70 19.17 4.86
CA GLU C 126 -5.47 20.20 5.53
C GLU C 126 -6.08 21.24 4.53
N LEU C 127 -5.26 21.77 3.63
CA LEU C 127 -5.72 22.80 2.72
C LEU C 127 -6.55 22.25 1.55
N VAL C 128 -6.28 21.04 1.11
CA VAL C 128 -7.02 20.55 -0.06
C VAL C 128 -8.06 19.50 0.37
N PRO C 129 -9.36 19.83 0.27
CA PRO C 129 -10.45 19.00 0.84
C PRO C 129 -10.39 17.53 0.38
N GLY C 130 -10.31 17.34 -0.94
CA GLY C 130 -10.30 16.01 -1.52
C GLY C 130 -9.00 15.23 -1.37
N VAL C 131 -8.01 15.78 -0.68
CA VAL C 131 -6.75 15.09 -0.54
C VAL C 131 -6.57 14.66 0.90
N GLU C 132 -6.30 13.35 1.08
CA GLU C 132 -6.06 12.77 2.38
C GLU C 132 -4.70 12.11 2.42
N GLN C 133 -4.32 11.42 1.33
CA GLN C 133 -2.99 10.87 1.17
C GLN C 133 -2.42 11.42 -0.09
N VAL C 134 -1.10 11.59 -0.11
CA VAL C 134 -0.40 12.12 -1.26
C VAL C 134 0.82 11.29 -1.58
N ARG C 135 1.22 11.29 -2.84
CA ARG C 135 2.48 10.75 -3.28
C ARG C 135 3.22 11.89 -4.01
N PHE C 136 4.51 12.08 -3.70
CA PHE C 136 5.28 13.16 -4.27
C PHE C 136 5.98 12.73 -5.51
N ALA C 137 6.31 13.71 -6.32
CA ALA C 137 6.98 13.47 -7.57
C ALA C 137 7.84 14.70 -7.86
N ASN C 138 8.64 14.59 -8.91
CA ASN C 138 9.56 15.64 -9.29
C ASN C 138 8.95 16.66 -10.18
N SER C 139 7.87 16.31 -10.85
CA SER C 139 7.25 17.21 -11.84
C SER C 139 5.78 16.91 -12.05
N GLY C 140 5.07 17.86 -12.66
CA GLY C 140 3.68 17.68 -12.92
C GLY C 140 3.51 16.51 -13.91
N THR C 141 4.39 16.44 -14.89
CA THR C 141 4.38 15.36 -15.83
C THR C 141 4.40 13.98 -15.16
N GLU C 142 5.29 13.82 -14.18
CA GLU C 142 5.43 12.56 -13.45
C GLU C 142 4.17 12.24 -12.59
N ALA C 143 3.66 13.26 -11.90
CA ALA C 143 2.50 13.11 -11.07
C ALA C 143 1.30 12.71 -11.93
N VAL C 144 1.17 13.32 -13.11
CA VAL C 144 0.11 12.95 -14.04
C VAL C 144 0.27 11.51 -14.46
N ALA C 145 1.47 11.14 -14.86
CA ALA C 145 1.67 9.75 -15.32
C ALA C 145 1.30 8.74 -14.22
N SER C 146 1.73 9.02 -12.98
CA SER C 146 1.44 8.15 -11.84
C SER C 146 -0.05 8.14 -11.52
N ALA C 147 -0.70 9.29 -11.59
CA ALA C 147 -2.12 9.32 -11.35
C ALA C 147 -2.85 8.46 -12.36
N LEU C 148 -2.46 8.58 -13.61
CA LEU C 148 -3.20 7.87 -14.66
C LEU C 148 -2.93 6.38 -14.59
N ARG C 149 -1.70 5.99 -14.27
CA ARG C 149 -1.44 4.59 -14.04
C ARG C 149 -2.28 4.03 -12.89
N LEU C 150 -2.40 4.81 -11.81
CA LEU C 150 -3.22 4.43 -10.69
C LEU C 150 -4.68 4.22 -11.12
N ALA C 151 -5.22 5.13 -11.91
CA ALA C 151 -6.57 4.98 -12.37
C ALA C 151 -6.74 3.73 -13.27
N ARG C 152 -5.83 3.51 -14.20
CA ARG C 152 -5.92 2.37 -15.11
C ARG C 152 -5.83 1.04 -14.28
N ALA C 153 -4.95 1.03 -13.29
CA ALA C 153 -4.72 -0.14 -12.49
C ALA C 153 -5.87 -0.43 -11.55
N THR C 154 -6.41 0.62 -10.95
CA THR C 154 -7.50 0.56 -10.02
C THR C 154 -8.81 0.14 -10.69
N THR C 155 -9.11 0.67 -11.89
CA THR C 155 -10.35 0.33 -12.58
C THR C 155 -10.23 -0.88 -13.47
N GLY C 156 -9.00 -1.30 -13.81
CA GLY C 156 -8.82 -2.36 -14.79
C GLY C 156 -9.13 -1.93 -16.22
N ARG C 157 -9.16 -0.64 -16.48
CA ARG C 157 -9.55 -0.15 -17.78
C ARG C 157 -8.34 0.62 -18.33
N THR C 158 -8.39 0.94 -19.60
CA THR C 158 -7.24 1.60 -20.23
C THR C 158 -7.54 2.98 -20.75
N LEU C 159 -8.80 3.29 -21.04
CA LEU C 159 -9.09 4.53 -21.77
C LEU C 159 -9.02 5.75 -20.89
N VAL C 160 -8.31 6.76 -21.36
CA VAL C 160 -8.26 8.04 -20.67
C VAL C 160 -8.83 9.11 -21.55
N VAL C 161 -9.74 9.90 -20.98
CA VAL C 161 -10.32 11.04 -21.69
C VAL C 161 -9.57 12.34 -21.35
N THR C 162 -9.24 13.11 -22.40
CA THR C 162 -8.64 14.44 -22.27
C THR C 162 -9.49 15.46 -23.02
N PHE C 163 -9.21 16.74 -22.78
CA PHE C 163 -9.88 17.84 -23.49
C PHE C 163 -8.89 18.65 -24.31
N GLU C 164 -9.33 19.09 -25.48
CA GLU C 164 -8.46 19.83 -26.40
C GLU C 164 -7.92 21.11 -25.79
N GLY C 165 -6.62 21.23 -25.82
CA GLY C 165 -5.94 22.42 -25.29
C GLY C 165 -5.49 22.23 -23.86
N HIS C 166 -6.05 21.19 -23.19
CA HIS C 166 -5.66 20.87 -21.85
C HIS C 166 -4.31 20.15 -21.89
N TYR C 167 -3.37 20.64 -21.08
CA TYR C 167 -2.01 20.14 -21.10
C TYR C 167 -1.70 19.45 -19.78
N HIS C 168 -1.19 18.23 -19.87
CA HIS C 168 -0.93 17.38 -18.72
C HIS C 168 0.50 16.84 -18.67
N GLY C 169 1.41 17.59 -19.30
CA GLY C 169 2.80 17.21 -19.36
C GLY C 169 3.14 16.35 -20.56
N TRP C 170 4.36 15.79 -20.54
CA TRP C 170 4.98 15.25 -21.76
C TRP C 170 4.93 13.73 -21.82
N SER C 171 4.29 13.08 -20.85
CA SER C 171 4.34 11.63 -20.81
C SER C 171 3.66 11.02 -22.04
N GLU C 172 4.01 9.78 -22.29
CA GLU C 172 3.71 9.07 -23.53
C GLU C 172 2.20 8.96 -23.84
N THR C 173 1.36 8.81 -22.80
CA THR C 173 -0.07 8.51 -23.05
C THR C 173 -0.95 9.75 -23.11
N VAL C 174 -0.42 10.91 -22.74
CA VAL C 174 -1.18 12.14 -22.78
C VAL C 174 -0.66 13.23 -23.69
N LEU C 175 0.58 13.13 -24.19
CA LEU C 175 1.12 14.24 -24.97
C LEU C 175 0.47 14.35 -26.34
N ARG C 176 -0.47 15.29 -26.43
CA ARG C 176 -1.16 15.58 -27.63
C ARG C 176 -0.63 16.89 -28.22
N ALA C 177 -0.84 17.06 -29.51
CA ALA C 177 -0.67 18.39 -30.10
C ALA C 177 -1.88 19.25 -29.62
N GLY C 178 -1.61 20.37 -28.95
CA GLY C 178 -2.65 21.28 -28.44
C GLY C 178 -2.88 22.50 -29.32
N LYS C 179 -2.28 23.64 -28.95
CA LYS C 179 -2.34 24.84 -29.81
C LYS C 179 -1.79 24.50 -31.20
N THR C 180 -0.83 23.58 -31.25
CA THR C 180 -0.20 23.22 -32.54
C THR C 180 -1.17 22.49 -33.48
N ALA C 181 -2.24 21.90 -32.94
CA ALA C 181 -3.27 21.29 -33.82
C ALA C 181 -3.97 22.31 -34.74
N LEU C 182 -3.81 23.62 -34.45
CA LEU C 182 -4.50 24.68 -35.23
C LEU C 182 -3.68 25.25 -36.38
N ARG C 188 -9.97 18.64 -36.13
CA ARG C 188 -11.16 18.66 -35.23
C ARG C 188 -10.84 18.27 -33.73
N PRO C 189 -11.68 18.66 -32.75
CA PRO C 189 -11.27 18.47 -31.35
C PRO C 189 -11.19 17.02 -30.91
N THR C 190 -11.86 16.13 -31.65
CA THR C 190 -11.88 14.71 -31.34
C THR C 190 -10.70 13.98 -31.98
N ASP C 191 -9.92 14.65 -32.83
CA ASP C 191 -8.67 14.07 -33.34
C ASP C 191 -7.60 13.99 -32.24
N VAL C 192 -6.98 12.83 -32.12
CA VAL C 192 -5.91 12.64 -31.16
C VAL C 192 -4.62 12.63 -31.96
N VAL C 193 -3.89 13.75 -31.91
CA VAL C 193 -2.65 13.94 -32.64
C VAL C 193 -1.50 13.92 -31.64
N PRO C 194 -0.48 13.07 -31.89
CA PRO C 194 0.72 13.07 -31.03
C PRO C 194 1.44 14.45 -30.96
N GLY C 195 1.88 14.81 -29.77
CA GLY C 195 2.42 16.12 -29.52
C GLY C 195 3.92 16.18 -29.76
N ALA C 196 4.55 15.03 -29.96
CA ALA C 196 6.00 14.97 -30.21
C ALA C 196 6.30 13.86 -31.19
N LEU C 197 7.40 13.98 -31.90
CA LEU C 197 7.86 12.94 -32.81
C LEU C 197 8.58 11.89 -31.99
N GLY C 198 8.58 10.66 -32.48
CA GLY C 198 9.32 9.62 -31.85
C GLY C 198 8.57 8.95 -30.71
N MET C 199 7.32 9.28 -30.53
CA MET C 199 6.44 8.51 -29.61
C MET C 199 6.13 7.18 -30.25
N ILE C 200 5.94 6.11 -29.45
CA ILE C 200 5.52 4.85 -30.02
C ILE C 200 4.16 4.96 -30.70
N PRO C 201 3.97 4.17 -31.78
CA PRO C 201 2.72 4.24 -32.57
C PRO C 201 1.44 4.09 -31.75
N GLU C 202 1.47 3.27 -30.72
CA GLU C 202 0.30 3.07 -29.88
C GLU C 202 0.22 4.02 -28.70
N ALA C 203 1.07 5.06 -28.69
CA ALA C 203 1.19 5.94 -27.49
C ALA C 203 -0.16 6.42 -27.01
N LEU C 204 -0.96 6.87 -27.97
CA LEU C 204 -2.25 7.51 -27.73
C LEU C 204 -3.42 6.59 -28.10
N ALA C 205 -3.16 5.32 -28.25
CA ALA C 205 -4.21 4.43 -28.72
C ALA C 205 -5.26 4.24 -27.63
N HIS C 206 -4.95 4.56 -26.38
CA HIS C 206 -5.90 4.48 -25.29
C HIS C 206 -6.25 5.85 -24.72
N THR C 207 -6.18 6.85 -25.58
CA THR C 207 -6.44 8.19 -25.18
C THR C 207 -7.44 8.75 -26.12
N VAL C 208 -8.45 9.40 -25.58
CA VAL C 208 -9.46 10.08 -26.42
C VAL C 208 -9.50 11.57 -26.06
N GLN C 209 -10.08 12.36 -26.92
CA GLN C 209 -10.16 13.77 -26.71
C GLN C 209 -11.48 14.35 -27.15
N LEU C 210 -11.98 15.28 -26.34
CA LEU C 210 -13.17 16.10 -26.64
C LEU C 210 -12.84 17.57 -26.57
N GLY C 211 -13.72 18.37 -27.16
CA GLY C 211 -13.72 19.81 -26.96
C GLY C 211 -14.11 20.19 -25.53
N TRP C 212 -13.38 21.13 -24.96
CA TRP C 212 -13.68 21.64 -23.63
C TRP C 212 -15.11 22.19 -23.65
N ASN C 213 -15.82 22.00 -22.54
CA ASN C 213 -17.10 22.65 -22.35
C ASN C 213 -18.13 22.27 -23.42
N ASP C 214 -18.08 21.03 -23.88
CA ASP C 214 -19.08 20.54 -24.83
C ASP C 214 -19.89 19.37 -24.17
N PRO C 215 -20.96 19.68 -23.42
CA PRO C 215 -21.62 18.65 -22.64
C PRO C 215 -22.27 17.58 -23.51
N ASP C 216 -22.68 17.92 -24.73
CA ASP C 216 -23.31 16.95 -25.64
C ASP C 216 -22.34 15.89 -26.05
N ALA C 217 -21.15 16.30 -26.50
CA ALA C 217 -20.12 15.32 -26.87
C ALA C 217 -19.72 14.46 -25.67
N LEU C 218 -19.65 15.08 -24.51
CA LEU C 218 -19.22 14.38 -23.31
C LEU C 218 -20.26 13.33 -22.88
N ARG C 219 -21.53 13.71 -22.91
CA ARG C 219 -22.61 12.72 -22.66
C ARG C 219 -22.59 11.58 -23.66
N GLU C 220 -22.46 11.91 -24.93
CA GLU C 220 -22.38 10.91 -25.97
C GLU C 220 -21.23 9.94 -25.75
N LEU C 221 -20.06 10.46 -25.39
CA LEU C 221 -18.91 9.60 -25.15
C LEU C 221 -19.18 8.65 -24.00
N PHE C 222 -19.70 9.15 -22.89
CA PHE C 222 -20.07 8.24 -21.80
C PHE C 222 -21.19 7.26 -22.11
N ALA C 223 -22.16 7.67 -22.94
CA ALA C 223 -23.22 6.75 -23.36
C ALA C 223 -22.65 5.59 -24.16
N ARG C 224 -21.64 5.88 -24.97
CA ARG C 224 -21.02 4.89 -25.85
C ARG C 224 -19.95 4.05 -25.16
N ASP C 225 -19.11 4.69 -24.34
CA ASP C 225 -17.88 4.08 -23.87
C ASP C 225 -17.59 4.22 -22.37
N GLY C 226 -18.56 4.72 -21.61
CA GLY C 226 -18.42 4.90 -20.19
C GLY C 226 -17.85 3.70 -19.46
N ASP C 227 -18.22 2.50 -19.91
CA ASP C 227 -17.79 1.25 -19.25
C ASP C 227 -16.28 0.99 -19.46
N ARG C 228 -15.71 1.56 -20.51
CA ARG C 228 -14.30 1.36 -20.85
C ARG C 228 -13.36 2.47 -20.26
N ILE C 229 -13.91 3.52 -19.68
CA ILE C 229 -13.09 4.72 -19.34
C ILE C 229 -12.46 4.58 -17.96
N ALA C 230 -11.12 4.58 -17.92
CA ALA C 230 -10.44 4.50 -16.66
C ALA C 230 -10.45 5.84 -15.93
N ALA C 231 -10.37 6.93 -16.68
CA ALA C 231 -10.25 8.25 -16.09
C ALA C 231 -10.57 9.32 -17.06
N VAL C 232 -11.11 10.40 -16.54
CA VAL C 232 -11.13 11.66 -17.26
C VAL C 232 -10.12 12.56 -16.50
N ILE C 233 -9.17 13.12 -17.26
CA ILE C 233 -8.27 14.12 -16.75
C ILE C 233 -8.62 15.46 -17.39
N VAL C 234 -8.47 16.52 -16.60
CA VAL C 234 -8.99 17.84 -16.94
C VAL C 234 -8.29 18.91 -16.10
N GLU C 235 -7.96 20.02 -16.75
CA GLU C 235 -7.66 21.28 -16.04
C GLU C 235 -8.98 21.91 -15.65
N PRO C 236 -9.28 21.99 -14.36
CA PRO C 236 -10.69 22.32 -14.03
C PRO C 236 -11.07 23.70 -14.53
N VAL C 237 -10.10 24.63 -14.46
CA VAL C 237 -10.08 25.87 -15.25
C VAL C 237 -8.95 25.73 -16.28
N LEU C 238 -9.24 25.87 -17.56
CA LEU C 238 -8.21 25.69 -18.57
C LEU C 238 -7.26 26.89 -18.46
N ALA C 239 -5.99 26.64 -18.22
CA ALA C 239 -5.06 27.74 -18.01
C ALA C 239 -3.80 27.62 -18.89
N ASN C 240 -3.83 26.74 -19.90
CA ASN C 240 -2.76 26.54 -20.89
C ASN C 240 -3.13 26.85 -22.32
N ALA C 241 -4.25 27.51 -22.52
CA ALA C 241 -4.72 27.76 -23.87
C ALA C 241 -5.76 28.85 -23.75
N GLY C 242 -5.34 30.01 -23.24
CA GLY C 242 -6.23 30.96 -22.58
C GLY C 242 -6.51 30.51 -21.15
N VAL C 243 -7.28 31.33 -20.44
CA VAL C 243 -7.94 30.97 -19.20
C VAL C 243 -9.40 30.80 -19.58
N ILE C 244 -9.89 29.58 -19.55
CA ILE C 244 -11.29 29.29 -19.92
C ILE C 244 -11.91 28.49 -18.80
N PRO C 245 -12.69 29.16 -17.93
CA PRO C 245 -13.33 28.43 -16.84
C PRO C 245 -14.25 27.36 -17.38
N PRO C 246 -14.67 26.46 -16.53
CA PRO C 246 -15.64 25.47 -16.97
C PRO C 246 -16.95 26.18 -17.17
N ALA C 247 -17.74 25.79 -18.17
CA ALA C 247 -19.13 26.29 -18.32
C ALA C 247 -19.95 25.91 -17.07
N PRO C 248 -20.98 26.69 -16.76
CA PRO C 248 -21.80 26.36 -15.58
C PRO C 248 -22.30 24.91 -15.62
N GLY C 249 -22.11 24.19 -14.53
CA GLY C 249 -22.56 22.79 -14.46
C GLY C 249 -21.62 21.77 -15.11
N PHE C 250 -20.59 22.22 -15.81
CA PHE C 250 -19.74 21.29 -16.56
C PHE C 250 -18.93 20.39 -15.65
N LEU C 251 -18.28 20.94 -14.62
CA LEU C 251 -17.53 20.09 -13.68
C LEU C 251 -18.46 19.10 -12.96
N GLN C 252 -19.67 19.54 -12.62
CA GLN C 252 -20.66 18.67 -11.94
C GLN C 252 -21.08 17.54 -12.88
N LEU C 253 -21.28 17.85 -14.15
CA LEU C 253 -21.60 16.84 -15.13
C LEU C 253 -20.49 15.79 -15.23
N LEU C 254 -19.25 16.25 -15.36
CA LEU C 254 -18.12 15.32 -15.31
C LEU C 254 -18.14 14.42 -14.10
N ARG C 255 -18.35 15.01 -12.94
CA ARG C 255 -18.36 14.27 -11.69
C ARG C 255 -19.50 13.20 -11.72
N GLU C 256 -20.68 13.59 -12.20
CA GLU C 256 -21.80 12.68 -12.32
C GLU C 256 -21.51 11.55 -13.32
N LEU C 257 -20.98 11.89 -14.51
CA LEU C 257 -20.77 10.85 -15.51
C LEU C 257 -19.69 9.88 -15.09
N THR C 258 -18.61 10.41 -14.49
CA THR C 258 -17.53 9.54 -14.06
C THR C 258 -18.02 8.64 -12.90
N GLY C 259 -18.71 9.24 -11.93
CA GLY C 259 -19.20 8.49 -10.79
C GLY C 259 -20.11 7.35 -11.25
N ARG C 260 -21.00 7.65 -12.19
CA ARG C 260 -21.93 6.66 -12.71
C ARG C 260 -21.24 5.55 -13.48
N SER C 261 -20.16 5.86 -14.19
CA SER C 261 -19.52 4.86 -15.04
C SER C 261 -18.48 4.03 -14.33
N GLY C 262 -18.11 4.38 -13.11
CA GLY C 262 -16.93 3.77 -12.47
C GLY C 262 -15.56 4.32 -12.96
N ALA C 263 -15.57 5.42 -13.71
CA ALA C 263 -14.29 6.10 -14.11
C ALA C 263 -13.80 7.04 -13.03
N MET C 264 -12.48 7.14 -12.86
CA MET C 264 -11.89 8.14 -11.96
C MET C 264 -11.85 9.55 -12.57
N LEU C 265 -12.17 10.55 -11.77
CA LEU C 265 -12.09 11.91 -12.19
C LEU C 265 -10.81 12.50 -11.65
N VAL C 266 -9.95 12.96 -12.55
CA VAL C 266 -8.67 13.48 -12.18
C VAL C 266 -8.59 14.96 -12.51
N PHE C 267 -8.46 15.78 -11.46
CA PHE C 267 -8.28 17.22 -11.64
C PHE C 267 -6.79 17.49 -11.69
N ASP C 268 -6.33 17.99 -12.83
CA ASP C 268 -4.92 18.48 -12.94
C ASP C 268 -4.91 19.88 -12.42
N GLU C 269 -4.50 20.05 -11.17
CA GLU C 269 -4.50 21.38 -10.49
C GLU C 269 -3.06 21.91 -10.36
N VAL C 270 -2.22 21.54 -11.30
CA VAL C 270 -0.84 22.03 -11.36
C VAL C 270 -0.77 23.55 -11.38
N ILE C 271 -1.70 24.16 -12.10
CA ILE C 271 -1.85 25.61 -12.10
C ILE C 271 -2.87 26.09 -11.07
N THR C 272 -4.07 25.52 -11.09
CA THR C 272 -5.17 26.02 -10.23
C THR C 272 -4.99 25.79 -8.74
N GLY C 273 -4.21 24.79 -8.36
CA GLY C 273 -4.03 24.49 -6.94
C GLY C 273 -3.39 25.64 -6.16
N PHE C 274 -3.92 25.91 -4.98
CA PHE C 274 -3.46 27.01 -4.10
C PHE C 274 -3.44 28.35 -4.80
N ARG C 275 -4.18 28.48 -5.90
CA ARG C 275 -4.10 29.68 -6.71
C ARG C 275 -5.46 30.34 -6.88
N VAL C 276 -6.44 29.58 -7.37
CA VAL C 276 -7.76 30.11 -7.58
C VAL C 276 -8.56 30.09 -6.26
N ALA C 277 -7.99 29.45 -5.25
CA ALA C 277 -8.54 29.36 -3.88
C ALA C 277 -7.55 28.51 -3.14
N ARG C 278 -7.66 28.54 -1.81
CA ARG C 278 -6.75 27.87 -0.96
C ARG C 278 -6.77 26.36 -1.22
N GLY C 279 -7.97 25.80 -1.33
CA GLY C 279 -8.20 24.40 -1.77
C GLY C 279 -8.41 24.20 -3.25
N GLY C 280 -7.92 25.13 -4.05
CA GLY C 280 -7.94 24.94 -5.50
C GLY C 280 -9.31 25.07 -6.14
N ALA C 281 -9.39 24.74 -7.43
CA ALA C 281 -10.65 24.76 -8.15
C ALA C 281 -11.67 23.87 -7.48
N GLN C 282 -11.23 22.74 -7.00
CA GLN C 282 -12.14 21.78 -6.33
C GLN C 282 -12.90 22.45 -5.21
N GLU C 283 -12.24 23.26 -4.40
CA GLU C 283 -12.92 24.05 -3.37
C GLU C 283 -13.75 25.18 -4.02
N ARG C 284 -13.14 25.95 -4.90
CA ARG C 284 -13.84 27.06 -5.52
C ARG C 284 -15.13 26.63 -6.20
N TYR C 285 -15.14 25.52 -6.91
CA TYR C 285 -16.36 25.13 -7.64
C TYR C 285 -17.20 24.09 -6.86
N GLY C 286 -16.75 23.68 -5.70
CA GLY C 286 -17.50 22.72 -4.90
C GLY C 286 -17.65 21.37 -5.60
N VAL C 287 -16.64 20.94 -6.37
CA VAL C 287 -16.69 19.62 -6.99
C VAL C 287 -15.40 18.92 -6.67
N GLU C 288 -15.52 17.74 -6.06
CA GLU C 288 -14.34 16.99 -5.59
C GLU C 288 -13.98 15.82 -6.51
N PRO C 289 -12.75 15.81 -7.05
CA PRO C 289 -12.37 14.76 -7.97
C PRO C 289 -11.95 13.52 -7.16
N ASP C 290 -11.65 12.42 -7.83
CA ASP C 290 -11.09 11.26 -7.16
C ASP C 290 -9.61 11.43 -6.96
N LEU C 291 -8.92 12.04 -7.94
CA LEU C 291 -7.51 12.36 -7.77
C LEU C 291 -7.22 13.78 -8.15
N THR C 292 -6.25 14.35 -7.46
CA THR C 292 -5.79 15.70 -7.69
C THR C 292 -4.27 15.74 -7.95
N VAL C 293 -3.85 16.45 -8.98
CA VAL C 293 -2.41 16.69 -9.27
C VAL C 293 -2.03 18.11 -8.91
N LEU C 294 -0.95 18.26 -8.13
CA LEU C 294 -0.52 19.55 -7.65
C LEU C 294 0.92 19.83 -8.01
N SER C 295 1.28 21.11 -8.13
CA SER C 295 2.64 21.52 -8.37
C SER C 295 2.71 23.08 -8.29
N LYS C 296 3.70 23.67 -8.96
CA LYS C 296 3.81 25.13 -9.08
C LYS C 296 3.71 25.91 -7.74
N VAL C 297 2.55 26.43 -7.36
CA VAL C 297 2.46 27.23 -6.12
C VAL C 297 2.90 26.42 -4.93
N MET C 298 2.59 25.13 -4.96
CA MET C 298 2.77 24.23 -3.82
C MET C 298 4.17 24.26 -3.30
N GLY C 299 5.13 24.34 -4.22
CA GLY C 299 6.56 24.30 -3.89
C GLY C 299 7.26 25.62 -4.11
N GLY C 300 6.52 26.67 -4.41
CA GLY C 300 7.12 28.01 -4.51
C GLY C 300 8.10 28.12 -5.66
N GLY C 301 7.97 27.27 -6.65
CA GLY C 301 8.89 27.28 -7.78
C GLY C 301 10.07 26.35 -7.64
N PHE C 302 10.17 25.67 -6.50
CA PHE C 302 11.11 24.58 -6.37
C PHE C 302 10.50 23.38 -7.14
N PRO C 303 11.32 22.55 -7.83
CA PRO C 303 10.71 21.50 -8.63
C PRO C 303 10.14 20.41 -7.77
N VAL C 304 8.82 20.38 -7.67
CA VAL C 304 8.15 19.38 -6.85
C VAL C 304 6.72 19.30 -7.33
N ALA C 305 6.12 18.15 -7.16
CA ALA C 305 4.76 17.96 -7.54
C ALA C 305 4.18 16.85 -6.68
N ALA C 306 2.88 16.61 -6.81
CA ALA C 306 2.27 15.56 -6.03
C ALA C 306 0.98 15.15 -6.67
N PHE C 307 0.52 13.97 -6.32
CA PHE C 307 -0.87 13.63 -6.59
C PHE C 307 -1.41 12.96 -5.37
N GLY C 308 -2.70 13.15 -5.16
CA GLY C 308 -3.38 12.54 -4.06
C GLY C 308 -4.89 12.52 -4.19
N GLY C 309 -5.50 12.06 -3.12
CA GLY C 309 -6.90 11.77 -3.08
C GLY C 309 -7.34 11.29 -1.72
N ARG C 310 -8.60 10.85 -1.63
CA ARG C 310 -9.09 10.18 -0.42
C ARG C 310 -8.40 8.85 -0.30
N ARG C 311 -8.33 8.34 0.94
CA ARG C 311 -7.84 6.98 1.19
C ARG C 311 -8.35 5.92 0.21
N HIS C 312 -9.66 5.90 -0.07
CA HIS C 312 -10.22 4.88 -0.99
C HIS C 312 -9.47 4.91 -2.32
N ALA C 313 -9.43 6.11 -2.94
CA ALA C 313 -8.80 6.29 -4.25
C ALA C 313 -7.32 5.94 -4.28
N MET C 314 -6.65 6.05 -3.13
CA MET C 314 -5.20 5.90 -3.07
C MET C 314 -4.68 4.54 -2.66
N ARG C 315 -5.59 3.59 -2.47
CA ARG C 315 -5.22 2.30 -1.86
C ARG C 315 -4.01 1.64 -2.54
N MET C 316 -3.92 1.73 -3.88
CA MET C 316 -2.85 1.07 -4.63
C MET C 316 -1.55 1.81 -4.50
N GLY C 330 10.19 13.14 -3.73
CA GLY C 330 10.09 13.66 -2.37
C GLY C 330 11.39 14.03 -1.63
N ASN C 331 12.40 14.58 -2.32
CA ASN C 331 13.61 15.02 -1.62
C ASN C 331 13.40 16.17 -0.62
N HIS C 332 14.33 16.34 0.31
CA HIS C 332 14.07 17.14 1.54
C HIS C 332 13.95 18.63 1.30
N ALA C 333 14.75 19.20 0.41
CA ALA C 333 14.57 20.60 0.10
C ALA C 333 13.23 20.91 -0.58
N ALA C 334 12.77 20.00 -1.44
CA ALA C 334 11.45 20.13 -2.09
C ALA C 334 10.34 20.15 -1.05
N LEU C 335 10.35 19.18 -0.15
CA LEU C 335 9.32 19.10 0.87
C LEU C 335 9.43 20.27 1.86
N ARG C 336 10.64 20.76 2.08
CA ARG C 336 10.80 21.97 2.91
C ARG C 336 10.10 23.19 2.27
N ALA C 337 10.29 23.35 0.96
CA ALA C 337 9.68 24.42 0.21
C ALA C 337 8.16 24.29 0.31
N VAL C 338 7.65 23.07 0.25
CA VAL C 338 6.22 22.84 0.39
C VAL C 338 5.76 23.25 1.79
N VAL C 339 6.47 22.81 2.80
CA VAL C 339 6.15 23.18 4.20
C VAL C 339 6.16 24.69 4.43
N ALA C 340 7.19 25.36 3.93
CA ALA C 340 7.29 26.82 4.07
C ALA C 340 6.20 27.56 3.29
N MET C 341 5.93 27.13 2.04
CA MET C 341 4.93 27.78 1.22
C MET C 341 3.53 27.54 1.69
N LEU C 342 3.17 26.27 1.93
CA LEU C 342 1.82 25.96 2.42
C LEU C 342 1.60 26.48 3.84
N GLY C 343 2.66 26.47 4.65
CA GLY C 343 2.62 27.09 6.00
C GLY C 343 2.33 28.57 5.93
N LYS C 344 3.01 29.28 5.04
CA LYS C 344 2.76 30.69 4.85
C LYS C 344 1.32 31.00 4.43
N ILE C 345 0.82 30.30 3.41
CA ILE C 345 -0.55 30.42 2.95
C ILE C 345 -1.58 30.07 4.05
N ARG C 346 -1.31 29.02 4.80
CA ARG C 346 -2.20 28.66 5.92
C ARG C 346 -2.26 29.78 6.96
N SER C 347 -1.17 30.51 7.15
CA SER C 347 -1.16 31.59 8.10
C SER C 347 -1.78 32.91 7.57
N LEU C 348 -2.28 32.95 6.33
CA LEU C 348 -2.86 34.18 5.77
C LEU C 348 -4.31 33.97 5.37
N PRO C 349 -5.24 34.10 6.34
CA PRO C 349 -6.60 33.67 6.12
C PRO C 349 -7.36 34.55 5.17
N ASP C 350 -6.84 35.75 4.89
CA ASP C 350 -7.50 36.63 3.94
C ASP C 350 -6.74 36.72 2.62
N LEU C 351 -5.73 35.89 2.45
CA LEU C 351 -4.92 35.91 1.23
C LEU C 351 -5.72 35.92 -0.08
N TYR C 352 -6.71 35.04 -0.20
CA TYR C 352 -7.40 34.85 -1.47
C TYR C 352 -8.34 36.01 -1.73
N GLU C 353 -8.72 36.72 -0.66
CA GLU C 353 -9.46 37.95 -0.78
C GLU C 353 -8.59 39.04 -1.38
N ARG C 354 -7.39 39.10 -0.86
CA ARG C 354 -6.40 40.10 -1.31
C ARG C 354 -5.91 39.80 -2.73
N LEU C 355 -5.67 38.53 -3.04
CA LEU C 355 -5.39 38.16 -4.42
C LEU C 355 -6.55 38.53 -5.33
N GLU C 356 -7.77 38.25 -4.91
CA GLU C 356 -8.92 38.59 -5.74
C GLU C 356 -8.91 40.10 -6.09
N ASP C 357 -8.61 40.95 -5.11
CA ASP C 357 -8.58 42.41 -5.33
C ASP C 357 -7.49 42.87 -6.27
N THR C 358 -6.32 42.28 -6.15
CA THR C 358 -5.29 42.48 -7.15
C THR C 358 -5.77 42.13 -8.58
N GLY C 359 -6.44 41.00 -8.69
CA GLY C 359 -6.90 40.49 -9.98
C GLY C 359 -7.89 41.43 -10.56
N GLN C 360 -8.87 41.83 -9.74
CA GLN C 360 -9.93 42.76 -10.17
C GLN C 360 -9.34 44.10 -10.61
N TYR C 361 -8.43 44.66 -9.80
CA TYR C 361 -7.85 45.95 -10.09
C TYR C 361 -7.06 45.89 -11.42
N MET C 362 -6.32 44.80 -11.65
CA MET C 362 -5.65 44.63 -12.92
C MET C 362 -6.61 44.51 -14.09
N GLU C 363 -7.61 43.66 -13.95
CA GLU C 363 -8.61 43.47 -15.02
C GLU C 363 -9.30 44.81 -15.40
N ASP C 364 -9.75 45.56 -14.40
CA ASP C 364 -10.43 46.84 -14.62
C ASP C 364 -9.48 47.80 -15.31
N THR C 365 -8.27 47.90 -14.79
CA THR C 365 -7.27 48.79 -15.36
C THR C 365 -6.97 48.46 -16.85
N VAL C 366 -6.71 47.19 -17.14
CA VAL C 366 -6.37 46.79 -18.48
C VAL C 366 -7.58 47.04 -19.41
N ARG C 367 -8.77 46.70 -18.95
CA ARG C 367 -9.99 46.97 -19.76
C ARG C 367 -10.18 48.42 -20.09
N GLU C 368 -9.94 49.29 -19.11
CA GLU C 368 -10.04 50.75 -19.28
C GLU C 368 -9.09 51.28 -20.34
N VAL C 369 -7.88 50.80 -20.31
CA VAL C 369 -6.86 51.23 -21.24
C VAL C 369 -7.16 50.76 -22.64
N PHE C 370 -7.54 49.49 -22.79
CA PHE C 370 -7.92 49.00 -24.10
C PHE C 370 -9.20 49.69 -24.61
N ALA C 371 -10.20 49.88 -23.76
CA ALA C 371 -11.44 50.54 -24.22
C ALA C 371 -11.15 51.98 -24.65
N THR C 372 -10.28 52.64 -23.92
CA THR C 372 -9.89 54.00 -24.24
C THR C 372 -9.19 54.11 -25.60
N GLU C 373 -8.42 53.11 -26.00
CA GLU C 373 -7.79 53.14 -27.32
C GLU C 373 -8.66 52.42 -28.34
N LYS C 374 -9.90 52.10 -27.97
CA LYS C 374 -10.81 51.38 -28.84
C LYS C 374 -10.18 50.17 -29.49
N ARG C 375 -9.47 49.39 -28.72
CA ARG C 375 -8.88 48.14 -29.20
C ARG C 375 -9.59 46.98 -28.55
N PRO C 376 -10.26 46.17 -29.34
CA PRO C 376 -10.98 45.08 -28.72
C PRO C 376 -10.03 44.06 -28.08
N VAL C 377 -10.45 43.52 -26.96
CA VAL C 377 -9.57 42.68 -26.17
C VAL C 377 -10.45 41.59 -25.53
N HIS C 378 -9.92 40.39 -25.37
CA HIS C 378 -10.56 39.40 -24.59
C HIS C 378 -9.80 39.13 -23.31
N ILE C 379 -10.49 39.21 -22.18
CA ILE C 379 -9.92 38.99 -20.89
C ILE C 379 -10.79 38.03 -20.12
N ASN C 380 -10.23 36.88 -19.77
CA ASN C 380 -10.79 35.99 -18.78
C ASN C 380 -9.90 35.95 -17.54
N ARG C 381 -10.52 35.95 -16.37
CA ARG C 381 -9.82 35.97 -15.11
C ARG C 381 -10.52 35.05 -14.10
N VAL C 382 -9.71 34.26 -13.42
CA VAL C 382 -10.12 33.57 -12.23
C VAL C 382 -9.06 33.86 -11.15
N GLY C 383 -9.41 34.71 -10.19
CA GLY C 383 -8.44 35.20 -9.20
C GLY C 383 -7.29 35.93 -9.87
N THR C 384 -6.07 35.50 -9.62
CA THR C 384 -4.87 36.15 -10.16
C THR C 384 -4.37 35.45 -11.43
N LEU C 385 -5.14 34.46 -11.88
CA LEU C 385 -4.95 33.80 -13.20
C LEU C 385 -5.75 34.54 -14.25
N MET C 386 -5.14 34.91 -15.37
CA MET C 386 -5.78 35.85 -16.28
C MET C 386 -5.17 35.89 -17.71
N SER C 387 -6.01 35.74 -18.74
CA SER C 387 -5.51 35.80 -20.12
C SER C 387 -5.98 37.12 -20.71
N VAL C 388 -5.08 37.73 -21.47
CA VAL C 388 -5.35 39.03 -22.11
C VAL C 388 -4.95 38.88 -23.57
N ALA C 389 -5.90 39.07 -24.47
CA ALA C 389 -5.69 38.78 -25.89
C ALA C 389 -6.33 39.85 -26.76
N LEU C 390 -5.51 40.47 -27.59
CA LEU C 390 -5.96 41.46 -28.53
C LEU C 390 -6.76 40.78 -29.62
N LEU C 391 -7.94 41.31 -29.92
CA LEU C 391 -8.80 40.70 -30.91
C LEU C 391 -8.65 41.32 -32.30
N LYS C 392 -8.96 40.52 -33.31
CA LYS C 392 -9.09 40.95 -34.71
C LYS C 392 -10.23 41.95 -34.85
N GLY C 393 -10.06 42.97 -35.70
CA GLY C 393 -11.19 43.92 -36.05
C GLY C 393 -12.53 43.22 -36.26
N SER C 394 -12.49 42.02 -36.82
CA SER C 394 -13.73 41.26 -37.11
C SER C 394 -14.49 40.68 -35.90
N ALA C 395 -13.85 40.58 -34.73
CA ALA C 395 -14.55 40.00 -33.59
C ALA C 395 -15.62 40.93 -33.04
N GLU C 400 -19.10 34.56 -25.37
CA GLU C 400 -17.94 34.10 -24.63
C GLU C 400 -17.41 32.80 -25.23
N PRO C 401 -16.17 32.76 -25.74
CA PRO C 401 -15.63 31.52 -26.27
C PRO C 401 -15.63 30.42 -25.21
N ARG C 402 -16.11 29.23 -25.55
CA ARG C 402 -16.17 28.19 -24.54
C ARG C 402 -14.96 27.21 -24.62
N ASP C 403 -14.19 27.30 -25.69
CA ASP C 403 -13.05 26.45 -25.89
C ASP C 403 -11.95 27.14 -26.69
N LEU C 404 -10.87 26.43 -26.91
CA LEU C 404 -9.69 26.95 -27.52
C LEU C 404 -9.90 27.40 -28.94
N ARG C 405 -10.64 26.60 -29.67
CA ARG C 405 -10.90 26.88 -31.09
C ARG C 405 -11.66 28.19 -31.20
N GLN C 406 -12.72 28.34 -30.41
CA GLN C 406 -13.49 29.60 -30.43
C GLN C 406 -12.65 30.81 -30.01
N LEU C 407 -11.80 30.65 -29.00
CA LEU C 407 -10.99 31.76 -28.54
C LEU C 407 -9.92 32.13 -29.59
N ALA C 408 -9.19 31.13 -30.06
CA ALA C 408 -8.11 31.35 -31.04
C ALA C 408 -8.64 32.03 -32.29
N ALA C 409 -9.79 31.57 -32.80
CA ALA C 409 -10.44 32.21 -33.95
C ALA C 409 -10.58 33.72 -33.80
N LEU C 410 -10.76 34.23 -32.59
CA LEU C 410 -11.01 35.67 -32.41
C LEU C 410 -9.74 36.50 -32.26
N VAL C 411 -8.63 35.83 -31.94
CA VAL C 411 -7.43 36.54 -31.50
C VAL C 411 -6.54 36.94 -32.69
N ASP C 412 -5.98 38.14 -32.60
CA ASP C 412 -5.05 38.68 -33.58
C ASP C 412 -3.63 38.39 -33.07
N PHE C 413 -3.13 37.20 -33.38
CA PHE C 413 -1.87 36.76 -32.83
C PHE C 413 -0.67 37.66 -33.20
N PRO C 414 -0.50 37.98 -34.49
CA PRO C 414 0.60 38.85 -34.89
C PRO C 414 0.64 40.21 -34.19
N ARG C 415 -0.49 40.90 -34.11
CA ARG C 415 -0.56 42.18 -33.42
C ARG C 415 -0.32 42.05 -31.94
N HIS C 416 -0.80 40.95 -31.36
CA HIS C 416 -0.55 40.74 -29.96
C HIS C 416 0.94 40.55 -29.75
N ARG C 417 1.63 39.82 -30.63
CA ARG C 417 3.12 39.75 -30.51
C ARG C 417 3.77 41.12 -30.60
N ARG C 418 3.29 41.92 -31.54
CA ARG C 418 3.83 43.27 -31.73
C ARG C 418 3.61 44.05 -30.45
N LEU C 419 2.42 43.93 -29.87
CA LEU C 419 2.10 44.60 -28.58
C LEU C 419 3.07 44.19 -27.49
N GLN C 420 3.38 42.91 -27.45
CA GLN C 420 4.31 42.37 -26.45
C GLN C 420 5.71 42.99 -26.58
N THR C 421 6.20 43.07 -27.81
CA THR C 421 7.49 43.77 -28.11
C THR C 421 7.48 45.19 -27.57
N LEU C 422 6.41 45.92 -27.88
CA LEU C 422 6.29 47.32 -27.46
C LEU C 422 6.16 47.46 -25.95
N ALA C 423 5.35 46.62 -25.29
CA ALA C 423 5.23 46.63 -23.87
C ALA C 423 6.57 46.33 -23.22
N GLN C 424 7.32 45.41 -23.81
CA GLN C 424 8.61 45.05 -23.23
C GLN C 424 9.58 46.24 -23.24
N LYS C 425 9.61 46.98 -24.34
CA LYS C 425 10.41 48.24 -24.43
C LYS C 425 9.95 49.22 -23.36
N GLU C 426 8.66 49.21 -23.04
CA GLU C 426 8.15 50.11 -22.03
C GLU C 426 8.37 49.59 -20.62
N GLY C 427 9.03 48.44 -20.46
CA GLY C 427 9.24 47.90 -19.14
C GLY C 427 8.15 46.97 -18.54
N VAL C 428 7.34 46.36 -19.40
CA VAL C 428 6.38 45.32 -18.96
C VAL C 428 6.49 44.04 -19.81
N TYR C 429 6.71 42.91 -19.15
CA TYR C 429 6.86 41.63 -19.84
C TYR C 429 5.60 40.79 -19.66
N PHE C 430 5.00 40.40 -20.77
CA PHE C 430 4.08 39.24 -20.79
C PHE C 430 4.51 38.38 -21.95
N HIS C 431 4.10 37.11 -21.95
CA HIS C 431 4.47 36.19 -23.01
C HIS C 431 3.84 36.65 -24.35
N PRO C 432 4.59 36.60 -25.45
CA PRO C 432 4.06 37.08 -26.74
C PRO C 432 2.86 36.35 -27.33
N ASN C 433 2.69 35.10 -26.96
CA ASN C 433 1.54 34.32 -27.36
C ASN C 433 0.36 34.65 -26.48
N ALA C 434 -0.67 35.22 -27.08
CA ALA C 434 -1.83 35.72 -26.34
C ALA C 434 -2.55 34.66 -25.50
N LEU C 435 -2.36 33.39 -25.84
CA LEU C 435 -2.96 32.30 -25.11
C LEU C 435 -2.19 31.93 -23.84
N GLU C 436 -0.98 32.46 -23.67
CA GLU C 436 -0.24 32.23 -22.43
C GLU C 436 -0.74 33.22 -21.39
N PRO C 437 -1.29 32.73 -20.31
CA PRO C 437 -1.84 33.68 -19.33
C PRO C 437 -0.84 34.48 -18.51
N TRP C 438 -1.34 35.52 -17.87
CA TRP C 438 -0.63 36.22 -16.81
C TRP C 438 -0.90 35.57 -15.45
N PHE C 439 0.12 35.60 -14.59
CA PHE C 439 0.03 35.09 -13.26
C PHE C 439 0.40 36.18 -12.26
N LEU C 440 -0.60 36.84 -11.69
CA LEU C 440 -0.33 37.88 -10.72
C LEU C 440 0.03 37.34 -9.34
N SER C 441 0.63 38.21 -8.53
CA SER C 441 1.14 37.89 -7.21
C SER C 441 0.77 38.99 -6.24
N THR C 442 1.01 38.76 -4.94
CA THR C 442 0.80 39.82 -3.97
C THR C 442 1.79 40.97 -4.18
N ALA C 443 2.84 40.73 -4.96
CA ALA C 443 3.75 41.84 -5.26
C ALA C 443 3.25 42.75 -6.38
N HIS C 444 2.18 42.35 -7.07
CA HIS C 444 1.55 43.25 -8.06
C HIS C 444 0.56 44.19 -7.34
N THR C 445 1.10 45.22 -6.68
CA THR C 445 0.33 46.16 -5.87
C THR C 445 -0.40 47.12 -6.77
N ARG C 446 -1.30 47.90 -6.17
CA ARG C 446 -2.01 48.94 -6.93
C ARG C 446 -1.08 49.91 -7.61
N ASP C 447 0.05 50.27 -6.99
CA ASP C 447 1.01 51.14 -7.66
C ASP C 447 1.70 50.45 -8.82
N VAL C 448 1.97 49.16 -8.69
CA VAL C 448 2.60 48.45 -9.79
C VAL C 448 1.64 48.41 -10.96
N ILE C 449 0.38 48.12 -10.66
CA ILE C 449 -0.65 48.02 -11.68
C ILE C 449 -0.91 49.36 -12.39
N ASP C 450 -0.95 50.45 -11.63
CA ASP C 450 -1.01 51.82 -12.24
C ASP C 450 0.15 52.04 -13.19
N LYS C 451 1.35 51.61 -12.83
CA LYS C 451 2.48 51.69 -13.76
C LYS C 451 2.26 50.85 -14.99
N VAL C 452 1.71 49.65 -14.82
CA VAL C 452 1.50 48.74 -15.96
C VAL C 452 0.53 49.40 -16.93
N ALA C 453 -0.48 50.03 -16.39
CA ALA C 453 -1.48 50.78 -17.17
C ALA C 453 -0.84 51.83 -18.04
N GLY C 454 0.03 52.66 -17.47
CA GLY C 454 0.76 53.66 -18.27
C GLY C 454 1.58 53.01 -19.38
N ALA C 455 2.32 51.96 -19.04
CA ALA C 455 3.12 51.27 -20.02
C ALA C 455 2.29 50.64 -21.14
N LEU C 456 1.16 50.02 -20.79
CA LEU C 456 0.30 49.40 -21.79
C LEU C 456 -0.35 50.43 -22.72
N GLN C 457 -0.78 51.56 -22.16
CA GLN C 457 -1.31 52.67 -22.97
C GLN C 457 -0.25 53.21 -23.94
N ARG C 458 0.97 53.46 -23.45
CA ARG C 458 2.09 53.87 -24.31
C ARG C 458 2.32 52.84 -25.40
N SER C 459 2.14 51.56 -25.08
CA SER C 459 2.34 50.49 -26.08
C SER C 459 1.28 50.46 -27.15
N LEU C 460 0.02 50.60 -26.73
CA LEU C 460 -1.11 50.52 -27.65
C LEU C 460 -1.08 51.63 -28.64
N VAL C 461 -0.87 52.83 -28.15
CA VAL C 461 -0.67 53.99 -29.03
C VAL C 461 0.40 53.72 -30.08
N GLY C 462 1.42 52.95 -29.72
CA GLY C 462 2.48 52.61 -30.65
C GLY C 462 2.16 51.52 -31.64
N LEU C 463 1.00 50.89 -31.55
CA LEU C 463 0.76 49.85 -32.57
C LEU C 463 0.78 50.46 -33.99
N LEU D 59 14.46 3.91 10.58
CA LEU D 59 15.32 5.10 10.24
C LEU D 59 14.58 6.24 9.50
N VAL D 60 14.25 7.29 10.24
CA VAL D 60 13.71 8.53 9.71
C VAL D 60 14.74 9.64 9.92
N VAL D 61 15.09 10.32 8.85
CA VAL D 61 16.16 11.31 8.84
C VAL D 61 15.69 12.65 9.35
N ARG D 62 16.50 13.26 10.22
CA ARG D 62 16.29 14.61 10.73
C ARG D 62 17.20 15.56 9.97
N SER D 63 18.47 15.20 9.83
CA SER D 63 19.40 16.01 9.04
C SER D 63 20.58 15.17 8.59
N ALA D 64 21.45 15.77 7.78
CA ALA D 64 22.57 15.05 7.25
C ALA D 64 23.67 16.02 6.91
N GLY D 65 24.91 15.59 7.03
CA GLY D 65 26.06 16.47 6.75
C GLY D 65 27.26 15.56 6.60
N GLY D 66 28.11 15.82 5.62
CA GLY D 66 29.26 14.97 5.31
C GLY D 66 28.83 13.55 4.98
N CYS D 67 29.35 12.58 5.72
CA CYS D 67 28.92 11.21 5.58
C CYS D 67 27.95 10.77 6.68
N LEU D 68 27.39 11.70 7.43
CA LEU D 68 26.55 11.37 8.59
C LEU D 68 25.07 11.67 8.37
N LEU D 69 24.22 10.74 8.83
CA LEU D 69 22.79 11.00 9.03
C LEU D 69 22.49 11.18 10.50
N ARG D 70 21.49 12.02 10.77
CA ARG D 70 21.01 12.18 12.11
C ARG D 70 19.57 11.79 12.03
N ASP D 71 19.19 10.75 12.77
CA ASP D 71 17.78 10.33 12.74
C ASP D 71 16.96 11.15 13.72
N VAL D 72 15.67 10.85 13.81
CA VAL D 72 14.75 11.59 14.71
C VAL D 72 14.92 11.29 16.20
N GLU D 73 15.71 10.28 16.54
CA GLU D 73 16.13 10.02 17.90
C GLU D 73 17.40 10.79 18.24
N ASP D 74 17.86 11.68 17.35
CA ASP D 74 19.21 12.28 17.41
C ASP D 74 20.35 11.24 17.47
N GLY D 75 20.10 10.03 16.97
CA GLY D 75 21.16 9.08 16.69
C GLY D 75 21.97 9.53 15.48
N GLU D 76 23.25 9.19 15.45
CA GLU D 76 24.11 9.53 14.33
C GLU D 76 24.60 8.25 13.64
N ILE D 77 24.62 8.27 12.30
CA ILE D 77 24.88 7.10 11.50
C ILE D 77 25.77 7.45 10.32
N ILE D 78 26.84 6.71 10.13
CA ILE D 78 27.68 6.85 8.94
C ILE D 78 26.93 6.18 7.81
N ASP D 79 26.77 6.93 6.70
CA ASP D 79 25.96 6.50 5.53
C ASP D 79 26.89 6.05 4.42
N LEU D 80 26.74 4.78 4.04
CA LEU D 80 27.45 4.24 2.88
C LEU D 80 26.65 4.29 1.58
N ASN D 81 25.35 4.56 1.71
CA ASN D 81 24.46 4.64 0.57
C ASN D 81 24.48 6.05 -0.07
N MET D 82 24.53 7.06 0.78
CA MET D 82 24.69 8.45 0.35
C MET D 82 23.62 8.93 -0.63
N GLY D 83 22.38 8.52 -0.41
CA GLY D 83 21.31 8.99 -1.24
C GLY D 83 21.38 8.48 -2.68
N TYR D 84 22.06 7.36 -2.89
CA TYR D 84 22.03 6.66 -4.16
C TYR D 84 22.73 7.43 -5.29
N GLY D 85 23.75 8.22 -4.96
CA GLY D 85 24.71 8.61 -5.99
C GLY D 85 25.15 10.05 -6.24
N PRO D 86 24.37 11.07 -5.85
CA PRO D 86 24.71 12.42 -6.24
C PRO D 86 25.85 13.08 -5.46
N HIS D 87 26.22 12.53 -4.30
CA HIS D 87 26.97 13.30 -3.32
C HIS D 87 28.42 12.88 -3.31
N LEU D 88 29.12 13.29 -4.35
CA LEU D 88 30.54 13.05 -4.46
C LEU D 88 31.37 13.64 -3.31
N PHE D 89 30.93 14.75 -2.75
CA PHE D 89 31.69 15.39 -1.66
C PHE D 89 30.96 15.31 -0.38
N GLY D 90 29.92 14.47 -0.31
CA GLY D 90 29.16 14.31 0.93
C GLY D 90 27.95 15.21 1.00
N TYR D 91 27.21 15.07 2.08
CA TYR D 91 25.99 15.81 2.29
C TYR D 91 26.31 17.25 2.70
N ALA D 92 25.36 18.16 2.47
CA ALA D 92 25.48 19.57 2.86
C ALA D 92 26.76 20.24 2.38
N ASP D 93 27.13 20.01 1.14
CA ASP D 93 28.38 20.58 0.59
C ASP D 93 28.21 22.08 0.43
N ARG D 94 29.02 22.85 1.16
CA ARG D 94 28.87 24.29 1.25
C ARG D 94 29.09 24.98 -0.08
N GLU D 95 30.07 24.54 -0.84
CA GLU D 95 30.36 25.23 -2.11
C GLU D 95 29.11 25.19 -2.98
N VAL D 96 28.38 24.10 -2.91
CA VAL D 96 27.18 23.93 -3.71
C VAL D 96 25.94 24.57 -3.10
N LEU D 97 25.77 24.36 -1.79
CA LEU D 97 24.75 25.07 -0.98
C LEU D 97 24.75 26.59 -1.12
N ASP D 98 25.91 27.18 -0.95
CA ASP D 98 26.06 28.62 -1.00
C ASP D 98 25.59 29.16 -2.34
N ALA D 99 25.99 28.49 -3.41
CA ALA D 99 25.58 28.88 -4.74
C ALA D 99 24.05 28.73 -4.98
N VAL D 100 23.44 27.61 -4.52
CA VAL D 100 21.99 27.45 -4.72
C VAL D 100 21.22 28.47 -3.89
N ALA D 101 21.60 28.65 -2.62
CA ALA D 101 20.98 29.66 -1.76
C ALA D 101 21.08 31.06 -2.37
N ASP D 102 22.25 31.38 -2.89
CA ASP D 102 22.44 32.63 -3.56
C ASP D 102 21.46 32.79 -4.72
N GLN D 103 21.22 31.73 -5.50
CA GLN D 103 20.32 31.83 -6.62
C GLN D 103 18.88 32.03 -6.16
N PHE D 104 18.50 31.41 -5.04
CA PHE D 104 17.18 31.64 -4.46
C PHE D 104 16.99 33.11 -4.12
N ALA D 105 18.05 33.75 -3.63
CA ALA D 105 18.02 35.19 -3.33
C ALA D 105 17.92 36.06 -4.57
N LYS D 106 18.31 35.54 -5.73
CA LYS D 106 18.35 36.30 -7.00
C LYS D 106 17.34 35.88 -8.08
N GLY D 107 16.37 35.05 -7.74
CA GLY D 107 15.42 34.49 -8.73
C GLY D 107 15.72 33.06 -9.17
N HIS D 108 14.99 32.09 -8.64
CA HIS D 108 15.27 30.68 -8.91
C HIS D 108 14.55 30.14 -10.13
N MET D 109 13.51 30.85 -10.57
CA MET D 109 12.73 30.40 -11.68
C MET D 109 11.83 31.48 -12.30
N THR D 110 12.24 31.94 -13.46
CA THR D 110 11.53 32.97 -14.19
C THR D 110 10.94 32.46 -15.51
N GLY D 111 11.30 31.25 -15.88
CA GLY D 111 10.96 30.71 -17.19
C GLY D 111 11.60 31.44 -18.36
N LEU D 112 12.55 32.33 -18.10
CA LEU D 112 13.15 33.14 -19.13
C LEU D 112 14.63 32.74 -19.32
N PRO D 113 15.21 33.07 -20.47
CA PRO D 113 16.64 32.84 -20.63
C PRO D 113 17.46 33.55 -19.52
N HIS D 114 18.52 32.88 -19.06
CA HIS D 114 19.36 33.33 -17.97
C HIS D 114 20.85 33.16 -18.36
N GLU D 115 21.72 34.01 -17.84
CA GLU D 115 23.20 33.89 -18.09
C GLU D 115 23.75 32.50 -17.76
N LEU D 116 23.18 31.85 -16.75
CA LEU D 116 23.61 30.51 -16.31
C LEU D 116 23.45 29.43 -17.34
N ASP D 117 22.45 29.60 -18.19
CA ASP D 117 22.15 28.56 -19.17
C ASP D 117 23.41 28.15 -19.91
N ALA D 118 24.09 29.16 -20.44
CA ALA D 118 25.23 28.90 -21.29
C ALA D 118 26.38 28.32 -20.47
N ARG D 119 26.52 28.73 -19.20
CA ARG D 119 27.60 28.27 -18.40
C ARG D 119 27.43 26.82 -18.03
N ALA D 120 26.22 26.37 -17.76
CA ALA D 120 26.04 24.97 -17.39
C ALA D 120 26.28 24.08 -18.59
N GLY D 121 25.74 24.48 -19.73
CA GLY D 121 25.95 23.76 -21.00
C GLY D 121 27.42 23.65 -21.35
N ALA D 122 28.16 24.74 -21.16
CA ALA D 122 29.57 24.75 -21.55
C ALA D 122 30.38 23.85 -20.61
N LEU D 123 30.07 23.86 -19.29
CA LEU D 123 30.81 22.97 -18.38
C LEU D 123 30.57 21.49 -18.72
N ILE D 124 29.36 21.14 -19.10
CA ILE D 124 29.09 19.73 -19.40
C ILE D 124 29.83 19.34 -20.68
N ALA D 125 29.75 20.20 -21.69
CA ALA D 125 30.49 20.00 -22.94
C ALA D 125 31.98 19.85 -22.71
N GLU D 126 32.51 20.62 -21.78
CA GLU D 126 33.93 20.55 -21.49
C GLU D 126 34.31 19.22 -20.83
N LEU D 127 33.57 18.82 -19.80
CA LEU D 127 33.95 17.63 -19.03
C LEU D 127 33.52 16.34 -19.70
N VAL D 128 32.46 16.37 -20.49
CA VAL D 128 32.02 15.11 -21.09
C VAL D 128 32.31 15.10 -22.58
N PRO D 129 33.25 14.25 -22.98
CA PRO D 129 33.83 14.30 -24.34
C PRO D 129 32.75 14.23 -25.44
N GLY D 130 31.86 13.26 -25.32
CA GLY D 130 30.80 13.05 -26.33
C GLY D 130 29.63 14.02 -26.31
N VAL D 131 29.67 15.00 -25.41
CA VAL D 131 28.56 15.96 -25.32
C VAL D 131 29.02 17.32 -25.86
N GLU D 132 28.23 17.88 -26.77
CA GLU D 132 28.48 19.20 -27.36
C GLU D 132 27.27 20.09 -27.17
N GLN D 133 26.07 19.54 -27.36
CA GLN D 133 24.84 20.24 -27.07
C GLN D 133 24.14 19.45 -26.02
N VAL D 134 23.39 20.13 -25.16
CA VAL D 134 22.62 19.47 -24.12
C VAL D 134 21.21 20.08 -24.05
N ARG D 135 20.27 19.27 -23.61
CA ARG D 135 18.94 19.71 -23.22
C ARG D 135 18.78 19.28 -21.79
N PHE D 136 18.29 20.22 -20.96
CA PHE D 136 18.05 19.92 -19.56
C PHE D 136 16.66 19.35 -19.34
N ALA D 137 16.52 18.65 -18.22
CA ALA D 137 15.27 18.04 -17.83
C ALA D 137 15.24 18.05 -16.31
N ASN D 138 14.12 17.66 -15.76
CA ASN D 138 13.90 17.68 -14.31
C ASN D 138 14.36 16.40 -13.66
N SER D 139 14.53 15.34 -14.42
CA SER D 139 14.88 14.04 -13.85
C SER D 139 15.52 13.13 -14.87
N GLY D 140 16.12 12.05 -14.38
CA GLY D 140 16.72 11.09 -15.27
C GLY D 140 15.66 10.45 -16.15
N THR D 141 14.54 10.14 -15.52
CA THR D 141 13.45 9.52 -16.23
C THR D 141 13.02 10.33 -17.44
N GLU D 142 12.91 11.64 -17.25
CA GLU D 142 12.50 12.56 -18.34
C GLU D 142 13.58 12.59 -19.43
N ALA D 143 14.84 12.69 -19.01
CA ALA D 143 15.96 12.78 -19.97
C ALA D 143 16.01 11.49 -20.82
N VAL D 144 15.78 10.36 -20.18
CA VAL D 144 15.76 9.07 -20.88
C VAL D 144 14.64 9.06 -21.87
N ALA D 145 13.44 9.45 -21.42
CA ALA D 145 12.31 9.46 -22.35
C ALA D 145 12.61 10.33 -23.55
N SER D 146 13.12 11.53 -23.29
CA SER D 146 13.44 12.45 -24.42
C SER D 146 14.50 11.88 -25.33
N ALA D 147 15.51 11.27 -24.73
CA ALA D 147 16.58 10.76 -25.56
C ALA D 147 16.05 9.68 -26.49
N LEU D 148 15.21 8.82 -25.94
CA LEU D 148 14.66 7.73 -26.69
C LEU D 148 13.70 8.22 -27.75
N ARG D 149 12.88 9.23 -27.43
CA ARG D 149 12.06 9.85 -28.48
C ARG D 149 12.91 10.42 -29.62
N LEU D 150 14.00 11.06 -29.26
CA LEU D 150 14.89 11.64 -30.26
C LEU D 150 15.46 10.55 -31.15
N ALA D 151 15.88 9.45 -30.55
CA ALA D 151 16.40 8.34 -31.35
C ALA D 151 15.31 7.80 -32.30
N ARG D 152 14.11 7.58 -31.78
CA ARG D 152 13.05 6.98 -32.59
C ARG D 152 12.74 7.93 -33.77
N ALA D 153 12.69 9.22 -33.47
CA ALA D 153 12.32 10.24 -34.47
C ALA D 153 13.40 10.41 -35.52
N THR D 154 14.65 10.40 -35.05
CA THR D 154 15.81 10.56 -35.91
C THR D 154 15.99 9.37 -36.87
N THR D 155 15.79 8.14 -36.39
CA THR D 155 15.98 6.96 -37.23
C THR D 155 14.73 6.51 -37.98
N GLY D 156 13.58 7.01 -37.58
CA GLY D 156 12.32 6.52 -38.12
C GLY D 156 11.96 5.11 -37.66
N ARG D 157 12.60 4.65 -36.58
CA ARG D 157 12.38 3.30 -36.12
C ARG D 157 11.74 3.39 -34.75
N THR D 158 11.23 2.26 -34.28
CA THR D 158 10.57 2.24 -33.00
C THR D 158 11.25 1.37 -31.96
N LEU D 159 12.02 0.37 -32.38
CA LEU D 159 12.52 -0.63 -31.44
C LEU D 159 13.67 -0.15 -30.58
N VAL D 160 13.54 -0.31 -29.27
CA VAL D 160 14.62 0.06 -28.34
C VAL D 160 15.10 -1.18 -27.63
N VAL D 161 16.42 -1.33 -27.56
CA VAL D 161 17.04 -2.48 -26.86
C VAL D 161 17.48 -2.04 -25.48
N THR D 162 17.10 -2.83 -24.48
CA THR D 162 17.56 -2.67 -23.11
C THR D 162 18.25 -3.97 -22.62
N PHE D 163 18.89 -3.89 -21.46
CA PHE D 163 19.56 -5.04 -20.84
C PHE D 163 18.93 -5.34 -19.51
N GLU D 164 18.86 -6.64 -19.21
CA GLU D 164 18.29 -7.12 -17.94
C GLU D 164 18.96 -6.50 -16.75
N GLY D 165 18.17 -5.90 -15.88
CA GLY D 165 18.71 -5.36 -14.65
C GLY D 165 19.06 -3.90 -14.79
N HIS D 166 19.20 -3.41 -16.03
CA HIS D 166 19.45 -2.03 -16.28
C HIS D 166 18.20 -1.19 -16.10
N TYR D 167 18.32 -0.11 -15.35
CA TYR D 167 17.20 0.71 -15.02
C TYR D 167 17.36 2.10 -15.63
N HIS D 168 16.32 2.56 -16.29
CA HIS D 168 16.30 3.84 -16.99
C HIS D 168 15.14 4.76 -16.61
N GLY D 169 14.64 4.56 -15.40
CA GLY D 169 13.53 5.35 -14.91
C GLY D 169 12.19 4.74 -15.23
N TRP D 170 11.16 5.54 -15.06
CA TRP D 170 9.79 5.00 -14.89
C TRP D 170 8.95 5.26 -16.14
N SER D 171 9.55 5.79 -17.22
CA SER D 171 8.74 6.15 -18.37
C SER D 171 8.17 4.90 -19.05
N GLU D 172 7.10 5.12 -19.79
CA GLU D 172 6.19 4.06 -20.28
C GLU D 172 6.87 2.99 -21.11
N THR D 173 7.89 3.39 -21.91
CA THR D 173 8.46 2.47 -22.90
C THR D 173 9.68 1.71 -22.39
N VAL D 174 10.20 2.08 -21.22
CA VAL D 174 11.33 1.38 -20.65
C VAL D 174 11.11 0.70 -19.31
N LEU D 175 10.00 0.96 -18.62
CA LEU D 175 9.84 0.45 -17.26
C LEU D 175 9.54 -1.05 -17.27
N ARG D 176 10.58 -1.86 -17.07
CA ARG D 176 10.52 -3.27 -16.95
C ARG D 176 10.58 -3.72 -15.48
N ALA D 177 10.01 -4.90 -15.17
CA ALA D 177 10.16 -5.45 -13.80
C ALA D 177 11.59 -5.92 -13.62
N GLY D 178 12.34 -5.29 -12.73
CA GLY D 178 13.74 -5.62 -12.59
C GLY D 178 13.94 -6.84 -11.71
N LYS D 179 12.99 -7.09 -10.81
CA LYS D 179 13.09 -8.23 -9.90
C LYS D 179 13.22 -9.54 -10.63
N THR D 180 12.57 -9.63 -11.77
CA THR D 180 12.62 -10.87 -12.57
C THR D 180 14.02 -11.15 -13.17
N ALA D 181 14.87 -10.14 -13.29
CA ALA D 181 16.26 -10.37 -13.70
C ALA D 181 17.10 -11.23 -12.72
N LEU D 182 16.58 -11.43 -11.50
CA LEU D 182 17.34 -12.18 -10.52
C LEU D 182 17.10 -13.69 -10.57
N HIS D 183 16.36 -14.15 -11.56
CA HIS D 183 15.94 -15.57 -11.58
C HIS D 183 16.28 -16.23 -12.90
N MET D 184 16.46 -17.55 -12.87
CA MET D 184 16.88 -18.27 -14.06
C MET D 184 15.89 -18.00 -15.18
N GLU D 185 16.39 -17.99 -16.41
CA GLU D 185 15.59 -17.64 -17.59
C GLU D 185 14.78 -18.85 -18.05
N ASP D 191 10.19 -11.17 -24.10
CA ASP D 191 11.11 -11.37 -23.01
C ASP D 191 10.97 -10.34 -21.87
N VAL D 192 9.84 -9.63 -21.84
CA VAL D 192 9.67 -8.54 -20.86
C VAL D 192 8.38 -8.44 -20.04
N VAL D 193 8.54 -8.08 -18.78
CA VAL D 193 7.43 -7.87 -17.85
C VAL D 193 7.34 -6.38 -17.46
N PRO D 194 6.12 -5.80 -17.48
CA PRO D 194 5.96 -4.39 -17.16
C PRO D 194 6.34 -4.14 -15.71
N GLY D 195 6.99 -3.01 -15.44
CA GLY D 195 7.51 -2.75 -14.10
C GLY D 195 6.56 -2.00 -13.17
N ALA D 196 5.42 -1.59 -13.70
CA ALA D 196 4.40 -0.95 -12.89
C ALA D 196 3.06 -1.35 -13.42
N LEU D 197 2.07 -1.29 -12.54
CA LEU D 197 0.69 -1.55 -12.93
C LEU D 197 0.16 -0.30 -13.60
N GLY D 198 -0.81 -0.48 -14.51
CA GLY D 198 -1.54 0.62 -15.07
C GLY D 198 -0.84 1.22 -16.31
N MET D 199 0.20 0.58 -16.78
CA MET D 199 0.80 0.94 -18.05
C MET D 199 -0.12 0.45 -19.17
N ILE D 200 -0.13 1.16 -20.30
CA ILE D 200 -0.88 0.69 -21.44
C ILE D 200 -0.38 -0.65 -21.97
N PRO D 201 -1.31 -1.46 -22.53
CA PRO D 201 -0.95 -2.84 -22.97
C PRO D 201 0.21 -2.87 -23.95
N GLU D 202 0.33 -1.89 -24.79
CA GLU D 202 1.42 -1.85 -25.76
C GLU D 202 2.70 -1.09 -25.27
N ALA D 203 2.78 -0.83 -23.97
CA ALA D 203 3.84 0.03 -23.41
C ALA D 203 5.22 -0.43 -23.81
N LEU D 204 5.40 -1.75 -23.72
CA LEU D 204 6.65 -2.40 -24.00
C LEU D 204 6.69 -3.14 -25.33
N ALA D 205 5.76 -2.83 -26.23
CA ALA D 205 5.66 -3.63 -27.46
C ALA D 205 6.79 -3.28 -28.40
N HIS D 206 7.47 -2.14 -28.17
CA HIS D 206 8.62 -1.76 -28.97
C HIS D 206 9.91 -1.74 -28.16
N THR D 207 9.93 -2.55 -27.13
CA THR D 207 11.09 -2.66 -26.31
C THR D 207 11.51 -4.08 -26.22
N VAL D 208 12.80 -4.34 -26.34
CA VAL D 208 13.33 -5.69 -26.26
C VAL D 208 14.41 -5.73 -25.18
N GLN D 209 14.73 -6.92 -24.69
CA GLN D 209 15.71 -7.06 -23.63
C GLN D 209 16.65 -8.23 -23.83
N LEU D 210 17.94 -7.99 -23.55
CA LEU D 210 18.99 -9.02 -23.53
C LEU D 210 19.66 -9.08 -22.21
N GLY D 211 20.34 -10.20 -21.95
CA GLY D 211 21.24 -10.29 -20.82
C GLY D 211 22.43 -9.35 -20.97
N TRP D 212 22.82 -8.72 -19.86
CA TRP D 212 24.02 -7.92 -19.82
C TRP D 212 25.20 -8.80 -20.16
N ASN D 213 26.14 -8.27 -20.93
CA ASN D 213 27.44 -8.93 -21.11
C ASN D 213 27.35 -10.27 -21.80
N ASP D 214 26.42 -10.37 -22.75
CA ASP D 214 26.26 -11.57 -23.55
C ASP D 214 26.46 -11.23 -25.05
N PRO D 215 27.71 -11.23 -25.53
CA PRO D 215 27.98 -10.75 -26.91
C PRO D 215 27.34 -11.61 -27.99
N ASP D 216 27.14 -12.90 -27.71
CA ASP D 216 26.50 -13.80 -28.68
C ASP D 216 25.05 -13.41 -28.89
N ALA D 217 24.28 -13.23 -27.81
CA ALA D 217 22.90 -12.80 -27.96
C ALA D 217 22.81 -11.44 -28.67
N LEU D 218 23.76 -10.54 -28.36
CA LEU D 218 23.72 -9.19 -28.91
C LEU D 218 24.02 -9.20 -30.41
N ARG D 219 24.99 -9.99 -30.82
CA ARG D 219 25.24 -10.18 -32.23
C ARG D 219 24.03 -10.78 -32.95
N GLU D 220 23.45 -11.80 -32.35
CA GLU D 220 22.32 -12.47 -32.90
C GLU D 220 21.16 -11.50 -33.10
N LEU D 221 20.88 -10.68 -32.08
CA LEU D 221 19.81 -9.70 -32.20
C LEU D 221 20.08 -8.74 -33.35
N PHE D 222 21.29 -8.20 -33.47
CA PHE D 222 21.59 -7.27 -34.60
C PHE D 222 21.63 -7.96 -35.94
N ALA D 223 22.02 -9.24 -35.98
CA ALA D 223 21.91 -10.02 -37.24
C ALA D 223 20.45 -10.20 -37.67
N ARG D 224 19.55 -10.37 -36.70
CA ARG D 224 18.13 -10.60 -36.97
C ARG D 224 17.30 -9.33 -37.12
N ASP D 225 17.61 -8.29 -36.33
CA ASP D 225 16.71 -7.13 -36.21
C ASP D 225 17.43 -5.75 -36.30
N GLY D 226 18.72 -5.73 -36.61
CA GLY D 226 19.49 -4.49 -36.67
C GLY D 226 18.81 -3.36 -37.46
N ASP D 227 18.08 -3.72 -38.52
CA ASP D 227 17.42 -2.75 -39.39
C ASP D 227 16.23 -2.04 -38.70
N ARG D 228 15.70 -2.67 -37.67
CA ARG D 228 14.53 -2.18 -36.94
C ARG D 228 14.88 -1.42 -35.66
N ILE D 229 16.14 -1.43 -35.25
CA ILE D 229 16.48 -0.89 -33.91
C ILE D 229 16.75 0.61 -33.94
N ALA D 230 15.93 1.37 -33.22
CA ALA D 230 16.14 2.80 -33.14
C ALA D 230 17.28 3.15 -32.20
N ALA D 231 17.40 2.38 -31.12
CA ALA D 231 18.42 2.71 -30.08
C ALA D 231 18.68 1.54 -29.20
N VAL D 232 19.91 1.50 -28.71
CA VAL D 232 20.26 0.64 -27.59
C VAL D 232 20.57 1.60 -26.44
N ILE D 233 19.88 1.35 -25.32
CA ILE D 233 20.12 2.09 -24.09
C ILE D 233 20.74 1.15 -23.09
N VAL D 234 21.66 1.67 -22.29
CA VAL D 234 22.56 0.84 -21.46
C VAL D 234 23.20 1.64 -20.37
N GLU D 235 23.22 1.07 -19.16
CA GLU D 235 24.10 1.60 -18.09
C GLU D 235 25.47 1.05 -18.46
N PRO D 236 26.41 1.92 -18.82
CA PRO D 236 27.68 1.41 -19.26
C PRO D 236 28.42 0.52 -18.26
N VAL D 237 28.38 0.90 -17.00
CA VAL D 237 28.63 0.02 -15.91
C VAL D 237 27.25 -0.19 -15.26
N LEU D 238 26.83 -1.43 -15.05
CA LEU D 238 25.54 -1.68 -14.39
C LEU D 238 25.73 -1.28 -12.92
N ALA D 239 25.01 -0.25 -12.49
CA ALA D 239 25.17 0.26 -11.11
C ALA D 239 23.98 0.52 -10.36
N ASN D 240 22.85 0.65 -10.98
CA ASN D 240 21.68 0.88 -10.11
C ASN D 240 21.66 -0.33 -9.15
N ALA D 241 22.27 -1.40 -9.65
CA ALA D 241 22.44 -2.59 -8.84
C ALA D 241 23.75 -3.36 -9.16
N GLY D 242 24.16 -4.21 -8.22
CA GLY D 242 25.45 -4.93 -8.16
C GLY D 242 26.79 -4.47 -8.65
N VAL D 243 26.86 -3.33 -9.25
CA VAL D 243 28.08 -2.91 -9.88
C VAL D 243 28.81 -3.91 -10.76
N ILE D 244 28.41 -3.98 -12.01
CA ILE D 244 28.90 -5.03 -12.92
C ILE D 244 29.40 -4.33 -14.13
N PRO D 245 30.73 -4.22 -14.23
CA PRO D 245 31.31 -3.49 -15.36
C PRO D 245 30.99 -4.22 -16.62
N PRO D 246 31.10 -3.54 -17.76
CA PRO D 246 30.98 -4.23 -19.03
C PRO D 246 32.14 -5.24 -19.21
N ALA D 247 31.88 -6.39 -19.82
CA ALA D 247 32.92 -7.36 -20.19
C ALA D 247 33.89 -6.71 -21.20
N PRO D 248 35.14 -7.23 -21.29
CA PRO D 248 36.13 -6.62 -22.21
C PRO D 248 35.59 -6.61 -23.63
N GLY D 249 35.68 -5.46 -24.27
CA GLY D 249 35.20 -5.33 -25.61
C GLY D 249 33.68 -5.09 -25.76
N PHE D 250 32.90 -5.23 -24.68
CA PHE D 250 31.46 -5.22 -24.81
C PHE D 250 30.93 -3.89 -25.26
N LEU D 251 31.35 -2.81 -24.64
CA LEU D 251 30.94 -1.48 -25.04
C LEU D 251 31.36 -1.17 -26.48
N GLN D 252 32.55 -1.65 -26.86
CA GLN D 252 33.05 -1.43 -28.22
C GLN D 252 32.19 -2.16 -29.25
N LEU D 253 31.82 -3.40 -28.91
CA LEU D 253 30.94 -4.16 -29.76
C LEU D 253 29.58 -3.44 -29.93
N LEU D 254 28.95 -3.00 -28.84
CA LEU D 254 27.73 -2.21 -28.92
C LEU D 254 27.89 -1.01 -29.84
N ARG D 255 28.99 -0.28 -29.69
CA ARG D 255 29.27 0.87 -30.53
C ARG D 255 29.37 0.47 -31.99
N GLU D 256 30.06 -0.60 -32.27
CA GLU D 256 30.17 -1.09 -33.64
C GLU D 256 28.84 -1.57 -34.24
N LEU D 257 28.07 -2.37 -33.49
CA LEU D 257 26.84 -2.92 -34.04
C LEU D 257 25.84 -1.86 -34.27
N THR D 258 25.73 -0.91 -33.33
CA THR D 258 24.80 0.19 -33.50
C THR D 258 25.21 1.06 -34.70
N GLY D 259 26.49 1.38 -34.78
CA GLY D 259 26.98 2.25 -35.89
C GLY D 259 26.66 1.59 -37.22
N ARG D 260 26.89 0.29 -37.31
CA ARG D 260 26.66 -0.42 -38.58
C ARG D 260 25.18 -0.54 -38.93
N SER D 261 24.31 -0.62 -37.93
CA SER D 261 22.90 -0.79 -38.23
C SER D 261 22.13 0.49 -38.43
N GLY D 262 22.74 1.64 -38.12
CA GLY D 262 21.99 2.90 -38.11
C GLY D 262 21.22 3.15 -36.81
N ALA D 263 21.46 2.36 -35.79
CA ALA D 263 20.83 2.57 -34.49
C ALA D 263 21.63 3.59 -33.68
N MET D 264 20.97 4.38 -32.86
CA MET D 264 21.64 5.21 -31.87
C MET D 264 22.07 4.47 -30.63
N LEU D 265 23.25 4.79 -30.13
CA LEU D 265 23.70 4.20 -28.89
C LEU D 265 23.53 5.21 -27.80
N VAL D 266 22.81 4.82 -26.74
CA VAL D 266 22.52 5.76 -25.67
C VAL D 266 23.11 5.24 -24.37
N PHE D 267 24.03 6.01 -23.82
CA PHE D 267 24.60 5.67 -22.51
C PHE D 267 23.77 6.38 -21.44
N ASP D 268 23.15 5.60 -20.56
CA ASP D 268 22.52 6.16 -19.38
C ASP D 268 23.61 6.29 -18.30
N GLU D 269 24.09 7.53 -18.11
CA GLU D 269 25.18 7.84 -17.18
C GLU D 269 24.67 8.63 -15.98
N VAL D 270 23.43 8.39 -15.64
CA VAL D 270 22.83 9.01 -14.50
C VAL D 270 23.66 8.73 -13.24
N ILE D 271 24.19 7.51 -13.13
CA ILE D 271 25.01 7.13 -12.00
C ILE D 271 26.50 7.28 -12.32
N THR D 272 26.93 6.75 -13.44
CA THR D 272 28.35 6.73 -13.80
C THR D 272 28.93 8.13 -14.16
N GLY D 273 28.09 9.07 -14.58
CA GLY D 273 28.58 10.37 -14.99
C GLY D 273 29.25 11.08 -13.83
N PHE D 274 30.40 11.71 -14.10
CA PHE D 274 31.15 12.44 -13.12
C PHE D 274 31.48 11.63 -11.89
N ARG D 275 31.42 10.32 -12.00
CA ARG D 275 31.57 9.43 -10.83
C ARG D 275 32.68 8.41 -11.00
N VAL D 276 32.65 7.67 -12.10
CA VAL D 276 33.66 6.67 -12.37
C VAL D 276 34.88 7.34 -13.08
N ALA D 277 34.73 8.60 -13.46
CA ALA D 277 35.78 9.43 -14.08
C ALA D 277 35.11 10.74 -14.33
N ARG D 278 35.92 11.75 -14.61
CA ARG D 278 35.40 13.10 -14.79
C ARG D 278 34.40 13.13 -15.96
N GLY D 279 34.78 12.53 -17.06
CA GLY D 279 33.90 12.35 -18.24
C GLY D 279 33.09 11.07 -18.25
N GLY D 280 32.90 10.46 -17.09
CA GLY D 280 32.04 9.29 -16.99
C GLY D 280 32.61 8.02 -17.57
N ALA D 281 31.75 7.02 -17.71
CA ALA D 281 32.19 5.73 -18.24
C ALA D 281 32.71 5.92 -19.64
N GLN D 282 32.04 6.78 -20.39
CA GLN D 282 32.44 7.02 -21.76
C GLN D 282 33.94 7.38 -21.82
N GLU D 283 34.40 8.21 -20.90
CA GLU D 283 35.84 8.53 -20.85
C GLU D 283 36.65 7.34 -20.28
N ARG D 284 36.21 6.79 -19.16
CA ARG D 284 36.91 5.69 -18.54
C ARG D 284 37.09 4.49 -19.45
N TYR D 285 36.09 4.12 -20.26
CA TYR D 285 36.25 3.00 -21.16
C TYR D 285 36.58 3.39 -22.60
N GLY D 286 36.73 4.67 -22.89
CA GLY D 286 37.14 5.10 -24.21
C GLY D 286 36.10 4.78 -25.28
N VAL D 287 34.82 4.79 -24.94
CA VAL D 287 33.79 4.54 -25.95
C VAL D 287 32.76 5.63 -25.82
N GLU D 288 32.52 6.34 -26.91
CA GLU D 288 31.52 7.40 -26.90
C GLU D 288 30.20 7.00 -27.58
N PRO D 289 29.11 7.25 -26.89
CA PRO D 289 27.79 6.96 -27.39
C PRO D 289 27.29 8.09 -28.30
N ASP D 290 26.14 7.90 -28.92
CA ASP D 290 25.52 8.97 -29.69
C ASP D 290 24.78 9.92 -28.75
N LEU D 291 24.11 9.40 -27.73
CA LEU D 291 23.52 10.22 -26.72
C LEU D 291 23.89 9.76 -25.33
N THR D 292 23.99 10.73 -24.42
CA THR D 292 24.35 10.52 -23.05
C THR D 292 23.28 11.15 -22.16
N VAL D 293 22.85 10.43 -21.13
CA VAL D 293 21.98 10.94 -20.11
C VAL D 293 22.77 11.17 -18.83
N LEU D 294 22.54 12.32 -18.23
CA LEU D 294 23.26 12.68 -16.99
C LEU D 294 22.29 13.14 -15.92
N SER D 295 22.69 12.97 -14.66
CA SER D 295 21.94 13.47 -13.53
C SER D 295 22.80 13.25 -12.23
N LYS D 296 22.14 13.13 -11.10
CA LYS D 296 22.79 12.78 -9.83
C LYS D 296 24.00 13.66 -9.52
N VAL D 297 25.24 13.23 -9.82
CA VAL D 297 26.42 14.01 -9.39
C VAL D 297 26.41 15.39 -10.06
N MET D 298 25.89 15.43 -11.28
CA MET D 298 25.82 16.66 -12.07
C MET D 298 25.25 17.86 -11.36
N GLY D 299 24.20 17.64 -10.58
CA GLY D 299 23.49 18.72 -9.90
C GLY D 299 23.66 18.66 -8.39
N GLY D 300 24.53 17.79 -7.92
CA GLY D 300 24.80 17.69 -6.47
C GLY D 300 23.60 17.20 -5.66
N GLY D 301 22.69 16.48 -6.28
CA GLY D 301 21.44 16.10 -5.61
C GLY D 301 20.28 17.07 -5.74
N PHE D 302 20.51 18.22 -6.40
CA PHE D 302 19.38 19.10 -6.78
C PHE D 302 18.67 18.35 -7.91
N PRO D 303 17.32 18.34 -7.93
CA PRO D 303 16.67 17.64 -9.04
C PRO D 303 16.91 18.28 -10.42
N VAL D 304 17.80 17.66 -11.19
CA VAL D 304 18.13 18.16 -12.50
C VAL D 304 18.79 17.02 -13.26
N ALA D 305 18.65 17.04 -14.56
CA ALA D 305 19.20 16.01 -15.39
C ALA D 305 19.48 16.62 -16.73
N ALA D 306 20.04 15.84 -17.62
CA ALA D 306 20.20 16.33 -18.99
C ALA D 306 20.41 15.18 -19.94
N PHE D 307 20.22 15.43 -21.21
CA PHE D 307 20.77 14.53 -22.21
C PHE D 307 21.41 15.38 -23.26
N GLY D 308 22.40 14.80 -23.90
CA GLY D 308 23.08 15.46 -24.98
C GLY D 308 23.95 14.54 -25.81
N GLY D 309 24.67 15.19 -26.73
CA GLY D 309 25.45 14.48 -27.72
C GLY D 309 26.20 15.45 -28.60
N ARG D 310 26.81 14.92 -29.65
CA ARG D 310 27.42 15.77 -30.66
C ARG D 310 26.31 16.42 -31.44
N ARG D 311 26.64 17.55 -32.07
CA ARG D 311 25.70 18.24 -32.93
C ARG D 311 24.96 17.36 -33.94
N HIS D 312 25.65 16.45 -34.61
CA HIS D 312 25.01 15.52 -35.57
C HIS D 312 23.85 14.77 -34.89
N ALA D 313 24.12 14.10 -33.76
CA ALA D 313 23.06 13.38 -33.00
C ALA D 313 21.89 14.25 -32.47
N MET D 314 22.14 15.53 -32.25
CA MET D 314 21.13 16.42 -31.66
C MET D 314 20.24 17.16 -32.68
N ARG D 315 20.44 16.91 -33.99
CA ARG D 315 19.88 17.72 -35.10
C ARG D 315 18.37 17.93 -35.10
N MET D 316 17.61 16.93 -34.64
CA MET D 316 16.16 17.03 -34.60
C MET D 316 15.79 17.71 -33.29
N GLY D 330 15.27 23.02 -16.67
CA GLY D 330 16.34 24.05 -16.73
C GLY D 330 16.17 25.33 -15.88
N ASN D 331 15.43 25.27 -14.75
CA ASN D 331 15.29 26.45 -13.89
C ASN D 331 16.63 26.88 -13.28
N HIS D 332 16.69 28.13 -12.85
CA HIS D 332 17.95 28.79 -12.61
C HIS D 332 18.69 28.19 -11.38
N ALA D 333 17.99 27.81 -10.32
CA ALA D 333 18.66 27.17 -9.20
C ALA D 333 19.30 25.82 -9.59
N ALA D 334 18.59 25.03 -10.43
CA ALA D 334 19.11 23.72 -10.94
C ALA D 334 20.41 23.95 -11.72
N LEU D 335 20.38 24.89 -12.65
CA LEU D 335 21.57 25.21 -13.43
C LEU D 335 22.68 25.80 -12.60
N ARG D 336 22.33 26.54 -11.56
CA ARG D 336 23.33 27.05 -10.64
C ARG D 336 24.06 25.91 -9.88
N ALA D 337 23.28 24.92 -9.43
CA ALA D 337 23.80 23.76 -8.81
C ALA D 337 24.74 23.03 -9.76
N VAL D 338 24.36 22.96 -11.01
CA VAL D 338 25.23 22.30 -11.98
C VAL D 338 26.53 23.09 -12.13
N VAL D 339 26.41 24.40 -12.26
CA VAL D 339 27.61 25.24 -12.41
C VAL D 339 28.54 25.08 -11.18
N ALA D 340 27.97 25.12 -9.98
CA ALA D 340 28.76 25.01 -8.78
C ALA D 340 29.37 23.65 -8.63
N MET D 341 28.62 22.61 -8.94
CA MET D 341 29.15 21.25 -8.81
C MET D 341 30.20 20.93 -9.88
N LEU D 342 29.88 21.17 -11.14
CA LEU D 342 30.81 20.86 -12.23
C LEU D 342 32.02 21.81 -12.20
N GLY D 343 31.81 23.04 -11.76
CA GLY D 343 32.90 23.97 -11.50
C GLY D 343 33.83 23.41 -10.45
N LYS D 344 33.27 22.93 -9.35
CA LYS D 344 34.11 22.41 -8.27
C LYS D 344 34.94 21.21 -8.71
N ILE D 345 34.32 20.28 -9.43
CA ILE D 345 35.01 19.15 -9.99
C ILE D 345 36.09 19.58 -10.98
N ARG D 346 35.77 20.52 -11.85
CA ARG D 346 36.74 21.01 -12.83
C ARG D 346 37.97 21.53 -12.13
N SER D 347 37.81 22.14 -10.98
CA SER D 347 38.92 22.71 -10.27
C SER D 347 39.76 21.70 -9.50
N LEU D 348 39.40 20.42 -9.52
CA LEU D 348 40.11 19.40 -8.72
C LEU D 348 40.65 18.35 -9.66
N PRO D 349 41.76 18.66 -10.34
CA PRO D 349 42.25 17.77 -11.37
C PRO D 349 42.67 16.39 -10.90
N ASP D 350 42.88 16.20 -9.61
CA ASP D 350 43.29 14.90 -9.10
C ASP D 350 42.16 14.23 -8.33
N LEU D 351 40.98 14.82 -8.36
CA LEU D 351 39.83 14.32 -7.64
C LEU D 351 39.62 12.82 -7.84
N TYR D 352 39.69 12.35 -9.08
CA TYR D 352 39.33 10.93 -9.36
C TYR D 352 40.43 9.98 -8.91
N GLU D 353 41.66 10.49 -8.77
CA GLU D 353 42.74 9.75 -8.15
C GLU D 353 42.43 9.58 -6.69
N ARG D 354 41.98 10.66 -6.07
CA ARG D 354 41.73 10.64 -4.63
C ARG D 354 40.50 9.75 -4.35
N LEU D 355 39.45 9.88 -5.17
CA LEU D 355 38.29 9.03 -5.01
C LEU D 355 38.71 7.57 -5.20
N GLU D 356 39.57 7.29 -6.17
CA GLU D 356 40.09 5.93 -6.35
C GLU D 356 40.76 5.41 -5.10
N ASP D 357 41.58 6.23 -4.45
CA ASP D 357 42.24 5.84 -3.17
C ASP D 357 41.25 5.59 -2.00
N THR D 358 40.22 6.42 -1.88
CA THR D 358 39.14 6.18 -0.92
C THR D 358 38.46 4.81 -1.19
N GLY D 359 38.16 4.53 -2.47
CA GLY D 359 37.53 3.30 -2.89
C GLY D 359 38.36 2.09 -2.54
N GLN D 360 39.62 2.15 -2.90
CA GLN D 360 40.62 1.12 -2.57
C GLN D 360 40.72 0.89 -1.05
N TYR D 361 40.85 1.96 -0.28
CA TYR D 361 41.02 1.82 1.14
C TYR D 361 39.80 1.17 1.76
N MET D 362 38.61 1.55 1.30
CA MET D 362 37.39 0.91 1.81
C MET D 362 37.36 -0.58 1.42
N GLU D 363 37.63 -0.86 0.15
CA GLU D 363 37.57 -2.22 -0.34
C GLU D 363 38.56 -3.10 0.50
N ASP D 364 39.79 -2.63 0.67
CA ASP D 364 40.81 -3.41 1.44
C ASP D 364 40.33 -3.64 2.85
N THR D 365 39.85 -2.58 3.48
CA THR D 365 39.39 -2.61 4.84
C THR D 365 38.26 -3.65 5.01
N VAL D 366 37.26 -3.56 4.15
CA VAL D 366 36.11 -4.42 4.27
C VAL D 366 36.60 -5.87 4.04
N ARG D 367 37.45 -6.07 3.05
CA ARG D 367 37.94 -7.41 2.77
C ARG D 367 38.70 -8.05 3.93
N GLU D 368 39.53 -7.25 4.58
CA GLU D 368 40.25 -7.69 5.78
C GLU D 368 39.33 -8.07 6.94
N VAL D 369 38.32 -7.28 7.21
CA VAL D 369 37.37 -7.58 8.28
C VAL D 369 36.57 -8.85 8.01
N PHE D 370 36.09 -9.02 6.77
CA PHE D 370 35.38 -10.25 6.40
C PHE D 370 36.30 -11.45 6.42
N ALA D 371 37.50 -11.32 5.88
CA ALA D 371 38.42 -12.47 5.91
C ALA D 371 38.76 -12.86 7.38
N THR D 372 38.90 -11.85 8.24
CA THR D 372 39.23 -12.09 9.65
C THR D 372 38.11 -12.85 10.38
N GLU D 373 36.86 -12.64 10.00
CA GLU D 373 35.74 -13.40 10.55
C GLU D 373 35.39 -14.62 9.68
N LYS D 374 36.26 -14.93 8.74
CA LYS D 374 36.05 -16.06 7.82
C LYS D 374 34.64 -16.08 7.20
N ARG D 375 34.16 -14.91 6.79
CA ARG D 375 32.86 -14.79 6.13
C ARG D 375 33.06 -14.46 4.66
N PRO D 376 32.64 -15.34 3.75
CA PRO D 376 32.88 -15.01 2.33
C PRO D 376 32.05 -13.80 1.89
N VAL D 377 32.63 -13.00 1.02
CA VAL D 377 32.03 -11.76 0.62
C VAL D 377 32.37 -11.47 -0.86
N HIS D 378 31.44 -10.87 -1.59
CA HIS D 378 31.71 -10.48 -2.95
C HIS D 378 31.71 -8.97 -3.05
N ILE D 379 32.75 -8.43 -3.64
CA ILE D 379 32.94 -7.00 -3.73
C ILE D 379 33.35 -6.64 -5.13
N ASN D 380 32.48 -5.87 -5.83
CA ASN D 380 32.79 -5.20 -7.09
C ASN D 380 32.90 -3.71 -6.91
N ARG D 381 33.95 -3.10 -7.45
CA ARG D 381 34.19 -1.72 -7.29
C ARG D 381 34.67 -1.08 -8.57
N VAL D 382 34.05 0.04 -8.94
CA VAL D 382 34.56 0.96 -9.95
C VAL D 382 34.67 2.30 -9.28
N GLY D 383 35.88 2.73 -8.93
CA GLY D 383 36.06 4.01 -8.20
C GLY D 383 35.37 3.97 -6.85
N THR D 384 34.47 4.90 -6.59
CA THR D 384 33.75 4.97 -5.35
C THR D 384 32.38 4.28 -5.37
N LEU D 385 32.06 3.68 -6.52
CA LEU D 385 30.89 2.89 -6.76
C LEU D 385 31.29 1.46 -6.39
N MET D 386 30.56 0.82 -5.48
CA MET D 386 30.97 -0.51 -4.94
C MET D 386 29.83 -1.34 -4.32
N SER D 387 29.72 -2.59 -4.74
CA SER D 387 28.80 -3.56 -4.12
C SER D 387 29.52 -4.43 -3.12
N VAL D 388 28.89 -4.66 -2.00
CA VAL D 388 29.39 -5.55 -0.97
C VAL D 388 28.27 -6.52 -0.57
N ALA D 389 28.53 -7.81 -0.72
CA ALA D 389 27.50 -8.83 -0.61
C ALA D 389 28.08 -10.06 0.11
N LEU D 390 27.43 -10.44 1.21
CA LEU D 390 27.74 -11.65 1.95
C LEU D 390 27.33 -12.86 1.08
N LEU D 391 28.24 -13.81 0.92
CA LEU D 391 27.98 -14.99 0.11
C LEU D 391 27.49 -16.20 0.94
N LYS D 392 26.73 -17.06 0.25
CA LYS D 392 26.27 -18.36 0.79
C LYS D 392 27.44 -19.27 1.09
N GLY D 393 28.35 -19.36 0.13
CA GLY D 393 29.50 -20.23 0.17
C GLY D 393 30.78 -19.48 -0.14
N SER D 394 31.92 -20.16 -0.17
CA SER D 394 33.21 -19.47 -0.32
C SER D 394 33.33 -18.85 -1.71
N ALA D 395 33.93 -17.66 -1.74
CA ALA D 395 34.19 -16.93 -2.99
C ALA D 395 34.91 -17.86 -3.92
N GLU D 396 34.45 -17.90 -5.16
CA GLU D 396 35.27 -18.40 -6.25
C GLU D 396 35.55 -17.16 -7.12
N PRO D 397 36.63 -16.37 -6.81
CA PRO D 397 36.97 -15.20 -7.66
C PRO D 397 37.19 -15.44 -9.17
N SER D 398 37.63 -16.63 -9.61
CA SER D 398 37.75 -16.90 -11.06
C SER D 398 36.38 -17.03 -11.75
N ALA D 399 35.30 -17.21 -10.98
CA ALA D 399 33.97 -17.38 -11.54
C ALA D 399 33.18 -16.06 -11.38
N GLU D 400 33.72 -14.98 -11.95
CA GLU D 400 33.16 -13.62 -11.83
C GLU D 400 31.75 -13.54 -12.45
N PRO D 401 30.75 -13.17 -11.68
CA PRO D 401 29.39 -13.01 -12.25
C PRO D 401 29.33 -11.94 -13.32
N ARG D 402 28.74 -12.22 -14.48
CA ARG D 402 28.72 -11.22 -15.55
C ARG D 402 27.41 -10.44 -15.59
N ASP D 403 26.42 -10.91 -14.81
CA ASP D 403 25.10 -10.26 -14.79
C ASP D 403 24.45 -10.42 -13.43
N LEU D 404 23.24 -9.83 -13.25
CA LEU D 404 22.55 -9.79 -11.93
C LEU D 404 22.12 -11.20 -11.51
N ARG D 405 21.70 -12.05 -12.45
CA ARG D 405 21.32 -13.42 -12.11
C ARG D 405 22.48 -14.22 -11.56
N GLN D 406 23.61 -14.18 -12.22
CA GLN D 406 24.80 -14.87 -11.70
C GLN D 406 25.22 -14.36 -10.34
N LEU D 407 25.15 -13.05 -10.15
CA LEU D 407 25.56 -12.46 -8.87
C LEU D 407 24.56 -12.83 -7.75
N ALA D 408 23.26 -12.63 -8.01
CA ALA D 408 22.23 -12.98 -7.06
C ALA D 408 22.31 -14.44 -6.62
N ALA D 409 22.53 -15.35 -7.54
CA ALA D 409 22.69 -16.77 -7.21
C ALA D 409 23.76 -17.06 -6.13
N LEU D 410 24.81 -16.24 -6.03
CA LEU D 410 25.87 -16.46 -5.05
C LEU D 410 25.60 -15.84 -3.69
N VAL D 411 24.69 -14.88 -3.65
CA VAL D 411 24.52 -14.02 -2.47
C VAL D 411 23.54 -14.64 -1.45
N ASP D 412 23.86 -14.47 -0.17
CA ASP D 412 23.00 -14.87 0.93
C ASP D 412 22.18 -13.67 1.35
N PHE D 413 21.07 -13.45 0.70
CA PHE D 413 20.28 -12.26 0.96
C PHE D 413 19.79 -12.11 2.40
N PRO D 414 19.19 -13.16 2.98
CA PRO D 414 18.68 -13.04 4.35
C PRO D 414 19.73 -12.68 5.40
N ARG D 415 20.86 -13.36 5.33
CA ARG D 415 21.96 -13.00 6.22
C ARG D 415 22.54 -11.60 5.98
N HIS D 416 22.53 -11.17 4.73
CA HIS D 416 22.99 -9.83 4.45
C HIS D 416 22.04 -8.84 5.07
N ARG D 417 20.73 -9.08 4.99
CA ARG D 417 19.76 -8.20 5.70
C ARG D 417 19.99 -8.15 7.21
N ARG D 418 20.24 -9.32 7.78
CA ARG D 418 20.52 -9.41 9.21
C ARG D 418 21.79 -8.62 9.53
N LEU D 419 22.83 -8.79 8.72
CA LEU D 419 24.04 -7.94 8.86
C LEU D 419 23.69 -6.44 8.82
N GLN D 420 22.81 -6.03 7.93
CA GLN D 420 22.49 -4.62 7.79
C GLN D 420 21.84 -4.06 9.06
N THR D 421 20.90 -4.83 9.61
CA THR D 421 20.25 -4.50 10.88
C THR D 421 21.31 -4.28 11.98
N LEU D 422 22.23 -5.23 12.11
CA LEU D 422 23.27 -5.15 13.08
C LEU D 422 24.19 -3.95 12.83
N ALA D 423 24.62 -3.72 11.59
CA ALA D 423 25.50 -2.60 11.28
C ALA D 423 24.80 -1.28 11.61
N GLN D 424 23.49 -1.22 11.36
CA GLN D 424 22.78 -0.01 11.65
C GLN D 424 22.81 0.29 13.15
N LYS D 425 22.60 -0.72 14.00
CA LYS D 425 22.71 -0.58 15.46
C LYS D 425 24.10 -0.15 15.87
N GLU D 426 25.11 -0.56 15.13
CA GLU D 426 26.48 -0.10 15.35
C GLU D 426 26.81 1.26 14.71
N GLY D 427 25.84 1.93 14.10
CA GLY D 427 26.07 3.25 13.56
C GLY D 427 26.64 3.28 12.14
N VAL D 428 26.39 2.24 11.35
CA VAL D 428 26.66 2.27 9.90
C VAL D 428 25.43 1.85 9.06
N TYR D 429 25.00 2.72 8.14
CA TYR D 429 23.87 2.42 7.26
C TYR D 429 24.34 2.02 5.86
N PHE D 430 23.94 0.82 5.44
CA PHE D 430 23.92 0.47 4.02
C PHE D 430 22.56 -0.11 3.72
N HIS D 431 22.17 -0.10 2.45
CA HIS D 431 20.86 -0.63 2.08
C HIS D 431 20.83 -2.14 2.39
N PRO D 432 19.71 -2.67 2.92
CA PRO D 432 19.65 -4.11 3.32
C PRO D 432 19.79 -5.11 2.19
N ASN D 433 19.42 -4.70 1.00
CA ASN D 433 19.56 -5.51 -0.19
C ASN D 433 20.99 -5.43 -0.62
N ALA D 434 21.67 -6.59 -0.57
CA ALA D 434 23.09 -6.69 -0.94
C ALA D 434 23.42 -6.22 -2.38
N LEU D 435 22.43 -6.16 -3.28
CA LEU D 435 22.67 -5.65 -4.66
C LEU D 435 22.64 -4.13 -4.76
N GLU D 436 22.14 -3.44 -3.73
CA GLU D 436 22.19 -1.99 -3.77
C GLU D 436 23.59 -1.55 -3.43
N PRO D 437 24.25 -0.82 -4.35
CA PRO D 437 25.64 -0.45 -4.10
C PRO D 437 25.85 0.61 -3.05
N TRP D 438 27.08 0.68 -2.58
CA TRP D 438 27.58 1.81 -1.78
C TRP D 438 28.10 2.91 -2.69
N PHE D 439 27.90 4.16 -2.28
CA PHE D 439 28.39 5.33 -3.01
C PHE D 439 29.26 6.17 -2.08
N LEU D 440 30.57 5.96 -2.15
CA LEU D 440 31.49 6.68 -1.31
C LEU D 440 31.75 8.12 -1.81
N SER D 441 32.21 8.95 -0.87
CA SER D 441 32.40 10.38 -1.10
C SER D 441 33.74 10.80 -0.54
N THR D 442 34.16 12.02 -0.83
CA THR D 442 35.41 12.53 -0.25
C THR D 442 35.25 12.71 1.25
N ALA D 443 34.02 12.72 1.76
CA ALA D 443 33.80 12.79 3.21
C ALA D 443 34.01 11.44 3.90
N HIS D 444 34.15 10.34 3.12
CA HIS D 444 34.48 9.07 3.68
C HIS D 444 36.01 8.97 3.81
N THR D 445 36.55 9.65 4.83
CA THR D 445 38.02 9.75 5.03
C THR D 445 38.53 8.44 5.57
N ARG D 446 39.84 8.34 5.66
CA ARG D 446 40.47 7.17 6.27
C ARG D 446 40.02 6.94 7.67
N ASP D 447 39.79 7.99 8.45
CA ASP D 447 39.28 7.80 9.80
C ASP D 447 37.82 7.34 9.82
N VAL D 448 37.03 7.80 8.86
CA VAL D 448 35.65 7.35 8.79
C VAL D 448 35.63 5.87 8.43
N ILE D 449 36.46 5.50 7.49
CA ILE D 449 36.55 4.11 7.05
C ILE D 449 37.06 3.19 8.15
N ASP D 450 38.04 3.64 8.94
CA ASP D 450 38.51 2.85 10.11
C ASP D 450 37.36 2.66 11.06
N LYS D 451 36.56 3.70 11.31
CA LYS D 451 35.35 3.51 12.14
C LYS D 451 34.36 2.50 11.52
N VAL D 452 34.19 2.55 10.21
CA VAL D 452 33.24 1.62 9.55
C VAL D 452 33.73 0.21 9.77
N ALA D 453 35.02 0.03 9.65
CA ALA D 453 35.65 -1.27 9.87
C ALA D 453 35.31 -1.82 11.27
N GLY D 454 35.47 -1.01 12.30
CA GLY D 454 35.14 -1.45 13.66
C GLY D 454 33.67 -1.85 13.75
N ALA D 455 32.81 -1.02 13.20
CA ALA D 455 31.40 -1.27 13.26
C ALA D 455 31.02 -2.54 12.50
N LEU D 456 31.63 -2.76 11.35
CA LEU D 456 31.33 -3.96 10.58
C LEU D 456 31.83 -5.22 11.29
N GLN D 457 33.00 -5.13 11.90
CA GLN D 457 33.50 -6.26 12.71
C GLN D 457 32.60 -6.59 13.90
N ARG D 458 32.20 -5.56 14.64
CA ARG D 458 31.25 -5.74 15.73
C ARG D 458 29.95 -6.38 15.22
N SER D 459 29.54 -6.02 14.00
CA SER D 459 28.32 -6.58 13.41
C SER D 459 28.46 -8.04 13.04
N LEU D 460 29.57 -8.37 12.39
CA LEU D 460 29.80 -9.74 11.91
C LEU D 460 29.85 -10.74 13.06
N VAL D 461 30.58 -10.37 14.10
CA VAL D 461 30.65 -11.15 15.33
C VAL D 461 29.26 -11.41 15.87
N GLY D 462 28.34 -10.46 15.68
CA GLY D 462 26.97 -10.63 16.12
C GLY D 462 26.10 -11.47 15.20
N LEU D 463 26.63 -11.87 14.05
CA LEU D 463 25.85 -12.55 13.02
C LEU D 463 25.86 -14.03 13.32
N1 PLP E . -3.60 -22.99 6.43
C2 PLP E . -3.26 -24.19 6.91
C2A PLP E . -2.04 -24.87 6.36
C3 PLP E . -4.12 -24.86 7.96
O3 PLP E . -3.79 -26.05 8.49
C4 PLP E . -5.31 -24.16 8.46
C4A PLP E . -6.21 -24.73 9.52
O4A PLP E . -5.97 -25.82 10.08
C5 PLP E . -5.59 -22.84 7.83
C6 PLP E . -4.70 -22.32 6.84
C5A PLP E . -6.78 -22.04 8.27
O4P PLP E . -6.67 -21.58 9.64
P PLP E . -7.99 -21.06 10.47
O1P PLP E . -8.71 -22.37 10.74
O2P PLP E . -8.86 -20.18 9.56
O3P PLP E . -7.31 -20.38 11.69
N1 PLP F . -20.99 -7.18 11.26
C2 PLP F . -20.95 -5.96 11.89
C2A PLP F . -22.25 -5.21 12.01
C3 PLP F . -19.62 -5.47 12.41
O3 PLP F . -19.41 -4.28 13.09
C4 PLP F . -18.43 -6.31 12.20
C4A PLP F . -17.12 -5.85 12.72
O4A PLP F . -17.09 -4.74 13.28
C5 PLP F . -18.57 -7.61 11.51
C6 PLP F . -19.87 -7.96 11.07
C5A PLP F . -17.38 -8.51 11.28
O4P PLP F . -16.79 -9.07 12.48
P PLP F . -15.19 -9.45 12.59
O1P PLP F . -15.17 -10.11 13.90
O2P PLP F . -14.91 -10.27 11.36
O3P PLP F . -14.51 -8.10 12.55
N1 PLP G . -0.35 20.05 -16.04
C2 PLP G . -0.55 21.34 -16.24
C2A PLP G . -1.91 21.92 -16.05
C3 PLP G . 0.59 22.25 -16.60
O3 PLP G . 0.34 23.58 -16.79
C4 PLP G . 1.94 21.65 -16.73
C4A PLP G . 3.15 22.38 -17.11
O4A PLP G . 3.08 23.55 -17.28
C5 PLP G . 2.03 20.19 -16.50
C6 PLP G . 0.85 19.47 -16.15
C5A PLP G . 3.36 19.49 -16.67
O4P PLP G . 4.23 20.03 -15.73
P PLP G . 5.85 19.80 -15.69
O1P PLP G . 6.15 18.37 -15.98
O2P PLP G . 6.11 20.05 -14.21
O3P PLP G . 6.32 20.83 -16.70
C1 PGE H . -13.92 48.88 -16.53
O1 PGE H . -14.65 49.14 -15.30
C2 PGE H . -14.78 49.21 -17.73
O2 PGE H . -14.01 49.74 -18.81
C3 PGE H . -14.63 50.71 -19.67
C4 PGE H . -13.61 51.71 -20.21
O4 PGE H . -12.20 55.67 -17.73
C6 PGE H . -12.89 54.45 -18.06
C5 PGE H . -12.76 53.96 -19.51
O3 PGE H . -13.86 53.07 -19.79
N1 PLP I . 18.90 5.74 -14.95
C2 PLP I . 19.59 5.25 -13.89
C2A PLP I . 20.82 4.40 -14.10
C3 PLP I . 19.16 5.58 -12.51
O3 PLP I . 19.81 5.10 -11.45
C4 PLP I . 17.99 6.42 -12.32
C4A PLP I . 17.46 6.70 -10.97
O4A PLP I . 17.86 6.01 -10.06
C5 PLP I . 17.31 6.88 -13.58
C6 PLP I . 17.81 6.52 -14.82
C5A PLP I . 16.10 7.74 -13.45
O4P PLP I . 16.41 8.88 -12.64
P PLP I . 15.27 9.76 -11.86
O1P PLP I . 15.05 9.01 -10.57
O2P PLP I . 14.03 9.85 -12.75
O3P PLP I . 16.04 11.10 -11.77
C1 PEG J . 32.28 10.84 11.98
O1 PEG J . 33.73 10.90 11.88
C2 PEG J . 31.99 9.89 13.11
O2 PEG J . 30.61 9.82 13.47
C3 PEG J . 30.39 8.72 14.37
C4 PEG J . 29.03 8.04 14.23
O4 PEG J . 29.14 6.59 14.46
C1 PEG K . 25.31 3.71 -42.41
O1 PEG K . 26.20 4.64 -41.83
C2 PEG K . 24.58 2.95 -41.31
O2 PEG K . 23.20 2.82 -41.70
C3 PEG K . 22.40 3.98 -41.41
C4 PEG K . 20.92 3.73 -41.74
O4 PEG K . 20.84 2.69 -42.72
C1 PEG L . 17.17 -4.19 -8.72
O1 PEG L . 17.44 -5.15 -7.66
C2 PEG L . 16.90 -4.84 -10.10
O2 PEG L . 16.73 -3.85 -11.15
C3 PEG L . 15.84 -2.78 -10.76
C4 PEG L . 14.97 -2.24 -11.87
O4 PEG L . 13.57 -2.15 -11.46
#